data_1RTA
# 
_entry.id   1RTA 
# 
_audit_conform.dict_name       mmcif_pdbx.dic 
_audit_conform.dict_version    5.398 
_audit_conform.dict_location   http://mmcif.pdb.org/dictionaries/ascii/mmcif_pdbx.dic 
# 
loop_
_database_2.database_id 
_database_2.database_code 
_database_2.pdbx_database_accession 
_database_2.pdbx_DOI 
PDB   1RTA         pdb_00001rta 10.2210/pdb1rta/pdb 
RCSB  PDE0116      ?            ?                   
WWPDB D_1000176213 ?            ?                   
# 
loop_
_pdbx_audit_revision_history.ordinal 
_pdbx_audit_revision_history.data_content_type 
_pdbx_audit_revision_history.major_revision 
_pdbx_audit_revision_history.minor_revision 
_pdbx_audit_revision_history.revision_date 
1 'Structure model' 1 0 1993-10-31 
2 'Structure model' 1 1 2008-05-22 
3 'Structure model' 1 2 2011-07-13 
4 'Structure model' 1 3 2024-11-13 
# 
_pdbx_audit_revision_details.ordinal             1 
_pdbx_audit_revision_details.revision_ordinal    1 
_pdbx_audit_revision_details.data_content_type   'Structure model' 
_pdbx_audit_revision_details.provider            repository 
_pdbx_audit_revision_details.type                'Initial release' 
_pdbx_audit_revision_details.description         ? 
_pdbx_audit_revision_details.details             ? 
# 
loop_
_pdbx_audit_revision_group.ordinal 
_pdbx_audit_revision_group.revision_ordinal 
_pdbx_audit_revision_group.data_content_type 
_pdbx_audit_revision_group.group 
1 2 'Structure model' 'Version format compliance' 
2 3 'Structure model' 'Version format compliance' 
3 4 'Structure model' 'Data collection'           
4 4 'Structure model' 'Database references'       
5 4 'Structure model' 'Structure summary'         
# 
loop_
_pdbx_audit_revision_category.ordinal 
_pdbx_audit_revision_category.revision_ordinal 
_pdbx_audit_revision_category.data_content_type 
_pdbx_audit_revision_category.category 
1 4 'Structure model' chem_comp_atom            
2 4 'Structure model' chem_comp_bond            
3 4 'Structure model' database_2                
4 4 'Structure model' pdbx_entry_details        
5 4 'Structure model' pdbx_modification_feature 
# 
loop_
_pdbx_audit_revision_item.ordinal 
_pdbx_audit_revision_item.revision_ordinal 
_pdbx_audit_revision_item.data_content_type 
_pdbx_audit_revision_item.item 
1 4 'Structure model' '_database_2.pdbx_DOI'                
2 4 'Structure model' '_database_2.pdbx_database_accession' 
# 
_pdbx_database_status.status_code                     REL 
_pdbx_database_status.entry_id                        1RTA 
_pdbx_database_status.recvd_initial_deposition_date   1992-08-28 
_pdbx_database_status.deposit_site                    ? 
_pdbx_database_status.process_site                    NDB 
_pdbx_database_status.status_code_sf                  REL 
_pdbx_database_status.status_code_mr                  ? 
_pdbx_database_status.SG_entry                        ? 
_pdbx_database_status.pdb_format_compatible           Y 
_pdbx_database_status.status_code_cs                  ? 
_pdbx_database_status.status_code_nmr_data            ? 
_pdbx_database_status.methods_development_category    ? 
# 
loop_
_audit_author.name 
_audit_author.pdbx_ordinal 
'Birdsall, D.L.' 1 
'McPherson, A.'  2 
# 
loop_
_citation.id 
_citation.title 
_citation.journal_abbrev 
_citation.journal_volume 
_citation.page_first 
_citation.page_last 
_citation.year 
_citation.journal_id_ASTM 
_citation.country 
_citation.journal_id_ISSN 
_citation.journal_id_CSD 
_citation.book_publisher 
_citation.pdbx_database_id_PubMed 
_citation.pdbx_database_id_DOI 
primary 'Crystal structure disposition of thymidylic acid tetramer in complex with ribonuclease A.' J.Biol.Chem.               267 
22230 22236 1992 JBCHA3 US 0021-9258 0071 ? 1429575 ? 
1       'Comparison of Two Independently Refined Models of Ribonuclease A' 'Acta Crystallogr.,Sect.B' 42  379   ?     1986 ASBSDK 
DK 0108-7681 0622 ? ?       ? 
2       
;Nuclear Magnetic Resonance and Neutron Diffraction Studies of the Complex of Ribonuclease A with Uridine Vanadate, a Transition-State Analogue
;
Biochemistry               24  2058  ?     1985 BICHAW US 0006-2960 0033 ? ?       ? 
3       'Active Site of RNase: Neutron Diffraction Study of a Complex with Uridine Vanadate, a Transition-State Analog' 
Proc.Natl.Acad.Sci.USA     80  3628  ?     1983 PNASA6 US 0027-8424 0040 ? ?       ? 
4       'Structure of Ribonuclease A: Results of Joint Neutron and X-Ray Refinement at 2.0 Angstroms Resolution' Biochemistry 22  
2720  ?     1983 BICHAW US 0006-2960 0033 ? ?       ? 
5       'The Refined Crystal Structure of Ribonuclease A at 2.0 Angstroms Resolution' J.Biol.Chem.               257 1325  ?     
1982 JBCHA3 US 0021-9258 0071 ? ?       ? 
6       'Hydrogen Exchange in RNase A: Neutron Diffraction Study' Proc.Natl.Acad.Sci.USA     79  1418  ?     1982 PNASA6 US 
0027-8424 0040 ? ?       ? 
7       'Structure of Ribonuclease A: X-Ray and Neutron Refinement' 'Acta Crystallogr.,Sect.A' 37  13    ?     1981 ACACEQ DK 
0108-7673 0621 ? ?       ? 
8       'Joint Refinement of Macromolecular Structures with X-Ray and Neutron Single- Crystal Diffraction Data' 
'Acta Crystallogr.,Sect.A' 37  8     ?     1981 ACACEQ DK 0108-7673 0621 ? ?       ? 
9       'Orientation of Histidine Residues in RNase A: Neutron Diffraction Study' Proc.Natl.Acad.Sci.USA     78  2853  ?     1981 
PNASA6 US 0027-8424 0040 ? ?       ? 
10      'Studies of Ribonuclease A by X-Ray and Neutron Diffraction' 'Acta Crystallogr.,Sect.B' 36  1826  ?     1980 ASBSDK DK 
0108-7681 0622 ? ?       ? 
# 
loop_
_citation_author.citation_id 
_citation_author.name 
_citation_author.ordinal 
_citation_author.identifier_ORCID 
primary 'Birdsall, D.L.'    1  ? 
primary 'McPherson, A.'     2  ? 
1       'Wlodawer, A.'      3  ? 
1       'Borkakoti, N.'     4  ? 
1       'Moss, D.S.'        5  ? 
1       'Howlin, B.'        6  ? 
2       'Borah, B.'         7  ? 
2       'Chen, C.-W.'       8  ? 
2       'Egan, W.'          9  ? 
2       'Miller, M.'        10 ? 
2       'Wlodawer, A.'      11 ? 
2       'Cohen, J.S.'       12 ? 
3       'Wlodawer, A.'      13 ? 
3       'Miller, M.'        14 ? 
3       'Sjolin, L.'        15 ? 
4       'Wlodawer, A.'      16 ? 
4       'Sjolin, L.'        17 ? 
5       'Wlodawer, A.'      18 ? 
5       'Bott, R.'          19 ? 
5       'Sjolin, L.'        20 ? 
6       'Wlodawer, A.'      21 ? 
6       'Sjolin, L.'        22 ? 
7       'Wlodawer, A.'      23 ? 
7       'Bott, R.'          24 ? 
7       'Sjolin, L.'        25 ? 
8       'Wlodawer, A.'      26 ? 
8       'Hendrickson, W.A.' 27 ? 
9       'Wlodawer, A.'      28 ? 
9       'Sjolin, L.'        29 ? 
10      'Wlodawer, A.'      30 ? 
# 
loop_
_entity.id 
_entity.type 
_entity.src_method 
_entity.pdbx_description 
_entity.formula_weight 
_entity.pdbx_number_of_molecules 
_entity.pdbx_ec 
_entity.pdbx_mutation 
_entity.pdbx_fragment 
_entity.details 
1 polymer syn 
;DNA (5'-D(*TP*TP*TP*T)-3')
;
1171.814  1 ?        ? ? ? 
2 polymer nat 'PROTEIN (RIBONUCLEASE A (E.C.3.1.27.5))' 13708.326 1 3.1.27.5 ? ? ? 
# 
loop_
_entity_poly.entity_id 
_entity_poly.type 
_entity_poly.nstd_linkage 
_entity_poly.nstd_monomer 
_entity_poly.pdbx_seq_one_letter_code 
_entity_poly.pdbx_seq_one_letter_code_can 
_entity_poly.pdbx_strand_id 
_entity_poly.pdbx_target_identifier 
1 polydeoxyribonucleotide no no '(DT)(DT)(DT)(DT)' TTTT C ? 
2 'polypeptide(L)'        no no 
;KETAAAKFERQHMDSSTSAASSSNYCNQMMKSRNLTKDRCKPVNTFVHESLADVQAVCSQKNVACKNGQTNCYQSYSTMS
ITDCRETGSSKYPNCAYKTTQANKHIIVACEGNPYVPVHFDASV
;
;KETAAAKFERQHMDSSTSAASSSNYCNQMMKSRNLTKDRCKPVNTFVHESLADVQAVCSQKNVACKNGQTNCYQSYSTMS
ITDCRETGSSKYPNCAYKTTQANKHIIVACEGNPYVPVHFDASV
;
E ? 
# 
loop_
_entity_poly_seq.entity_id 
_entity_poly_seq.num 
_entity_poly_seq.mon_id 
_entity_poly_seq.hetero 
1 1   DT  n 
1 2   DT  n 
1 3   DT  n 
1 4   DT  n 
2 1   LYS n 
2 2   GLU n 
2 3   THR n 
2 4   ALA n 
2 5   ALA n 
2 6   ALA n 
2 7   LYS n 
2 8   PHE n 
2 9   GLU n 
2 10  ARG n 
2 11  GLN n 
2 12  HIS n 
2 13  MET n 
2 14  ASP n 
2 15  SER n 
2 16  SER n 
2 17  THR n 
2 18  SER n 
2 19  ALA n 
2 20  ALA n 
2 21  SER n 
2 22  SER n 
2 23  SER n 
2 24  ASN n 
2 25  TYR n 
2 26  CYS n 
2 27  ASN n 
2 28  GLN n 
2 29  MET n 
2 30  MET n 
2 31  LYS n 
2 32  SER n 
2 33  ARG n 
2 34  ASN n 
2 35  LEU n 
2 36  THR n 
2 37  LYS n 
2 38  ASP n 
2 39  ARG n 
2 40  CYS n 
2 41  LYS n 
2 42  PRO n 
2 43  VAL n 
2 44  ASN n 
2 45  THR n 
2 46  PHE n 
2 47  VAL n 
2 48  HIS n 
2 49  GLU n 
2 50  SER n 
2 51  LEU n 
2 52  ALA n 
2 53  ASP n 
2 54  VAL n 
2 55  GLN n 
2 56  ALA n 
2 57  VAL n 
2 58  CYS n 
2 59  SER n 
2 60  GLN n 
2 61  LYS n 
2 62  ASN n 
2 63  VAL n 
2 64  ALA n 
2 65  CYS n 
2 66  LYS n 
2 67  ASN n 
2 68  GLY n 
2 69  GLN n 
2 70  THR n 
2 71  ASN n 
2 72  CYS n 
2 73  TYR n 
2 74  GLN n 
2 75  SER n 
2 76  TYR n 
2 77  SER n 
2 78  THR n 
2 79  MET n 
2 80  SER n 
2 81  ILE n 
2 82  THR n 
2 83  ASP n 
2 84  CYS n 
2 85  ARG n 
2 86  GLU n 
2 87  THR n 
2 88  GLY n 
2 89  SER n 
2 90  SER n 
2 91  LYS n 
2 92  TYR n 
2 93  PRO n 
2 94  ASN n 
2 95  CYS n 
2 96  ALA n 
2 97  TYR n 
2 98  LYS n 
2 99  THR n 
2 100 THR n 
2 101 GLN n 
2 102 ALA n 
2 103 ASN n 
2 104 LYS n 
2 105 HIS n 
2 106 ILE n 
2 107 ILE n 
2 108 VAL n 
2 109 ALA n 
2 110 CYS n 
2 111 GLU n 
2 112 GLY n 
2 113 ASN n 
2 114 PRO n 
2 115 TYR n 
2 116 VAL n 
2 117 PRO n 
2 118 VAL n 
2 119 HIS n 
2 120 PHE n 
2 121 ASP n 
2 122 ALA n 
2 123 SER n 
2 124 VAL n 
# 
_entity_src_nat.entity_id                  2 
_entity_src_nat.pdbx_src_id                1 
_entity_src_nat.pdbx_alt_source_flag       sample 
_entity_src_nat.pdbx_beg_seq_num           ? 
_entity_src_nat.pdbx_end_seq_num           ? 
_entity_src_nat.common_name                cattle 
_entity_src_nat.pdbx_organism_scientific   'Bos taurus' 
_entity_src_nat.pdbx_ncbi_taxonomy_id      9913 
_entity_src_nat.genus                      Bos 
_entity_src_nat.species                    ? 
_entity_src_nat.strain                     ? 
_entity_src_nat.tissue                     ? 
_entity_src_nat.tissue_fraction            ? 
_entity_src_nat.pdbx_secretion             MILK 
_entity_src_nat.pdbx_fragment              ? 
_entity_src_nat.pdbx_variant               ? 
_entity_src_nat.pdbx_cell_line             ? 
_entity_src_nat.pdbx_atcc                  ? 
_entity_src_nat.pdbx_cellular_location     ? 
_entity_src_nat.pdbx_organ                 PANCREAS 
_entity_src_nat.pdbx_organelle             ? 
_entity_src_nat.pdbx_cell                  ? 
_entity_src_nat.pdbx_plasmid_name          ? 
_entity_src_nat.pdbx_plasmid_details       ? 
_entity_src_nat.details                    ? 
# 
loop_
_chem_comp.id 
_chem_comp.type 
_chem_comp.mon_nstd_flag 
_chem_comp.name 
_chem_comp.pdbx_synonyms 
_chem_comp.formula 
_chem_comp.formula_weight 
ALA 'L-peptide linking' y ALANINE                      ? 'C3 H7 N O2'      89.093  
ARG 'L-peptide linking' y ARGININE                     ? 'C6 H15 N4 O2 1'  175.209 
ASN 'L-peptide linking' y ASPARAGINE                   ? 'C4 H8 N2 O3'     132.118 
ASP 'L-peptide linking' y 'ASPARTIC ACID'              ? 'C4 H7 N O4'      133.103 
CYS 'L-peptide linking' y CYSTEINE                     ? 'C3 H7 N O2 S'    121.158 
DT  'DNA linking'       y "THYMIDINE-5'-MONOPHOSPHATE" ? 'C10 H15 N2 O8 P' 322.208 
GLN 'L-peptide linking' y GLUTAMINE                    ? 'C5 H10 N2 O3'    146.144 
GLU 'L-peptide linking' y 'GLUTAMIC ACID'              ? 'C5 H9 N O4'      147.129 
GLY 'peptide linking'   y GLYCINE                      ? 'C2 H5 N O2'      75.067  
HIS 'L-peptide linking' y HISTIDINE                    ? 'C6 H10 N3 O2 1'  156.162 
ILE 'L-peptide linking' y ISOLEUCINE                   ? 'C6 H13 N O2'     131.173 
LEU 'L-peptide linking' y LEUCINE                      ? 'C6 H13 N O2'     131.173 
LYS 'L-peptide linking' y LYSINE                       ? 'C6 H15 N2 O2 1'  147.195 
MET 'L-peptide linking' y METHIONINE                   ? 'C5 H11 N O2 S'   149.211 
PHE 'L-peptide linking' y PHENYLALANINE                ? 'C9 H11 N O2'     165.189 
PRO 'L-peptide linking' y PROLINE                      ? 'C5 H9 N O2'      115.130 
SER 'L-peptide linking' y SERINE                       ? 'C3 H7 N O3'      105.093 
THR 'L-peptide linking' y THREONINE                    ? 'C4 H9 N O3'      119.119 
TYR 'L-peptide linking' y TYROSINE                     ? 'C9 H11 N O3'     181.189 
VAL 'L-peptide linking' y VALINE                       ? 'C5 H11 N O2'     117.146 
# 
loop_
_pdbx_poly_seq_scheme.asym_id 
_pdbx_poly_seq_scheme.entity_id 
_pdbx_poly_seq_scheme.seq_id 
_pdbx_poly_seq_scheme.mon_id 
_pdbx_poly_seq_scheme.ndb_seq_num 
_pdbx_poly_seq_scheme.pdb_seq_num 
_pdbx_poly_seq_scheme.auth_seq_num 
_pdbx_poly_seq_scheme.pdb_mon_id 
_pdbx_poly_seq_scheme.auth_mon_id 
_pdbx_poly_seq_scheme.pdb_strand_id 
_pdbx_poly_seq_scheme.pdb_ins_code 
_pdbx_poly_seq_scheme.hetero 
A 1 1   DT  1   300 300 DT  T   C . n 
A 1 2   DT  2   301 301 DT  T   C . n 
A 1 3   DT  3   302 302 DT  T   C . n 
A 1 4   DT  4   303 303 DT  T   C . n 
B 2 1   LYS 1   1   1   LYS LYS E . n 
B 2 2   GLU 2   2   2   GLU GLU E . n 
B 2 3   THR 3   3   3   THR THR E . n 
B 2 4   ALA 4   4   4   ALA ALA E . n 
B 2 5   ALA 5   5   5   ALA ALA E . n 
B 2 6   ALA 6   6   6   ALA ALA E . n 
B 2 7   LYS 7   7   7   LYS LYS E . n 
B 2 8   PHE 8   8   8   PHE PHE E . n 
B 2 9   GLU 9   9   9   GLU GLU E . n 
B 2 10  ARG 10  10  10  ARG ARG E . n 
B 2 11  GLN 11  11  11  GLN GLN E . n 
B 2 12  HIS 12  12  12  HIS HIS E . n 
B 2 13  MET 13  13  13  MET MET E . n 
B 2 14  ASP 14  14  14  ASP ASP E . n 
B 2 15  SER 15  15  15  SER SER E . n 
B 2 16  SER 16  16  16  SER SER E . n 
B 2 17  THR 17  17  17  THR THR E . n 
B 2 18  SER 18  18  18  SER SER E . n 
B 2 19  ALA 19  19  19  ALA ALA E . n 
B 2 20  ALA 20  20  20  ALA ALA E . n 
B 2 21  SER 21  21  21  SER SER E . n 
B 2 22  SER 22  22  22  SER SER E . n 
B 2 23  SER 23  23  23  SER SER E . n 
B 2 24  ASN 24  24  24  ASN ASN E . n 
B 2 25  TYR 25  25  25  TYR TYR E . n 
B 2 26  CYS 26  26  26  CYS CYS E . n 
B 2 27  ASN 27  27  27  ASN ASN E . n 
B 2 28  GLN 28  28  28  GLN GLN E . n 
B 2 29  MET 29  29  29  MET MET E . n 
B 2 30  MET 30  30  30  MET MET E . n 
B 2 31  LYS 31  31  31  LYS LYS E . n 
B 2 32  SER 32  32  32  SER SER E . n 
B 2 33  ARG 33  33  33  ARG ARG E . n 
B 2 34  ASN 34  34  34  ASN ASN E . n 
B 2 35  LEU 35  35  35  LEU LEU E . n 
B 2 36  THR 36  36  36  THR THR E . n 
B 2 37  LYS 37  37  37  LYS LYS E . n 
B 2 38  ASP 38  38  38  ASP ASP E . n 
B 2 39  ARG 39  39  39  ARG ARG E . n 
B 2 40  CYS 40  40  40  CYS CYS E . n 
B 2 41  LYS 41  41  41  LYS LYS E . n 
B 2 42  PRO 42  42  42  PRO PRO E . n 
B 2 43  VAL 43  43  43  VAL VAL E . n 
B 2 44  ASN 44  44  44  ASN ASN E . n 
B 2 45  THR 45  45  45  THR THR E . n 
B 2 46  PHE 46  46  46  PHE PHE E . n 
B 2 47  VAL 47  47  47  VAL VAL E . n 
B 2 48  HIS 48  48  48  HIS HIS E . n 
B 2 49  GLU 49  49  49  GLU GLU E . n 
B 2 50  SER 50  50  50  SER SER E . n 
B 2 51  LEU 51  51  51  LEU LEU E . n 
B 2 52  ALA 52  52  52  ALA ALA E . n 
B 2 53  ASP 53  53  53  ASP ASP E . n 
B 2 54  VAL 54  54  54  VAL VAL E . n 
B 2 55  GLN 55  55  55  GLN GLN E . n 
B 2 56  ALA 56  56  56  ALA ALA E . n 
B 2 57  VAL 57  57  57  VAL VAL E . n 
B 2 58  CYS 58  58  58  CYS CYS E . n 
B 2 59  SER 59  59  59  SER SER E . n 
B 2 60  GLN 60  60  60  GLN GLN E . n 
B 2 61  LYS 61  61  61  LYS LYS E . n 
B 2 62  ASN 62  62  62  ASN ASN E . n 
B 2 63  VAL 63  63  63  VAL VAL E . n 
B 2 64  ALA 64  64  64  ALA ALA E . n 
B 2 65  CYS 65  65  65  CYS CYS E . n 
B 2 66  LYS 66  66  66  LYS LYS E . n 
B 2 67  ASN 67  67  67  ASN ASN E . n 
B 2 68  GLY 68  68  68  GLY GLY E . n 
B 2 69  GLN 69  69  69  GLN GLN E . n 
B 2 70  THR 70  70  70  THR THR E . n 
B 2 71  ASN 71  71  71  ASN ASN E . n 
B 2 72  CYS 72  72  72  CYS CYS E . n 
B 2 73  TYR 73  73  73  TYR TYR E . n 
B 2 74  GLN 74  74  74  GLN GLN E . n 
B 2 75  SER 75  75  75  SER SER E . n 
B 2 76  TYR 76  76  76  TYR TYR E . n 
B 2 77  SER 77  77  77  SER SER E . n 
B 2 78  THR 78  78  78  THR THR E . n 
B 2 79  MET 79  79  79  MET MET E . n 
B 2 80  SER 80  80  80  SER SER E . n 
B 2 81  ILE 81  81  81  ILE ILE E . n 
B 2 82  THR 82  82  82  THR THR E . n 
B 2 83  ASP 83  83  83  ASP ASP E . n 
B 2 84  CYS 84  84  84  CYS CYS E . n 
B 2 85  ARG 85  85  85  ARG ARG E . n 
B 2 86  GLU 86  86  86  GLU GLU E . n 
B 2 87  THR 87  87  87  THR THR E . n 
B 2 88  GLY 88  88  88  GLY GLY E . n 
B 2 89  SER 89  89  89  SER SER E . n 
B 2 90  SER 90  90  90  SER SER E . n 
B 2 91  LYS 91  91  91  LYS LYS E . n 
B 2 92  TYR 92  92  92  TYR TYR E . n 
B 2 93  PRO 93  93  93  PRO PRO E . n 
B 2 94  ASN 94  94  94  ASN ASN E . n 
B 2 95  CYS 95  95  95  CYS CYS E . n 
B 2 96  ALA 96  96  96  ALA ALA E . n 
B 2 97  TYR 97  97  97  TYR TYR E . n 
B 2 98  LYS 98  98  98  LYS LYS E . n 
B 2 99  THR 99  99  99  THR THR E . n 
B 2 100 THR 100 100 100 THR THR E . n 
B 2 101 GLN 101 101 101 GLN GLN E . n 
B 2 102 ALA 102 102 102 ALA ALA E . n 
B 2 103 ASN 103 103 103 ASN ASN E . n 
B 2 104 LYS 104 104 104 LYS LYS E . n 
B 2 105 HIS 105 105 105 HIS HIS E . n 
B 2 106 ILE 106 106 106 ILE ILE E . n 
B 2 107 ILE 107 107 107 ILE ILE E . n 
B 2 108 VAL 108 108 108 VAL VAL E . n 
B 2 109 ALA 109 109 109 ALA ALA E . n 
B 2 110 CYS 110 110 110 CYS CYS E . n 
B 2 111 GLU 111 111 111 GLU GLU E . n 
B 2 112 GLY 112 112 112 GLY GLY E . n 
B 2 113 ASN 113 113 113 ASN ASN E . n 
B 2 114 PRO 114 114 114 PRO PRO E . n 
B 2 115 TYR 115 115 115 TYR TYR E . n 
B 2 116 VAL 116 116 116 VAL VAL E . n 
B 2 117 PRO 117 117 117 PRO PRO E . n 
B 2 118 VAL 118 118 118 VAL VAL E . n 
B 2 119 HIS 119 119 119 HIS HIS E . n 
B 2 120 PHE 120 120 120 PHE PHE E . n 
B 2 121 ASP 121 121 121 ASP ASP E . n 
B 2 122 ALA 122 122 122 ALA ALA E . n 
B 2 123 SER 123 123 123 SER SER E . n 
B 2 124 VAL 124 124 124 VAL VAL E . n 
# 
loop_
_software.name 
_software.classification 
_software.version 
_software.citation_id 
_software.pdbx_ordinal 
X-PLOR refinement . ? 1 
CORELS refinement . ? 2 
# 
_cell.entry_id           1RTA 
_cell.length_a           44.900 
_cell.length_b           75.000 
_cell.length_c           43.600 
_cell.angle_alpha        90.00 
_cell.angle_beta         90.00 
_cell.angle_gamma        90.00 
_cell.Z_PDB              4 
_cell.pdbx_unique_axis   ? 
# 
_symmetry.entry_id                         1RTA 
_symmetry.space_group_name_H-M             'P 21 21 21' 
_symmetry.pdbx_full_space_group_name_H-M   ? 
_symmetry.cell_setting                     ? 
_symmetry.Int_Tables_number                19 
# 
_exptl.entry_id          1RTA 
_exptl.method            'X-RAY DIFFRACTION' 
_exptl.crystals_number   ? 
# 
_exptl_crystal.id                    1 
_exptl_crystal.density_meas          ? 
_exptl_crystal.density_Matthews      2.47 
_exptl_crystal.density_percent_sol   50.12 
_exptl_crystal.description           ? 
# 
_exptl_crystal_grow.crystal_id      1 
_exptl_crystal_grow.method          ? 
_exptl_crystal_grow.temp            ? 
_exptl_crystal_grow.temp_details    ? 
_exptl_crystal_grow.pH              ? 
_exptl_crystal_grow.pdbx_pH_range   ? 
_exptl_crystal_grow.pdbx_details    
;THE COMPLEX WAS FORMED BY DIFFUSION OF DNA INTO THE NATIVE
CRYSTALS.
;
# 
_diffrn.id                     1 
_diffrn.ambient_temp           ? 
_diffrn.ambient_temp_details   ? 
_diffrn.crystal_id             1 
# 
_diffrn_radiation.diffrn_id                        1 
_diffrn_radiation.wavelength_id                    1 
_diffrn_radiation.pdbx_monochromatic_or_laue_m_l   M 
_diffrn_radiation.monochromator                    ? 
_diffrn_radiation.pdbx_diffrn_protocol             'SINGLE WAVELENGTH' 
_diffrn_radiation.pdbx_scattering_type             x-ray 
# 
_diffrn_radiation_wavelength.id           1 
_diffrn_radiation_wavelength.wavelength   . 
_diffrn_radiation_wavelength.wt           1.0 
# 
_refine.entry_id                                 1RTA 
_refine.ls_number_reflns_obs                     ? 
_refine.ls_number_reflns_all                     ? 
_refine.pdbx_ls_sigma_I                          ? 
_refine.pdbx_ls_sigma_F                          ? 
_refine.pdbx_data_cutoff_high_absF               ? 
_refine.pdbx_data_cutoff_low_absF                ? 
_refine.pdbx_data_cutoff_high_rms_absF           ? 
_refine.ls_d_res_low                             ? 
_refine.ls_d_res_high                            2.500 
_refine.ls_percent_reflns_obs                    ? 
_refine.ls_R_factor_obs                          0.235 
_refine.ls_R_factor_all                          ? 
_refine.ls_R_factor_R_work                       0.235 
_refine.ls_R_factor_R_free                       ? 
_refine.ls_R_factor_R_free_error                 ? 
_refine.ls_R_factor_R_free_error_details         ? 
_refine.ls_percent_reflns_R_free                 ? 
_refine.ls_number_reflns_R_free                  ? 
_refine.ls_number_parameters                     ? 
_refine.ls_number_restraints                     ? 
_refine.occupancy_min                            ? 
_refine.occupancy_max                            ? 
_refine.B_iso_mean                               ? 
_refine.aniso_B[1][1]                            ? 
_refine.aniso_B[2][2]                            ? 
_refine.aniso_B[3][3]                            ? 
_refine.aniso_B[1][2]                            ? 
_refine.aniso_B[1][3]                            ? 
_refine.aniso_B[2][3]                            ? 
_refine.solvent_model_details                    ? 
_refine.solvent_model_param_ksol                 ? 
_refine.solvent_model_param_bsol                 ? 
_refine.pdbx_ls_cross_valid_method               ? 
_refine.details                                  ? 
_refine.pdbx_starting_model                      ? 
_refine.pdbx_method_to_determine_struct          ? 
_refine.pdbx_isotropic_thermal_model             ? 
_refine.pdbx_stereochemistry_target_values       ? 
_refine.pdbx_stereochem_target_val_spec_case     ? 
_refine.pdbx_R_Free_selection_details            ? 
_refine.pdbx_overall_ESU_R                       ? 
_refine.pdbx_overall_ESU_R_Free                  ? 
_refine.overall_SU_ML                            ? 
_refine.overall_SU_B                             ? 
_refine.ls_redundancy_reflns_obs                 ? 
_refine.correlation_coeff_Fo_to_Fc               ? 
_refine.correlation_coeff_Fo_to_Fc_free          ? 
_refine.overall_SU_R_Cruickshank_DPI             ? 
_refine.overall_SU_R_free                        ? 
_refine.pdbx_refine_id                           'X-RAY DIFFRACTION' 
_refine.pdbx_diffrn_id                           1 
_refine.pdbx_TLS_residual_ADP_flag               ? 
_refine.pdbx_solvent_vdw_probe_radii             ? 
_refine.pdbx_solvent_ion_probe_radii             ? 
_refine.pdbx_solvent_shrinkage_radii             ? 
_refine.pdbx_overall_phase_error                 ? 
_refine.pdbx_overall_SU_R_free_Cruickshank_DPI   ? 
_refine.pdbx_overall_SU_R_Blow_DPI               ? 
_refine.pdbx_overall_SU_R_free_Blow_DPI          ? 
# 
_refine_hist.pdbx_refine_id                   'X-RAY DIFFRACTION' 
_refine_hist.cycle_id                         LAST 
_refine_hist.pdbx_number_atoms_protein        950 
_refine_hist.pdbx_number_atoms_nucleic_acid   81 
_refine_hist.pdbx_number_atoms_ligand         0 
_refine_hist.number_atoms_solvent             0 
_refine_hist.number_atoms_total               1031 
_refine_hist.d_res_high                       2.500 
_refine_hist.d_res_low                        . 
# 
loop_
_refine_ls_restr.type 
_refine_ls_restr.dev_ideal 
_refine_ls_restr.dev_ideal_target 
_refine_ls_restr.weight 
_refine_ls_restr.number 
_refine_ls_restr.pdbx_refine_id 
_refine_ls_restr.pdbx_restraint_function 
x_bond_d                0.043 ? ? ? 'X-RAY DIFFRACTION' ? 
x_bond_d_na             ?     ? ? ? 'X-RAY DIFFRACTION' ? 
x_bond_d_prot           ?     ? ? ? 'X-RAY DIFFRACTION' ? 
x_angle_d               ?     ? ? ? 'X-RAY DIFFRACTION' ? 
x_angle_d_na            ?     ? ? ? 'X-RAY DIFFRACTION' ? 
x_angle_d_prot          ?     ? ? ? 'X-RAY DIFFRACTION' ? 
x_angle_deg             5.40  ? ? ? 'X-RAY DIFFRACTION' ? 
x_angle_deg_na          ?     ? ? ? 'X-RAY DIFFRACTION' ? 
x_angle_deg_prot        ?     ? ? ? 'X-RAY DIFFRACTION' ? 
x_dihedral_angle_d      ?     ? ? ? 'X-RAY DIFFRACTION' ? 
x_dihedral_angle_d_na   ?     ? ? ? 'X-RAY DIFFRACTION' ? 
x_dihedral_angle_d_prot ?     ? ? ? 'X-RAY DIFFRACTION' ? 
x_improper_angle_d      ?     ? ? ? 'X-RAY DIFFRACTION' ? 
x_improper_angle_d_na   ?     ? ? ? 'X-RAY DIFFRACTION' ? 
x_improper_angle_d_prot ?     ? ? ? 'X-RAY DIFFRACTION' ? 
x_mcbond_it             ?     ? ? ? 'X-RAY DIFFRACTION' ? 
x_mcangle_it            ?     ? ? ? 'X-RAY DIFFRACTION' ? 
x_scbond_it             ?     ? ? ? 'X-RAY DIFFRACTION' ? 
x_scangle_it            ?     ? ? ? 'X-RAY DIFFRACTION' ? 
# 
_struct.entry_id                  1RTA 
_struct.title                     'CRYSTAL STRUCTURE DISPOSITION OF THYMIDYLIC ACID TETRAMER IN COMPLEX WITH RIBONUCLEASE A' 
_struct.pdbx_model_details        ? 
_struct.pdbx_CASP_flag            ? 
_struct.pdbx_model_type_details   ? 
# 
_struct_keywords.entry_id        1RTA 
_struct_keywords.pdbx_keywords   HYDROLASE/DNA 
_struct_keywords.text            'PROTEIN-DNA COMPLEX, HYDROLASE-DNA COMPLEX' 
# 
loop_
_struct_asym.id 
_struct_asym.pdbx_blank_PDB_chainid_flag 
_struct_asym.pdbx_modified 
_struct_asym.entity_id 
_struct_asym.details 
A N N 1 ? 
B N N 2 ? 
# 
loop_
_struct_ref.id 
_struct_ref.db_name 
_struct_ref.db_code 
_struct_ref.entity_id 
_struct_ref.pdbx_db_accession 
_struct_ref.pdbx_align_begin 
_struct_ref.pdbx_seq_one_letter_code 
_struct_ref.pdbx_db_isoform 
1 UNP RNAS1_BOVIN 2 P61823 ? ? ? 
2 PDB 1RTA        1 1RTA   ? ? ? 
# 
loop_
_struct_ref_seq.align_id 
_struct_ref_seq.ref_id 
_struct_ref_seq.pdbx_PDB_id_code 
_struct_ref_seq.pdbx_strand_id 
_struct_ref_seq.seq_align_beg 
_struct_ref_seq.pdbx_seq_align_beg_ins_code 
_struct_ref_seq.seq_align_end 
_struct_ref_seq.pdbx_seq_align_end_ins_code 
_struct_ref_seq.pdbx_db_accession 
_struct_ref_seq.db_align_beg 
_struct_ref_seq.pdbx_db_align_beg_ins_code 
_struct_ref_seq.db_align_end 
_struct_ref_seq.pdbx_db_align_end_ins_code 
_struct_ref_seq.pdbx_auth_seq_align_beg 
_struct_ref_seq.pdbx_auth_seq_align_end 
1 1 1RTA E 1 ? 124 ? P61823 27  ? 150 ? 1   124 
2 2 1RTA C 1 ? 4   ? 1RTA   300 ? 303 ? 300 303 
# 
_pdbx_struct_assembly.id                   1 
_pdbx_struct_assembly.details              author_defined_assembly 
_pdbx_struct_assembly.method_details       ? 
_pdbx_struct_assembly.oligomeric_details   dimeric 
_pdbx_struct_assembly.oligomeric_count     2 
# 
_pdbx_struct_assembly_gen.assembly_id       1 
_pdbx_struct_assembly_gen.oper_expression   1 
_pdbx_struct_assembly_gen.asym_id_list      A,B 
# 
_pdbx_struct_oper_list.id                   1 
_pdbx_struct_oper_list.type                 'identity operation' 
_pdbx_struct_oper_list.name                 1_555 
_pdbx_struct_oper_list.symmetry_operation   x,y,z 
_pdbx_struct_oper_list.matrix[1][1]         1.0000000000 
_pdbx_struct_oper_list.matrix[1][2]         0.0000000000 
_pdbx_struct_oper_list.matrix[1][3]         0.0000000000 
_pdbx_struct_oper_list.vector[1]            0.0000000000 
_pdbx_struct_oper_list.matrix[2][1]         0.0000000000 
_pdbx_struct_oper_list.matrix[2][2]         1.0000000000 
_pdbx_struct_oper_list.matrix[2][3]         0.0000000000 
_pdbx_struct_oper_list.vector[2]            0.0000000000 
_pdbx_struct_oper_list.matrix[3][1]         0.0000000000 
_pdbx_struct_oper_list.matrix[3][2]         0.0000000000 
_pdbx_struct_oper_list.matrix[3][3]         1.0000000000 
_pdbx_struct_oper_list.vector[3]            0.0000000000 
# 
_struct_biol.id                    1 
_struct_biol.pdbx_parent_biol_id   ? 
_struct_biol.details               ? 
# 
loop_
_struct_conf.conf_type_id 
_struct_conf.id 
_struct_conf.pdbx_PDB_helix_id 
_struct_conf.beg_label_comp_id 
_struct_conf.beg_label_asym_id 
_struct_conf.beg_label_seq_id 
_struct_conf.pdbx_beg_PDB_ins_code 
_struct_conf.end_label_comp_id 
_struct_conf.end_label_asym_id 
_struct_conf.end_label_seq_id 
_struct_conf.pdbx_end_PDB_ins_code 
_struct_conf.beg_auth_comp_id 
_struct_conf.beg_auth_asym_id 
_struct_conf.beg_auth_seq_id 
_struct_conf.end_auth_comp_id 
_struct_conf.end_auth_asym_id 
_struct_conf.end_auth_seq_id 
_struct_conf.pdbx_PDB_helix_class 
_struct_conf.details 
_struct_conf.pdbx_PDB_helix_length 
HELX_P HELX_P1 H1 THR B 3  ? MET B 13 ? THR E 3  MET E 13 1 ?                               11 
HELX_P HELX_P2 H2 ASN B 24 ? ASN B 34 ? ASN E 24 ASN E 34 1 'RESIDUE 34 IN 3/10 CONFIG'     11 
HELX_P HELX_P3 H3 SER B 50 ? GLN B 60 ? SER E 50 GLN E 60 1 'RESIDUES 56-60 IN 3/10 CONFIG' 11 
# 
_struct_conf_type.id          HELX_P 
_struct_conf_type.criteria    ? 
_struct_conf_type.reference   ? 
# 
loop_
_struct_conn.id 
_struct_conn.conn_type_id 
_struct_conn.pdbx_leaving_atom_flag 
_struct_conn.pdbx_PDB_id 
_struct_conn.ptnr1_label_asym_id 
_struct_conn.ptnr1_label_comp_id 
_struct_conn.ptnr1_label_seq_id 
_struct_conn.ptnr1_label_atom_id 
_struct_conn.pdbx_ptnr1_label_alt_id 
_struct_conn.pdbx_ptnr1_PDB_ins_code 
_struct_conn.pdbx_ptnr1_standard_comp_id 
_struct_conn.ptnr1_symmetry 
_struct_conn.ptnr2_label_asym_id 
_struct_conn.ptnr2_label_comp_id 
_struct_conn.ptnr2_label_seq_id 
_struct_conn.ptnr2_label_atom_id 
_struct_conn.pdbx_ptnr2_label_alt_id 
_struct_conn.pdbx_ptnr2_PDB_ins_code 
_struct_conn.ptnr1_auth_asym_id 
_struct_conn.ptnr1_auth_comp_id 
_struct_conn.ptnr1_auth_seq_id 
_struct_conn.ptnr2_auth_asym_id 
_struct_conn.ptnr2_auth_comp_id 
_struct_conn.ptnr2_auth_seq_id 
_struct_conn.ptnr2_symmetry 
_struct_conn.pdbx_ptnr3_label_atom_id 
_struct_conn.pdbx_ptnr3_label_seq_id 
_struct_conn.pdbx_ptnr3_label_comp_id 
_struct_conn.pdbx_ptnr3_label_asym_id 
_struct_conn.pdbx_ptnr3_label_alt_id 
_struct_conn.pdbx_ptnr3_PDB_ins_code 
_struct_conn.details 
_struct_conn.pdbx_dist_value 
_struct_conn.pdbx_value_order 
_struct_conn.pdbx_role 
disulf1 disulf ? ? B CYS 26 SG ? ? ? 1_555 B CYS 84  SG ? ? E CYS 26 E CYS 84  1_555 ? ? ? ? ? ? ? 2.037 ? ? 
disulf2 disulf ? ? B CYS 40 SG ? ? ? 1_555 B CYS 95  SG ? ? E CYS 40 E CYS 95  1_555 ? ? ? ? ? ? ? 2.372 ? ? 
disulf3 disulf ? ? B CYS 58 SG ? ? ? 1_555 B CYS 110 SG ? ? E CYS 58 E CYS 110 1_555 ? ? ? ? ? ? ? 2.034 ? ? 
disulf4 disulf ? ? B CYS 65 SG ? ? ? 1_555 B CYS 72  SG ? ? E CYS 65 E CYS 72  1_555 ? ? ? ? ? ? ? 2.030 ? ? 
# 
_struct_conn_type.id          disulf 
_struct_conn_type.criteria    ? 
_struct_conn_type.reference   ? 
# 
loop_
_pdbx_modification_feature.ordinal 
_pdbx_modification_feature.label_comp_id 
_pdbx_modification_feature.label_asym_id 
_pdbx_modification_feature.label_seq_id 
_pdbx_modification_feature.label_alt_id 
_pdbx_modification_feature.modified_residue_label_comp_id 
_pdbx_modification_feature.modified_residue_label_asym_id 
_pdbx_modification_feature.modified_residue_label_seq_id 
_pdbx_modification_feature.modified_residue_label_alt_id 
_pdbx_modification_feature.auth_comp_id 
_pdbx_modification_feature.auth_asym_id 
_pdbx_modification_feature.auth_seq_id 
_pdbx_modification_feature.PDB_ins_code 
_pdbx_modification_feature.symmetry 
_pdbx_modification_feature.modified_residue_auth_comp_id 
_pdbx_modification_feature.modified_residue_auth_asym_id 
_pdbx_modification_feature.modified_residue_auth_seq_id 
_pdbx_modification_feature.modified_residue_PDB_ins_code 
_pdbx_modification_feature.modified_residue_symmetry 
_pdbx_modification_feature.comp_id_linking_atom 
_pdbx_modification_feature.modified_residue_id_linking_atom 
_pdbx_modification_feature.modified_residue_id 
_pdbx_modification_feature.ref_pcm_id 
_pdbx_modification_feature.ref_comp_id 
_pdbx_modification_feature.type 
_pdbx_modification_feature.category 
1 CYS B 26 ? CYS B 84  ? CYS E 26 ? 1_555 CYS E 84  ? 1_555 SG SG . . . None 'Disulfide bridge' 
2 CYS B 40 ? CYS B 95  ? CYS E 40 ? 1_555 CYS E 95  ? 1_555 SG SG . . . None 'Disulfide bridge' 
3 CYS B 58 ? CYS B 110 ? CYS E 58 ? 1_555 CYS E 110 ? 1_555 SG SG . . . None 'Disulfide bridge' 
4 CYS B 65 ? CYS B 72  ? CYS E 65 ? 1_555 CYS E 72  ? 1_555 SG SG . . . None 'Disulfide bridge' 
# 
loop_
_struct_mon_prot_cis.pdbx_id 
_struct_mon_prot_cis.label_comp_id 
_struct_mon_prot_cis.label_seq_id 
_struct_mon_prot_cis.label_asym_id 
_struct_mon_prot_cis.label_alt_id 
_struct_mon_prot_cis.pdbx_PDB_ins_code 
_struct_mon_prot_cis.auth_comp_id 
_struct_mon_prot_cis.auth_seq_id 
_struct_mon_prot_cis.auth_asym_id 
_struct_mon_prot_cis.pdbx_label_comp_id_2 
_struct_mon_prot_cis.pdbx_label_seq_id_2 
_struct_mon_prot_cis.pdbx_label_asym_id_2 
_struct_mon_prot_cis.pdbx_PDB_ins_code_2 
_struct_mon_prot_cis.pdbx_auth_comp_id_2 
_struct_mon_prot_cis.pdbx_auth_seq_id_2 
_struct_mon_prot_cis.pdbx_auth_asym_id_2 
_struct_mon_prot_cis.pdbx_PDB_model_num 
_struct_mon_prot_cis.pdbx_omega_angle 
1 TYR 92  B . ? TYR 92  E PRO 93  B ? PRO 93  E 1 29.24  
2 ASN 113 B . ? ASN 113 E PRO 114 B ? PRO 114 E 1 -14.76 
# 
loop_
_struct_sheet.id 
_struct_sheet.type 
_struct_sheet.number_strands 
_struct_sheet.details 
S1A ? 3 ? 
S1B ? 3 ? 
S2A ? 4 ? 
S2B ? 4 ? 
# 
loop_
_struct_sheet_order.sheet_id 
_struct_sheet_order.range_id_1 
_struct_sheet_order.range_id_2 
_struct_sheet_order.offset 
_struct_sheet_order.sense 
S1A 1 2 ? anti-parallel 
S1A 2 3 ? anti-parallel 
S1B 1 2 ? anti-parallel 
S1B 2 3 ? anti-parallel 
S2A 1 2 ? anti-parallel 
S2A 2 3 ? anti-parallel 
S2A 3 4 ? anti-parallel 
S2B 1 2 ? anti-parallel 
S2B 2 3 ? anti-parallel 
S2B 3 4 ? anti-parallel 
# 
loop_
_struct_sheet_range.sheet_id 
_struct_sheet_range.id 
_struct_sheet_range.beg_label_comp_id 
_struct_sheet_range.beg_label_asym_id 
_struct_sheet_range.beg_label_seq_id 
_struct_sheet_range.pdbx_beg_PDB_ins_code 
_struct_sheet_range.end_label_comp_id 
_struct_sheet_range.end_label_asym_id 
_struct_sheet_range.end_label_seq_id 
_struct_sheet_range.pdbx_end_PDB_ins_code 
_struct_sheet_range.beg_auth_comp_id 
_struct_sheet_range.beg_auth_asym_id 
_struct_sheet_range.beg_auth_seq_id 
_struct_sheet_range.end_auth_comp_id 
_struct_sheet_range.end_auth_asym_id 
_struct_sheet_range.end_auth_seq_id 
S1A 1 LYS B 41  ? HIS B 48  ? LYS E 41  HIS E 48  
S1A 2 MET B 79  ? THR B 87  ? MET E 79  THR E 87  
S1A 3 ASN B 94  ? LYS B 104 ? ASN E 94  LYS E 104 
S1B 1 LYS B 41  ? HIS B 48  ? LYS E 41  HIS E 48  
S1B 2 SER B 90  ? LYS B 91  ? SER E 90  LYS E 91  
S1B 3 ASN B 94  ? LYS B 104 ? ASN E 94  LYS E 104 
S2A 1 LYS B 61  ? ALA B 64  ? LYS E 61  ALA E 64  
S2A 2 ASN B 71  ? SER B 75  ? ASN E 71  SER E 75  
S2A 3 HIS B 105 ? ASN B 113 ? HIS E 105 ASN E 113 
S2A 4 PRO B 114 ? HIS B 119 ? PRO E 114 HIS E 119 
S2B 1 LYS B 61  ? ALA B 64  ? LYS E 61  ALA E 64  
S2B 2 ASN B 71  ? SER B 75  ? ASN E 71  SER E 75  
S2B 3 HIS B 105 ? ASN B 113 ? HIS E 105 ASN E 113 
S2B 4 ASP B 121 ? VAL B 124 ? ASP E 121 VAL E 124 
# 
loop_
_pdbx_struct_sheet_hbond.sheet_id 
_pdbx_struct_sheet_hbond.range_id_1 
_pdbx_struct_sheet_hbond.range_id_2 
_pdbx_struct_sheet_hbond.range_1_label_atom_id 
_pdbx_struct_sheet_hbond.range_1_label_comp_id 
_pdbx_struct_sheet_hbond.range_1_label_asym_id 
_pdbx_struct_sheet_hbond.range_1_label_seq_id 
_pdbx_struct_sheet_hbond.range_1_PDB_ins_code 
_pdbx_struct_sheet_hbond.range_1_auth_atom_id 
_pdbx_struct_sheet_hbond.range_1_auth_comp_id 
_pdbx_struct_sheet_hbond.range_1_auth_asym_id 
_pdbx_struct_sheet_hbond.range_1_auth_seq_id 
_pdbx_struct_sheet_hbond.range_2_label_atom_id 
_pdbx_struct_sheet_hbond.range_2_label_comp_id 
_pdbx_struct_sheet_hbond.range_2_label_asym_id 
_pdbx_struct_sheet_hbond.range_2_label_seq_id 
_pdbx_struct_sheet_hbond.range_2_PDB_ins_code 
_pdbx_struct_sheet_hbond.range_2_auth_atom_id 
_pdbx_struct_sheet_hbond.range_2_auth_comp_id 
_pdbx_struct_sheet_hbond.range_2_auth_asym_id 
_pdbx_struct_sheet_hbond.range_2_auth_seq_id 
S1A 1 2 O PRO B 42  ? O PRO E 42  N GLU B 86  ? N GLU E 86  
S1A 2 3 N MET B 79  ? N MET E 79  O LYS B 104 ? O LYS E 104 
S1B 2 3 N LYS B 91  ? N LYS E 91  O ASN B 94  ? O ASN E 94  
S2A 1 2 N VAL B 63  ? N VAL E 63  O CYS B 72  ? O CYS E 72  
S2A 2 3 N TYR B 73  ? N TYR E 73  O VAL B 108 ? O VAL E 108 
S2A 3 4 N GLU B 111 ? N GLU E 111 O VAL B 116 ? O VAL E 116 
S2B 1 2 N VAL B 63  ? N VAL E 63  O CYS B 72  ? O CYS E 72  
S2B 2 3 N TYR B 73  ? N TYR E 73  O VAL B 108 ? O VAL E 108 
S2B 3 4 O HIS B 105 ? O HIS E 105 N VAL B 124 ? N VAL E 124 
# 
_struct_site.id                   ACT 
_struct_site.pdbx_evidence_code   Author 
_struct_site.pdbx_auth_asym_id    ? 
_struct_site.pdbx_auth_comp_id    ? 
_struct_site.pdbx_auth_seq_id     ? 
_struct_site.pdbx_auth_ins_code   ? 
_struct_site.pdbx_num_residues    9 
_struct_site.details              'ACTIVE SITE' 
# 
loop_
_struct_site_gen.id 
_struct_site_gen.site_id 
_struct_site_gen.pdbx_num_res 
_struct_site_gen.label_comp_id 
_struct_site_gen.label_asym_id 
_struct_site_gen.label_seq_id 
_struct_site_gen.pdbx_auth_ins_code 
_struct_site_gen.auth_comp_id 
_struct_site_gen.auth_asym_id 
_struct_site_gen.auth_seq_id 
_struct_site_gen.label_atom_id 
_struct_site_gen.label_alt_id 
_struct_site_gen.symmetry 
_struct_site_gen.details 
1 ACT 9 HIS B 12  ? HIS E 12  . ? 1_555 ? 
2 ACT 9 LYS B 41  ? LYS E 41  . ? 1_555 ? 
3 ACT 9 VAL B 43  ? VAL E 43  . ? 1_555 ? 
4 ACT 9 ASN B 44  ? ASN E 44  . ? 1_555 ? 
5 ACT 9 THR B 45  ? THR E 45  . ? 1_555 ? 
6 ACT 9 HIS B 119 ? HIS E 119 . ? 1_555 ? 
7 ACT 9 PHE B 120 ? PHE E 120 . ? 1_555 ? 
8 ACT 9 ASP B 121 ? ASP E 121 . ? 1_555 ? 
9 ACT 9 SER B 123 ? SER E 123 . ? 1_555 ? 
# 
_pdbx_entry_details.entry_id                   1RTA 
_pdbx_entry_details.compound_details           ? 
_pdbx_entry_details.source_details             ? 
_pdbx_entry_details.nonpolymer_details         ? 
_pdbx_entry_details.sequence_details           ? 
_pdbx_entry_details.has_ligand_of_interest     ? 
_pdbx_entry_details.has_protein_modification   Y 
# 
_pdbx_validate_close_contact.id               1 
_pdbx_validate_close_contact.PDB_model_num    1 
_pdbx_validate_close_contact.auth_atom_id_1   C7 
_pdbx_validate_close_contact.auth_asym_id_1   C 
_pdbx_validate_close_contact.auth_comp_id_1   DT 
_pdbx_validate_close_contact.auth_seq_id_1    300 
_pdbx_validate_close_contact.PDB_ins_code_1   ? 
_pdbx_validate_close_contact.label_alt_id_1   ? 
_pdbx_validate_close_contact.auth_atom_id_2   CD 
_pdbx_validate_close_contact.auth_asym_id_2   E 
_pdbx_validate_close_contact.auth_comp_id_2   ARG 
_pdbx_validate_close_contact.auth_seq_id_2    39 
_pdbx_validate_close_contact.PDB_ins_code_2   ? 
_pdbx_validate_close_contact.label_alt_id_2   ? 
_pdbx_validate_close_contact.dist             2.07 
# 
_pdbx_validate_symm_contact.id                1 
_pdbx_validate_symm_contact.PDB_model_num     1 
_pdbx_validate_symm_contact.auth_atom_id_1    O 
_pdbx_validate_symm_contact.auth_asym_id_1    E 
_pdbx_validate_symm_contact.auth_comp_id_1    LYS 
_pdbx_validate_symm_contact.auth_seq_id_1     66 
_pdbx_validate_symm_contact.PDB_ins_code_1    ? 
_pdbx_validate_symm_contact.label_alt_id_1    ? 
_pdbx_validate_symm_contact.site_symmetry_1   1_555 
_pdbx_validate_symm_contact.auth_atom_id_2    NE2 
_pdbx_validate_symm_contact.auth_asym_id_2    E 
_pdbx_validate_symm_contact.auth_comp_id_2    GLN 
_pdbx_validate_symm_contact.auth_seq_id_2     101 
_pdbx_validate_symm_contact.PDB_ins_code_2    ? 
_pdbx_validate_symm_contact.label_alt_id_2    ? 
_pdbx_validate_symm_contact.site_symmetry_2   4_457 
_pdbx_validate_symm_contact.dist              2.17 
# 
loop_
_pdbx_validate_rmsd_bond.id 
_pdbx_validate_rmsd_bond.PDB_model_num 
_pdbx_validate_rmsd_bond.auth_atom_id_1 
_pdbx_validate_rmsd_bond.auth_asym_id_1 
_pdbx_validate_rmsd_bond.auth_comp_id_1 
_pdbx_validate_rmsd_bond.auth_seq_id_1 
_pdbx_validate_rmsd_bond.PDB_ins_code_1 
_pdbx_validate_rmsd_bond.label_alt_id_1 
_pdbx_validate_rmsd_bond.auth_atom_id_2 
_pdbx_validate_rmsd_bond.auth_asym_id_2 
_pdbx_validate_rmsd_bond.auth_comp_id_2 
_pdbx_validate_rmsd_bond.auth_seq_id_2 
_pdbx_validate_rmsd_bond.PDB_ins_code_2 
_pdbx_validate_rmsd_bond.label_alt_id_2 
_pdbx_validate_rmsd_bond.bond_value 
_pdbx_validate_rmsd_bond.bond_target_value 
_pdbx_validate_rmsd_bond.bond_deviation 
_pdbx_validate_rmsd_bond.bond_standard_deviation 
_pdbx_validate_rmsd_bond.linker_flag 
1  1 P     C DT  300 ? ? OP3   C DT  300 ? ? 1.700 1.607 0.093  0.012 N 
2  1 P     C DT  300 ? ? "O5'" C DT  300 ? ? 1.762 1.593 0.169  0.010 N 
3  1 "O4'" C DT  300 ? ? "C1'" C DT  300 ? ? 1.489 1.420 0.069  0.011 N 
4  1 C5    C DT  300 ? ? C7    C DT  300 ? ? 1.553 1.496 0.057  0.006 N 
5  1 P     C DT  301 ? ? "O5'" C DT  301 ? ? 1.770 1.593 0.177  0.010 N 
6  1 "C5'" C DT  301 ? ? "C4'" C DT  301 ? ? 1.568 1.512 0.056  0.007 N 
7  1 "C4'" C DT  301 ? ? "C3'" C DT  301 ? ? 1.601 1.529 0.072  0.010 N 
8  1 "C2'" C DT  301 ? ? "C1'" C DT  301 ? ? 1.625 1.519 0.106  0.010 N 
9  1 C5    C DT  301 ? ? C7    C DT  301 ? ? 1.555 1.496 0.059  0.006 N 
10 1 P     C DT  302 ? ? "O5'" C DT  302 ? ? 1.751 1.593 0.158  0.010 N 
11 1 "C5'" C DT  302 ? ? "C4'" C DT  302 ? ? 1.600 1.512 0.088  0.007 N 
12 1 C5    C DT  302 ? ? C7    C DT  302 ? ? 1.553 1.496 0.057  0.006 N 
13 1 P     C DT  303 ? ? "O5'" C DT  303 ? ? 1.654 1.593 0.061  0.010 N 
14 1 "C5'" C DT  303 ? ? "C4'" C DT  303 ? ? 1.562 1.512 0.050  0.007 N 
15 1 "C1'" C DT  303 ? ? N1    C DT  303 ? ? 1.569 1.488 0.081  0.013 N 
16 1 C5    C DT  303 ? ? C7    C DT  303 ? ? 1.553 1.496 0.057  0.006 N 
17 1 NE2   E HIS 12  ? ? CD2   E HIS 12  ? ? 1.300 1.373 -0.073 0.011 N 
18 1 NE2   E HIS 48  ? ? CD2   E HIS 48  ? ? 1.295 1.373 -0.078 0.011 N 
# 
loop_
_pdbx_validate_rmsd_angle.id 
_pdbx_validate_rmsd_angle.PDB_model_num 
_pdbx_validate_rmsd_angle.auth_atom_id_1 
_pdbx_validate_rmsd_angle.auth_asym_id_1 
_pdbx_validate_rmsd_angle.auth_comp_id_1 
_pdbx_validate_rmsd_angle.auth_seq_id_1 
_pdbx_validate_rmsd_angle.PDB_ins_code_1 
_pdbx_validate_rmsd_angle.label_alt_id_1 
_pdbx_validate_rmsd_angle.auth_atom_id_2 
_pdbx_validate_rmsd_angle.auth_asym_id_2 
_pdbx_validate_rmsd_angle.auth_comp_id_2 
_pdbx_validate_rmsd_angle.auth_seq_id_2 
_pdbx_validate_rmsd_angle.PDB_ins_code_2 
_pdbx_validate_rmsd_angle.label_alt_id_2 
_pdbx_validate_rmsd_angle.auth_atom_id_3 
_pdbx_validate_rmsd_angle.auth_asym_id_3 
_pdbx_validate_rmsd_angle.auth_comp_id_3 
_pdbx_validate_rmsd_angle.auth_seq_id_3 
_pdbx_validate_rmsd_angle.PDB_ins_code_3 
_pdbx_validate_rmsd_angle.label_alt_id_3 
_pdbx_validate_rmsd_angle.angle_value 
_pdbx_validate_rmsd_angle.angle_target_value 
_pdbx_validate_rmsd_angle.angle_deviation 
_pdbx_validate_rmsd_angle.angle_standard_deviation 
_pdbx_validate_rmsd_angle.linker_flag 
1  1 P     C DT  300 ? ? "O5'" C DT  300 ? ? "C5'" C DT  300 ? ? 109.16 120.90 -11.74 1.60 N 
2  1 "C4'" C DT  300 ? ? "C3'" C DT  300 ? ? "C2'" C DT  300 ? ? 96.58  102.20 -5.62  0.70 N 
3  1 "O4'" C DT  300 ? ? "C1'" C DT  300 ? ? "C2'" C DT  300 ? ? 99.33  105.90 -6.57  0.80 N 
4  1 "O4'" C DT  300 ? ? "C1'" C DT  300 ? ? N1    C DT  300 ? ? 112.57 108.30 4.27   0.30 N 
5  1 C6    C DT  300 ? ? C5    C DT  300 ? ? C7    C DT  300 ? ? 118.81 122.90 -4.09  0.60 N 
6  1 P     C DT  301 ? ? "O5'" C DT  301 ? ? "C5'" C DT  301 ? ? 109.06 120.90 -11.84 1.60 N 
7  1 "O4'" C DT  301 ? ? "C1'" C DT  301 ? ? N1    C DT  301 ? ? 114.66 108.30 6.36   0.30 N 
8  1 C6    C DT  301 ? ? C5    C DT  301 ? ? C7    C DT  301 ? ? 118.76 122.90 -4.14  0.60 N 
9  1 P     C DT  302 ? ? "O5'" C DT  302 ? ? "C5'" C DT  302 ? ? 110.57 120.90 -10.33 1.60 N 
10 1 "C5'" C DT  302 ? ? "C4'" C DT  302 ? ? "C3'" C DT  302 ? ? 99.41  114.10 -14.69 1.80 N 
11 1 "O4'" C DT  302 ? ? "C1'" C DT  302 ? ? N1    C DT  302 ? ? 122.83 108.30 14.53  0.30 N 
12 1 C6    C DT  302 ? ? C5    C DT  302 ? ? C7    C DT  302 ? ? 118.65 122.90 -4.25  0.60 N 
13 1 C2    C DT  302 ? ? N1    C DT  302 ? ? "C1'" C DT  302 ? ? 104.89 118.20 -13.31 1.60 N 
14 1 "O4'" C DT  303 ? ? "C1'" C DT  303 ? ? N1    C DT  303 ? ? 119.46 108.30 11.16  0.30 N 
15 1 C6    C DT  303 ? ? C5    C DT  303 ? ? C7    C DT  303 ? ? 118.79 122.90 -4.11  0.60 N 
16 1 NE    E ARG 10  ? ? CZ    E ARG 10  ? ? NH1   E ARG 10  ? ? 125.94 120.30 5.64   0.50 N 
17 1 CA    E GLN 11  ? ? CB    E GLN 11  ? ? CG    E GLN 11  ? ? 128.66 113.40 15.26  2.20 N 
18 1 CB    E ASP 14  ? ? CG    E ASP 14  ? ? OD1   E ASP 14  ? ? 124.40 118.30 6.10   0.90 N 
19 1 CA    E CYS 26  ? ? CB    E CYS 26  ? ? SG    E CYS 26  ? ? 95.09  114.00 -18.91 1.80 N 
20 1 CG    E MET 29  ? ? SD    E MET 29  ? ? CE    E MET 29  ? ? 111.00 100.20 10.80  1.60 N 
21 1 CG    E MET 30  ? ? SD    E MET 30  ? ? CE    E MET 30  ? ? 87.66  100.20 -12.54 1.60 N 
22 1 CA    E ARG 33  ? ? CB    E ARG 33  ? ? CG    E ARG 33  ? ? 98.30  113.40 -15.10 2.20 N 
23 1 NE    E ARG 33  ? ? CZ    E ARG 33  ? ? NH1   E ARG 33  ? ? 125.19 120.30 4.89   0.50 N 
24 1 NE    E ARG 33  ? ? CZ    E ARG 33  ? ? NH2   E ARG 33  ? ? 113.43 120.30 -6.87  0.50 N 
25 1 CG    E ARG 39  ? ? CD    E ARG 39  ? ? NE    E ARG 39  ? ? 125.03 111.80 13.23  2.10 N 
26 1 NE    E ARG 39  ? ? CZ    E ARG 39  ? ? NH1   E ARG 39  ? ? 123.81 120.30 3.51   0.50 N 
27 1 CA    E CYS 40  ? ? CB    E CYS 40  ? ? SG    E CYS 40  ? ? 96.46  114.00 -17.54 1.80 N 
28 1 CB    E ASP 53  ? ? CG    E ASP 53  ? ? OD1   E ASP 53  ? ? 124.59 118.30 6.29   0.90 N 
29 1 CA    E LYS 66  ? ? CB    E LYS 66  ? ? CG    E LYS 66  ? ? 127.25 113.40 13.85  2.20 N 
30 1 CA    E GLN 69  ? ? CB    E GLN 69  ? ? CG    E GLN 69  ? ? 127.58 113.40 14.18  2.20 N 
31 1 CA    E THR 70  ? ? CB    E THR 70  ? ? CG2   E THR 70  ? ? 103.96 112.40 -8.44  1.40 N 
32 1 CB    E TYR 73  ? ? CG    E TYR 73  ? ? CD1   E TYR 73  ? ? 117.02 121.00 -3.98  0.60 N 
33 1 CA    E GLN 74  ? ? CB    E GLN 74  ? ? CG    E GLN 74  ? ? 130.37 113.40 16.97  2.20 N 
34 1 N     E SER 89  ? ? CA    E SER 89  ? ? CB    E SER 89  ? ? 120.15 110.50 9.65   1.50 N 
35 1 CB    E TYR 92  ? ? CG    E TYR 92  ? ? CD2   E TYR 92  ? ? 116.36 121.00 -4.64  0.60 N 
# 
loop_
_pdbx_validate_torsion.id 
_pdbx_validate_torsion.PDB_model_num 
_pdbx_validate_torsion.auth_comp_id 
_pdbx_validate_torsion.auth_asym_id 
_pdbx_validate_torsion.auth_seq_id 
_pdbx_validate_torsion.PDB_ins_code 
_pdbx_validate_torsion.label_alt_id 
_pdbx_validate_torsion.phi 
_pdbx_validate_torsion.psi 
1 1 SER E 21 ? ? -106.38 -81.01  
2 1 TYR E 25 ? ? -29.32  -48.73  
3 1 ARG E 39 ? ? -49.47  152.83  
4 1 GLN E 60 ? ? -103.35 -145.91 
5 1 SER E 89 ? ? 145.66  -46.89  
# 
loop_
_pdbx_validate_planes.id 
_pdbx_validate_planes.PDB_model_num 
_pdbx_validate_planes.auth_comp_id 
_pdbx_validate_planes.auth_asym_id 
_pdbx_validate_planes.auth_seq_id 
_pdbx_validate_planes.PDB_ins_code 
_pdbx_validate_planes.label_alt_id 
_pdbx_validate_planes.rmsd 
_pdbx_validate_planes.type 
1 1 DT  C 302 ? ? 0.119 'SIDE CHAIN' 
2 1 TYR E 25  ? ? 0.065 'SIDE CHAIN' 
3 1 ARG E 33  ? ? 0.092 'SIDE CHAIN' 
4 1 TYR E 92  ? ? 0.083 'SIDE CHAIN' 
# 
loop_
_chem_comp_atom.comp_id 
_chem_comp_atom.atom_id 
_chem_comp_atom.type_symbol 
_chem_comp_atom.pdbx_aromatic_flag 
_chem_comp_atom.pdbx_stereo_config 
_chem_comp_atom.pdbx_ordinal 
ALA N      N N N 1   
ALA CA     C N S 2   
ALA C      C N N 3   
ALA O      O N N 4   
ALA CB     C N N 5   
ALA OXT    O N N 6   
ALA H      H N N 7   
ALA H2     H N N 8   
ALA HA     H N N 9   
ALA HB1    H N N 10  
ALA HB2    H N N 11  
ALA HB3    H N N 12  
ALA HXT    H N N 13  
ARG N      N N N 14  
ARG CA     C N S 15  
ARG C      C N N 16  
ARG O      O N N 17  
ARG CB     C N N 18  
ARG CG     C N N 19  
ARG CD     C N N 20  
ARG NE     N N N 21  
ARG CZ     C N N 22  
ARG NH1    N N N 23  
ARG NH2    N N N 24  
ARG OXT    O N N 25  
ARG H      H N N 26  
ARG H2     H N N 27  
ARG HA     H N N 28  
ARG HB2    H N N 29  
ARG HB3    H N N 30  
ARG HG2    H N N 31  
ARG HG3    H N N 32  
ARG HD2    H N N 33  
ARG HD3    H N N 34  
ARG HE     H N N 35  
ARG HH11   H N N 36  
ARG HH12   H N N 37  
ARG HH21   H N N 38  
ARG HH22   H N N 39  
ARG HXT    H N N 40  
ASN N      N N N 41  
ASN CA     C N S 42  
ASN C      C N N 43  
ASN O      O N N 44  
ASN CB     C N N 45  
ASN CG     C N N 46  
ASN OD1    O N N 47  
ASN ND2    N N N 48  
ASN OXT    O N N 49  
ASN H      H N N 50  
ASN H2     H N N 51  
ASN HA     H N N 52  
ASN HB2    H N N 53  
ASN HB3    H N N 54  
ASN HD21   H N N 55  
ASN HD22   H N N 56  
ASN HXT    H N N 57  
ASP N      N N N 58  
ASP CA     C N S 59  
ASP C      C N N 60  
ASP O      O N N 61  
ASP CB     C N N 62  
ASP CG     C N N 63  
ASP OD1    O N N 64  
ASP OD2    O N N 65  
ASP OXT    O N N 66  
ASP H      H N N 67  
ASP H2     H N N 68  
ASP HA     H N N 69  
ASP HB2    H N N 70  
ASP HB3    H N N 71  
ASP HD2    H N N 72  
ASP HXT    H N N 73  
CYS N      N N N 74  
CYS CA     C N R 75  
CYS C      C N N 76  
CYS O      O N N 77  
CYS CB     C N N 78  
CYS SG     S N N 79  
CYS OXT    O N N 80  
CYS H      H N N 81  
CYS H2     H N N 82  
CYS HA     H N N 83  
CYS HB2    H N N 84  
CYS HB3    H N N 85  
CYS HG     H N N 86  
CYS HXT    H N N 87  
DT  OP3    O N N 88  
DT  P      P N N 89  
DT  OP1    O N N 90  
DT  OP2    O N N 91  
DT  "O5'"  O N N 92  
DT  "C5'"  C N N 93  
DT  "C4'"  C N R 94  
DT  "O4'"  O N N 95  
DT  "C3'"  C N S 96  
DT  "O3'"  O N N 97  
DT  "C2'"  C N N 98  
DT  "C1'"  C N R 99  
DT  N1     N N N 100 
DT  C2     C N N 101 
DT  O2     O N N 102 
DT  N3     N N N 103 
DT  C4     C N N 104 
DT  O4     O N N 105 
DT  C5     C N N 106 
DT  C7     C N N 107 
DT  C6     C N N 108 
DT  HOP3   H N N 109 
DT  HOP2   H N N 110 
DT  "H5'"  H N N 111 
DT  "H5''" H N N 112 
DT  "H4'"  H N N 113 
DT  "H3'"  H N N 114 
DT  "HO3'" H N N 115 
DT  "H2'"  H N N 116 
DT  "H2''" H N N 117 
DT  "H1'"  H N N 118 
DT  H3     H N N 119 
DT  H71    H N N 120 
DT  H72    H N N 121 
DT  H73    H N N 122 
DT  H6     H N N 123 
GLN N      N N N 124 
GLN CA     C N S 125 
GLN C      C N N 126 
GLN O      O N N 127 
GLN CB     C N N 128 
GLN CG     C N N 129 
GLN CD     C N N 130 
GLN OE1    O N N 131 
GLN NE2    N N N 132 
GLN OXT    O N N 133 
GLN H      H N N 134 
GLN H2     H N N 135 
GLN HA     H N N 136 
GLN HB2    H N N 137 
GLN HB3    H N N 138 
GLN HG2    H N N 139 
GLN HG3    H N N 140 
GLN HE21   H N N 141 
GLN HE22   H N N 142 
GLN HXT    H N N 143 
GLU N      N N N 144 
GLU CA     C N S 145 
GLU C      C N N 146 
GLU O      O N N 147 
GLU CB     C N N 148 
GLU CG     C N N 149 
GLU CD     C N N 150 
GLU OE1    O N N 151 
GLU OE2    O N N 152 
GLU OXT    O N N 153 
GLU H      H N N 154 
GLU H2     H N N 155 
GLU HA     H N N 156 
GLU HB2    H N N 157 
GLU HB3    H N N 158 
GLU HG2    H N N 159 
GLU HG3    H N N 160 
GLU HE2    H N N 161 
GLU HXT    H N N 162 
GLY N      N N N 163 
GLY CA     C N N 164 
GLY C      C N N 165 
GLY O      O N N 166 
GLY OXT    O N N 167 
GLY H      H N N 168 
GLY H2     H N N 169 
GLY HA2    H N N 170 
GLY HA3    H N N 171 
GLY HXT    H N N 172 
HIS N      N N N 173 
HIS CA     C N S 174 
HIS C      C N N 175 
HIS O      O N N 176 
HIS CB     C N N 177 
HIS CG     C Y N 178 
HIS ND1    N Y N 179 
HIS CD2    C Y N 180 
HIS CE1    C Y N 181 
HIS NE2    N Y N 182 
HIS OXT    O N N 183 
HIS H      H N N 184 
HIS H2     H N N 185 
HIS HA     H N N 186 
HIS HB2    H N N 187 
HIS HB3    H N N 188 
HIS HD1    H N N 189 
HIS HD2    H N N 190 
HIS HE1    H N N 191 
HIS HE2    H N N 192 
HIS HXT    H N N 193 
ILE N      N N N 194 
ILE CA     C N S 195 
ILE C      C N N 196 
ILE O      O N N 197 
ILE CB     C N S 198 
ILE CG1    C N N 199 
ILE CG2    C N N 200 
ILE CD1    C N N 201 
ILE OXT    O N N 202 
ILE H      H N N 203 
ILE H2     H N N 204 
ILE HA     H N N 205 
ILE HB     H N N 206 
ILE HG12   H N N 207 
ILE HG13   H N N 208 
ILE HG21   H N N 209 
ILE HG22   H N N 210 
ILE HG23   H N N 211 
ILE HD11   H N N 212 
ILE HD12   H N N 213 
ILE HD13   H N N 214 
ILE HXT    H N N 215 
LEU N      N N N 216 
LEU CA     C N S 217 
LEU C      C N N 218 
LEU O      O N N 219 
LEU CB     C N N 220 
LEU CG     C N N 221 
LEU CD1    C N N 222 
LEU CD2    C N N 223 
LEU OXT    O N N 224 
LEU H      H N N 225 
LEU H2     H N N 226 
LEU HA     H N N 227 
LEU HB2    H N N 228 
LEU HB3    H N N 229 
LEU HG     H N N 230 
LEU HD11   H N N 231 
LEU HD12   H N N 232 
LEU HD13   H N N 233 
LEU HD21   H N N 234 
LEU HD22   H N N 235 
LEU HD23   H N N 236 
LEU HXT    H N N 237 
LYS N      N N N 238 
LYS CA     C N S 239 
LYS C      C N N 240 
LYS O      O N N 241 
LYS CB     C N N 242 
LYS CG     C N N 243 
LYS CD     C N N 244 
LYS CE     C N N 245 
LYS NZ     N N N 246 
LYS OXT    O N N 247 
LYS H      H N N 248 
LYS H2     H N N 249 
LYS HA     H N N 250 
LYS HB2    H N N 251 
LYS HB3    H N N 252 
LYS HG2    H N N 253 
LYS HG3    H N N 254 
LYS HD2    H N N 255 
LYS HD3    H N N 256 
LYS HE2    H N N 257 
LYS HE3    H N N 258 
LYS HZ1    H N N 259 
LYS HZ2    H N N 260 
LYS HZ3    H N N 261 
LYS HXT    H N N 262 
MET N      N N N 263 
MET CA     C N S 264 
MET C      C N N 265 
MET O      O N N 266 
MET CB     C N N 267 
MET CG     C N N 268 
MET SD     S N N 269 
MET CE     C N N 270 
MET OXT    O N N 271 
MET H      H N N 272 
MET H2     H N N 273 
MET HA     H N N 274 
MET HB2    H N N 275 
MET HB3    H N N 276 
MET HG2    H N N 277 
MET HG3    H N N 278 
MET HE1    H N N 279 
MET HE2    H N N 280 
MET HE3    H N N 281 
MET HXT    H N N 282 
PHE N      N N N 283 
PHE CA     C N S 284 
PHE C      C N N 285 
PHE O      O N N 286 
PHE CB     C N N 287 
PHE CG     C Y N 288 
PHE CD1    C Y N 289 
PHE CD2    C Y N 290 
PHE CE1    C Y N 291 
PHE CE2    C Y N 292 
PHE CZ     C Y N 293 
PHE OXT    O N N 294 
PHE H      H N N 295 
PHE H2     H N N 296 
PHE HA     H N N 297 
PHE HB2    H N N 298 
PHE HB3    H N N 299 
PHE HD1    H N N 300 
PHE HD2    H N N 301 
PHE HE1    H N N 302 
PHE HE2    H N N 303 
PHE HZ     H N N 304 
PHE HXT    H N N 305 
PRO N      N N N 306 
PRO CA     C N S 307 
PRO C      C N N 308 
PRO O      O N N 309 
PRO CB     C N N 310 
PRO CG     C N N 311 
PRO CD     C N N 312 
PRO OXT    O N N 313 
PRO H      H N N 314 
PRO HA     H N N 315 
PRO HB2    H N N 316 
PRO HB3    H N N 317 
PRO HG2    H N N 318 
PRO HG3    H N N 319 
PRO HD2    H N N 320 
PRO HD3    H N N 321 
PRO HXT    H N N 322 
SER N      N N N 323 
SER CA     C N S 324 
SER C      C N N 325 
SER O      O N N 326 
SER CB     C N N 327 
SER OG     O N N 328 
SER OXT    O N N 329 
SER H      H N N 330 
SER H2     H N N 331 
SER HA     H N N 332 
SER HB2    H N N 333 
SER HB3    H N N 334 
SER HG     H N N 335 
SER HXT    H N N 336 
THR N      N N N 337 
THR CA     C N S 338 
THR C      C N N 339 
THR O      O N N 340 
THR CB     C N R 341 
THR OG1    O N N 342 
THR CG2    C N N 343 
THR OXT    O N N 344 
THR H      H N N 345 
THR H2     H N N 346 
THR HA     H N N 347 
THR HB     H N N 348 
THR HG1    H N N 349 
THR HG21   H N N 350 
THR HG22   H N N 351 
THR HG23   H N N 352 
THR HXT    H N N 353 
TYR N      N N N 354 
TYR CA     C N S 355 
TYR C      C N N 356 
TYR O      O N N 357 
TYR CB     C N N 358 
TYR CG     C Y N 359 
TYR CD1    C Y N 360 
TYR CD2    C Y N 361 
TYR CE1    C Y N 362 
TYR CE2    C Y N 363 
TYR CZ     C Y N 364 
TYR OH     O N N 365 
TYR OXT    O N N 366 
TYR H      H N N 367 
TYR H2     H N N 368 
TYR HA     H N N 369 
TYR HB2    H N N 370 
TYR HB3    H N N 371 
TYR HD1    H N N 372 
TYR HD2    H N N 373 
TYR HE1    H N N 374 
TYR HE2    H N N 375 
TYR HH     H N N 376 
TYR HXT    H N N 377 
VAL N      N N N 378 
VAL CA     C N S 379 
VAL C      C N N 380 
VAL O      O N N 381 
VAL CB     C N N 382 
VAL CG1    C N N 383 
VAL CG2    C N N 384 
VAL OXT    O N N 385 
VAL H      H N N 386 
VAL H2     H N N 387 
VAL HA     H N N 388 
VAL HB     H N N 389 
VAL HG11   H N N 390 
VAL HG12   H N N 391 
VAL HG13   H N N 392 
VAL HG21   H N N 393 
VAL HG22   H N N 394 
VAL HG23   H N N 395 
VAL HXT    H N N 396 
# 
loop_
_chem_comp_bond.comp_id 
_chem_comp_bond.atom_id_1 
_chem_comp_bond.atom_id_2 
_chem_comp_bond.value_order 
_chem_comp_bond.pdbx_aromatic_flag 
_chem_comp_bond.pdbx_stereo_config 
_chem_comp_bond.pdbx_ordinal 
ALA N     CA     sing N N 1   
ALA N     H      sing N N 2   
ALA N     H2     sing N N 3   
ALA CA    C      sing N N 4   
ALA CA    CB     sing N N 5   
ALA CA    HA     sing N N 6   
ALA C     O      doub N N 7   
ALA C     OXT    sing N N 8   
ALA CB    HB1    sing N N 9   
ALA CB    HB2    sing N N 10  
ALA CB    HB3    sing N N 11  
ALA OXT   HXT    sing N N 12  
ARG N     CA     sing N N 13  
ARG N     H      sing N N 14  
ARG N     H2     sing N N 15  
ARG CA    C      sing N N 16  
ARG CA    CB     sing N N 17  
ARG CA    HA     sing N N 18  
ARG C     O      doub N N 19  
ARG C     OXT    sing N N 20  
ARG CB    CG     sing N N 21  
ARG CB    HB2    sing N N 22  
ARG CB    HB3    sing N N 23  
ARG CG    CD     sing N N 24  
ARG CG    HG2    sing N N 25  
ARG CG    HG3    sing N N 26  
ARG CD    NE     sing N N 27  
ARG CD    HD2    sing N N 28  
ARG CD    HD3    sing N N 29  
ARG NE    CZ     sing N N 30  
ARG NE    HE     sing N N 31  
ARG CZ    NH1    sing N N 32  
ARG CZ    NH2    doub N N 33  
ARG NH1   HH11   sing N N 34  
ARG NH1   HH12   sing N N 35  
ARG NH2   HH21   sing N N 36  
ARG NH2   HH22   sing N N 37  
ARG OXT   HXT    sing N N 38  
ASN N     CA     sing N N 39  
ASN N     H      sing N N 40  
ASN N     H2     sing N N 41  
ASN CA    C      sing N N 42  
ASN CA    CB     sing N N 43  
ASN CA    HA     sing N N 44  
ASN C     O      doub N N 45  
ASN C     OXT    sing N N 46  
ASN CB    CG     sing N N 47  
ASN CB    HB2    sing N N 48  
ASN CB    HB3    sing N N 49  
ASN CG    OD1    doub N N 50  
ASN CG    ND2    sing N N 51  
ASN ND2   HD21   sing N N 52  
ASN ND2   HD22   sing N N 53  
ASN OXT   HXT    sing N N 54  
ASP N     CA     sing N N 55  
ASP N     H      sing N N 56  
ASP N     H2     sing N N 57  
ASP CA    C      sing N N 58  
ASP CA    CB     sing N N 59  
ASP CA    HA     sing N N 60  
ASP C     O      doub N N 61  
ASP C     OXT    sing N N 62  
ASP CB    CG     sing N N 63  
ASP CB    HB2    sing N N 64  
ASP CB    HB3    sing N N 65  
ASP CG    OD1    doub N N 66  
ASP CG    OD2    sing N N 67  
ASP OD2   HD2    sing N N 68  
ASP OXT   HXT    sing N N 69  
CYS N     CA     sing N N 70  
CYS N     H      sing N N 71  
CYS N     H2     sing N N 72  
CYS CA    C      sing N N 73  
CYS CA    CB     sing N N 74  
CYS CA    HA     sing N N 75  
CYS C     O      doub N N 76  
CYS C     OXT    sing N N 77  
CYS CB    SG     sing N N 78  
CYS CB    HB2    sing N N 79  
CYS CB    HB3    sing N N 80  
CYS SG    HG     sing N N 81  
CYS OXT   HXT    sing N N 82  
DT  OP3   P      sing N N 83  
DT  OP3   HOP3   sing N N 84  
DT  P     OP1    doub N N 85  
DT  P     OP2    sing N N 86  
DT  P     "O5'"  sing N N 87  
DT  OP2   HOP2   sing N N 88  
DT  "O5'" "C5'"  sing N N 89  
DT  "C5'" "C4'"  sing N N 90  
DT  "C5'" "H5'"  sing N N 91  
DT  "C5'" "H5''" sing N N 92  
DT  "C4'" "O4'"  sing N N 93  
DT  "C4'" "C3'"  sing N N 94  
DT  "C4'" "H4'"  sing N N 95  
DT  "O4'" "C1'"  sing N N 96  
DT  "C3'" "O3'"  sing N N 97  
DT  "C3'" "C2'"  sing N N 98  
DT  "C3'" "H3'"  sing N N 99  
DT  "O3'" "HO3'" sing N N 100 
DT  "C2'" "C1'"  sing N N 101 
DT  "C2'" "H2'"  sing N N 102 
DT  "C2'" "H2''" sing N N 103 
DT  "C1'" N1     sing N N 104 
DT  "C1'" "H1'"  sing N N 105 
DT  N1    C2     sing N N 106 
DT  N1    C6     sing N N 107 
DT  C2    O2     doub N N 108 
DT  C2    N3     sing N N 109 
DT  N3    C4     sing N N 110 
DT  N3    H3     sing N N 111 
DT  C4    O4     doub N N 112 
DT  C4    C5     sing N N 113 
DT  C5    C7     sing N N 114 
DT  C5    C6     doub N N 115 
DT  C7    H71    sing N N 116 
DT  C7    H72    sing N N 117 
DT  C7    H73    sing N N 118 
DT  C6    H6     sing N N 119 
GLN N     CA     sing N N 120 
GLN N     H      sing N N 121 
GLN N     H2     sing N N 122 
GLN CA    C      sing N N 123 
GLN CA    CB     sing N N 124 
GLN CA    HA     sing N N 125 
GLN C     O      doub N N 126 
GLN C     OXT    sing N N 127 
GLN CB    CG     sing N N 128 
GLN CB    HB2    sing N N 129 
GLN CB    HB3    sing N N 130 
GLN CG    CD     sing N N 131 
GLN CG    HG2    sing N N 132 
GLN CG    HG3    sing N N 133 
GLN CD    OE1    doub N N 134 
GLN CD    NE2    sing N N 135 
GLN NE2   HE21   sing N N 136 
GLN NE2   HE22   sing N N 137 
GLN OXT   HXT    sing N N 138 
GLU N     CA     sing N N 139 
GLU N     H      sing N N 140 
GLU N     H2     sing N N 141 
GLU CA    C      sing N N 142 
GLU CA    CB     sing N N 143 
GLU CA    HA     sing N N 144 
GLU C     O      doub N N 145 
GLU C     OXT    sing N N 146 
GLU CB    CG     sing N N 147 
GLU CB    HB2    sing N N 148 
GLU CB    HB3    sing N N 149 
GLU CG    CD     sing N N 150 
GLU CG    HG2    sing N N 151 
GLU CG    HG3    sing N N 152 
GLU CD    OE1    doub N N 153 
GLU CD    OE2    sing N N 154 
GLU OE2   HE2    sing N N 155 
GLU OXT   HXT    sing N N 156 
GLY N     CA     sing N N 157 
GLY N     H      sing N N 158 
GLY N     H2     sing N N 159 
GLY CA    C      sing N N 160 
GLY CA    HA2    sing N N 161 
GLY CA    HA3    sing N N 162 
GLY C     O      doub N N 163 
GLY C     OXT    sing N N 164 
GLY OXT   HXT    sing N N 165 
HIS N     CA     sing N N 166 
HIS N     H      sing N N 167 
HIS N     H2     sing N N 168 
HIS CA    C      sing N N 169 
HIS CA    CB     sing N N 170 
HIS CA    HA     sing N N 171 
HIS C     O      doub N N 172 
HIS C     OXT    sing N N 173 
HIS CB    CG     sing N N 174 
HIS CB    HB2    sing N N 175 
HIS CB    HB3    sing N N 176 
HIS CG    ND1    sing Y N 177 
HIS CG    CD2    doub Y N 178 
HIS ND1   CE1    doub Y N 179 
HIS ND1   HD1    sing N N 180 
HIS CD2   NE2    sing Y N 181 
HIS CD2   HD2    sing N N 182 
HIS CE1   NE2    sing Y N 183 
HIS CE1   HE1    sing N N 184 
HIS NE2   HE2    sing N N 185 
HIS OXT   HXT    sing N N 186 
ILE N     CA     sing N N 187 
ILE N     H      sing N N 188 
ILE N     H2     sing N N 189 
ILE CA    C      sing N N 190 
ILE CA    CB     sing N N 191 
ILE CA    HA     sing N N 192 
ILE C     O      doub N N 193 
ILE C     OXT    sing N N 194 
ILE CB    CG1    sing N N 195 
ILE CB    CG2    sing N N 196 
ILE CB    HB     sing N N 197 
ILE CG1   CD1    sing N N 198 
ILE CG1   HG12   sing N N 199 
ILE CG1   HG13   sing N N 200 
ILE CG2   HG21   sing N N 201 
ILE CG2   HG22   sing N N 202 
ILE CG2   HG23   sing N N 203 
ILE CD1   HD11   sing N N 204 
ILE CD1   HD12   sing N N 205 
ILE CD1   HD13   sing N N 206 
ILE OXT   HXT    sing N N 207 
LEU N     CA     sing N N 208 
LEU N     H      sing N N 209 
LEU N     H2     sing N N 210 
LEU CA    C      sing N N 211 
LEU CA    CB     sing N N 212 
LEU CA    HA     sing N N 213 
LEU C     O      doub N N 214 
LEU C     OXT    sing N N 215 
LEU CB    CG     sing N N 216 
LEU CB    HB2    sing N N 217 
LEU CB    HB3    sing N N 218 
LEU CG    CD1    sing N N 219 
LEU CG    CD2    sing N N 220 
LEU CG    HG     sing N N 221 
LEU CD1   HD11   sing N N 222 
LEU CD1   HD12   sing N N 223 
LEU CD1   HD13   sing N N 224 
LEU CD2   HD21   sing N N 225 
LEU CD2   HD22   sing N N 226 
LEU CD2   HD23   sing N N 227 
LEU OXT   HXT    sing N N 228 
LYS N     CA     sing N N 229 
LYS N     H      sing N N 230 
LYS N     H2     sing N N 231 
LYS CA    C      sing N N 232 
LYS CA    CB     sing N N 233 
LYS CA    HA     sing N N 234 
LYS C     O      doub N N 235 
LYS C     OXT    sing N N 236 
LYS CB    CG     sing N N 237 
LYS CB    HB2    sing N N 238 
LYS CB    HB3    sing N N 239 
LYS CG    CD     sing N N 240 
LYS CG    HG2    sing N N 241 
LYS CG    HG3    sing N N 242 
LYS CD    CE     sing N N 243 
LYS CD    HD2    sing N N 244 
LYS CD    HD3    sing N N 245 
LYS CE    NZ     sing N N 246 
LYS CE    HE2    sing N N 247 
LYS CE    HE3    sing N N 248 
LYS NZ    HZ1    sing N N 249 
LYS NZ    HZ2    sing N N 250 
LYS NZ    HZ3    sing N N 251 
LYS OXT   HXT    sing N N 252 
MET N     CA     sing N N 253 
MET N     H      sing N N 254 
MET N     H2     sing N N 255 
MET CA    C      sing N N 256 
MET CA    CB     sing N N 257 
MET CA    HA     sing N N 258 
MET C     O      doub N N 259 
MET C     OXT    sing N N 260 
MET CB    CG     sing N N 261 
MET CB    HB2    sing N N 262 
MET CB    HB3    sing N N 263 
MET CG    SD     sing N N 264 
MET CG    HG2    sing N N 265 
MET CG    HG3    sing N N 266 
MET SD    CE     sing N N 267 
MET CE    HE1    sing N N 268 
MET CE    HE2    sing N N 269 
MET CE    HE3    sing N N 270 
MET OXT   HXT    sing N N 271 
PHE N     CA     sing N N 272 
PHE N     H      sing N N 273 
PHE N     H2     sing N N 274 
PHE CA    C      sing N N 275 
PHE CA    CB     sing N N 276 
PHE CA    HA     sing N N 277 
PHE C     O      doub N N 278 
PHE C     OXT    sing N N 279 
PHE CB    CG     sing N N 280 
PHE CB    HB2    sing N N 281 
PHE CB    HB3    sing N N 282 
PHE CG    CD1    doub Y N 283 
PHE CG    CD2    sing Y N 284 
PHE CD1   CE1    sing Y N 285 
PHE CD1   HD1    sing N N 286 
PHE CD2   CE2    doub Y N 287 
PHE CD2   HD2    sing N N 288 
PHE CE1   CZ     doub Y N 289 
PHE CE1   HE1    sing N N 290 
PHE CE2   CZ     sing Y N 291 
PHE CE2   HE2    sing N N 292 
PHE CZ    HZ     sing N N 293 
PHE OXT   HXT    sing N N 294 
PRO N     CA     sing N N 295 
PRO N     CD     sing N N 296 
PRO N     H      sing N N 297 
PRO CA    C      sing N N 298 
PRO CA    CB     sing N N 299 
PRO CA    HA     sing N N 300 
PRO C     O      doub N N 301 
PRO C     OXT    sing N N 302 
PRO CB    CG     sing N N 303 
PRO CB    HB2    sing N N 304 
PRO CB    HB3    sing N N 305 
PRO CG    CD     sing N N 306 
PRO CG    HG2    sing N N 307 
PRO CG    HG3    sing N N 308 
PRO CD    HD2    sing N N 309 
PRO CD    HD3    sing N N 310 
PRO OXT   HXT    sing N N 311 
SER N     CA     sing N N 312 
SER N     H      sing N N 313 
SER N     H2     sing N N 314 
SER CA    C      sing N N 315 
SER CA    CB     sing N N 316 
SER CA    HA     sing N N 317 
SER C     O      doub N N 318 
SER C     OXT    sing N N 319 
SER CB    OG     sing N N 320 
SER CB    HB2    sing N N 321 
SER CB    HB3    sing N N 322 
SER OG    HG     sing N N 323 
SER OXT   HXT    sing N N 324 
THR N     CA     sing N N 325 
THR N     H      sing N N 326 
THR N     H2     sing N N 327 
THR CA    C      sing N N 328 
THR CA    CB     sing N N 329 
THR CA    HA     sing N N 330 
THR C     O      doub N N 331 
THR C     OXT    sing N N 332 
THR CB    OG1    sing N N 333 
THR CB    CG2    sing N N 334 
THR CB    HB     sing N N 335 
THR OG1   HG1    sing N N 336 
THR CG2   HG21   sing N N 337 
THR CG2   HG22   sing N N 338 
THR CG2   HG23   sing N N 339 
THR OXT   HXT    sing N N 340 
TYR N     CA     sing N N 341 
TYR N     H      sing N N 342 
TYR N     H2     sing N N 343 
TYR CA    C      sing N N 344 
TYR CA    CB     sing N N 345 
TYR CA    HA     sing N N 346 
TYR C     O      doub N N 347 
TYR C     OXT    sing N N 348 
TYR CB    CG     sing N N 349 
TYR CB    HB2    sing N N 350 
TYR CB    HB3    sing N N 351 
TYR CG    CD1    doub Y N 352 
TYR CG    CD2    sing Y N 353 
TYR CD1   CE1    sing Y N 354 
TYR CD1   HD1    sing N N 355 
TYR CD2   CE2    doub Y N 356 
TYR CD2   HD2    sing N N 357 
TYR CE1   CZ     doub Y N 358 
TYR CE1   HE1    sing N N 359 
TYR CE2   CZ     sing Y N 360 
TYR CE2   HE2    sing N N 361 
TYR CZ    OH     sing N N 362 
TYR OH    HH     sing N N 363 
TYR OXT   HXT    sing N N 364 
VAL N     CA     sing N N 365 
VAL N     H      sing N N 366 
VAL N     H2     sing N N 367 
VAL CA    C      sing N N 368 
VAL CA    CB     sing N N 369 
VAL CA    HA     sing N N 370 
VAL C     O      doub N N 371 
VAL C     OXT    sing N N 372 
VAL CB    CG1    sing N N 373 
VAL CB    CG2    sing N N 374 
VAL CB    HB     sing N N 375 
VAL CG1   HG11   sing N N 376 
VAL CG1   HG12   sing N N 377 
VAL CG1   HG13   sing N N 378 
VAL CG2   HG21   sing N N 379 
VAL CG2   HG22   sing N N 380 
VAL CG2   HG23   sing N N 381 
VAL OXT   HXT    sing N N 382 
# 
_atom_sites.entry_id                    1RTA 
_atom_sites.fract_transf_matrix[1][1]   -0.01109483 
_atom_sites.fract_transf_matrix[1][2]   0.01425697 
_atom_sites.fract_transf_matrix[1][3]   0.01302634 
_atom_sites.fract_transf_matrix[2][1]   0.00309347 
_atom_sites.fract_transf_matrix[2][2]   0.00997756 
_atom_sites.fract_transf_matrix[2][3]   -0.00828539 
_atom_sites.fract_transf_matrix[3][1]   -0.01916239 
_atom_sites.fract_transf_matrix[3][2]   -0.00398767 
_atom_sites.fract_transf_matrix[3][3]   -0.01195664 
_atom_sites.fract_transf_vector[1]      0.688295 
_atom_sites.fract_transf_vector[2]      0.240557 
_atom_sites.fract_transf_vector[3]      0.813518 
# 
_atom_sites_footnote.id     1 
_atom_sites_footnote.text   'RESIDUES 93 AND 114 ARE CIS PROLINES.' 
# 
loop_
_atom_type.symbol 
C 
N 
O 
P 
S 
# 
loop_
_atom_site.group_PDB 
_atom_site.id 
_atom_site.type_symbol 
_atom_site.label_atom_id 
_atom_site.label_alt_id 
_atom_site.label_comp_id 
_atom_site.label_asym_id 
_atom_site.label_entity_id 
_atom_site.label_seq_id 
_atom_site.pdbx_PDB_ins_code 
_atom_site.Cartn_x 
_atom_site.Cartn_y 
_atom_site.Cartn_z 
_atom_site.occupancy 
_atom_site.B_iso_or_equiv 
_atom_site.pdbx_formal_charge 
_atom_site.auth_seq_id 
_atom_site.auth_comp_id 
_atom_site.auth_asym_id 
_atom_site.auth_atom_id 
_atom_site.pdbx_PDB_model_num 
ATOM 1    O OP3   . DT  A 1 1   ? 16.382  -1.398  -4.553  1.00 26.08 ? 300 DT  C OP3   1 
ATOM 2    P P     . DT  A 1 1   ? 15.046  -0.373  -4.314  1.00 26.08 ? 300 DT  C P     1 
ATOM 3    O OP1   . DT  A 1 1   ? 14.746  -0.262  -2.842  1.00 26.08 ? 300 DT  C OP1   1 
ATOM 4    O OP2   . DT  A 1 1   ? 15.459  0.872   -5.018  1.00 26.08 ? 300 DT  C OP2   1 
ATOM 5    O "O5'" . DT  A 1 1   ? 13.572  -0.967  -5.076  1.00 26.08 ? 300 DT  C "O5'" 1 
ATOM 6    C "C5'" . DT  A 1 1   ? 13.887  -1.453  -6.404  1.00 38.93 ? 300 DT  C "C5'" 1 
ATOM 7    C "C4'" . DT  A 1 1   ? 13.711  -2.963  -6.444  1.00 38.93 ? 300 DT  C "C4'" 1 
ATOM 8    O "O4'" . DT  A 1 1   ? 14.689  -3.585  -5.562  1.00 38.93 ? 300 DT  C "O4'" 1 
ATOM 9    C "C3'" . DT  A 1 1   ? 12.368  -3.509  -5.931  1.00 38.93 ? 300 DT  C "C3'" 1 
ATOM 10   O "O3'" . DT  A 1 1   ? 11.190  -3.360  -6.719  1.00 38.93 ? 300 DT  C "O3'" 1 
ATOM 11   C "C2'" . DT  A 1 1   ? 12.839  -4.959  -5.708  1.00 38.93 ? 300 DT  C "C2'" 1 
ATOM 12   C "C1'" . DT  A 1 1   ? 14.101  -4.754  -4.851  1.00 38.93 ? 300 DT  C "C1'" 1 
ATOM 13   N N1    . DT  A 1 1   ? 13.858  -4.473  -3.342  1.00 51.84 ? 300 DT  C N1    1 
ATOM 14   C C2    . DT  A 1 1   ? 13.410  -5.550  -2.587  1.00 51.84 ? 300 DT  C C2    1 
ATOM 15   O O2    . DT  A 1 1   ? 13.182  -6.668  -3.016  1.00 51.84 ? 300 DT  C O2    1 
ATOM 16   N N3    . DT  A 1 1   ? 13.226  -5.258  -1.256  1.00 51.84 ? 300 DT  C N3    1 
ATOM 17   C C4    . DT  A 1 1   ? 13.428  -4.020  -0.650  1.00 51.84 ? 300 DT  C C4    1 
ATOM 18   O O4    . DT  A 1 1   ? 13.244  -3.865  0.550   1.00 51.84 ? 300 DT  C O4    1 
ATOM 19   C C5    . DT  A 1 1   ? 13.866  -2.996  -1.543  1.00 51.84 ? 300 DT  C C5    1 
ATOM 20   C C7    . DT  A 1 1   ? 14.147  -1.565  -1.013  1.00 51.84 ? 300 DT  C C7    1 
ATOM 21   C C6    . DT  A 1 1   ? 14.065  -3.250  -2.815  1.00 51.84 ? 300 DT  C C6    1 
ATOM 22   P P     . DT  A 1 2   ? 11.096  -4.060  -8.138  1.00 27.09 ? 301 DT  C P     1 
ATOM 23   O OP1   . DT  A 1 2   ? 11.655  -5.470  -8.049  1.00 27.09 ? 301 DT  C OP1   1 
ATOM 24   O OP2   . DT  A 1 2   ? 11.569  -3.095  -9.219  1.00 27.09 ? 301 DT  C OP2   1 
ATOM 25   O "O5'" . DT  A 1 2   ? 9.329   -4.162  -8.173  1.00 27.09 ? 301 DT  C "O5'" 1 
ATOM 26   C "C5'" . DT  A 1 2   ? 8.829   -4.175  -6.813  1.00 36.95 ? 301 DT  C "C5'" 1 
ATOM 27   C "C4'" . DT  A 1 2   ? 8.528   -5.667  -6.435  1.00 36.95 ? 301 DT  C "C4'" 1 
ATOM 28   O "O4'" . DT  A 1 2   ? 7.760   -6.236  -7.523  1.00 36.95 ? 301 DT  C "O4'" 1 
ATOM 29   C "C3'" . DT  A 1 2   ? 9.734   -6.684  -6.160  1.00 36.95 ? 301 DT  C "C3'" 1 
ATOM 30   O "O3'" . DT  A 1 2   ? 10.101  -6.916  -4.768  1.00 36.95 ? 301 DT  C "O3'" 1 
ATOM 31   C "C2'" . DT  A 1 2   ? 9.290   -7.955  -6.897  1.00 36.95 ? 301 DT  C "C2'" 1 
ATOM 32   C "C1'" . DT  A 1 2   ? 8.453   -7.352  -8.153  1.00 36.95 ? 301 DT  C "C1'" 1 
ATOM 33   N N1    . DT  A 1 2   ? 9.334   -6.965  -9.357  1.00 47.21 ? 301 DT  C N1    1 
ATOM 34   C C2    . DT  A 1 2   ? 9.050   -5.963  -10.277 1.00 47.21 ? 301 DT  C C2    1 
ATOM 35   O O2    . DT  A 1 2   ? 8.013   -5.322  -10.327 1.00 47.21 ? 301 DT  C O2    1 
ATOM 36   N N3    . DT  A 1 2   ? 10.062  -5.731  -11.176 1.00 47.21 ? 301 DT  C N3    1 
ATOM 37   C C4    . DT  A 1 2   ? 11.280  -6.406  -11.239 1.00 47.21 ? 301 DT  C C4    1 
ATOM 38   O O4    . DT  A 1 2   ? 12.123  -6.115  -12.079 1.00 47.21 ? 301 DT  C O4    1 
ATOM 39   C C5    . DT  A 1 2   ? 11.434  -7.425  -10.253 1.00 47.21 ? 301 DT  C C5    1 
ATOM 40   C C7    . DT  A 1 2   ? 12.744  -8.260  -10.188 1.00 47.21 ? 301 DT  C C7    1 
ATOM 41   C C6    . DT  A 1 2   ? 10.491  -7.660  -9.371  1.00 47.21 ? 301 DT  C C6    1 
ATOM 42   P P     . DT  A 1 3   ? 9.984   -5.717  -3.746  1.00 68.67 ? 302 DT  C P     1 
ATOM 43   O OP1   . DT  A 1 3   ? 9.593   -4.433  -4.485  1.00 68.67 ? 302 DT  C OP1   1 
ATOM 44   O OP2   . DT  A 1 3   ? 11.176  -5.696  -2.814  1.00 68.67 ? 302 DT  C OP2   1 
ATOM 45   O "O5'" . DT  A 1 3   ? 8.630   -6.343  -2.829  1.00 68.67 ? 302 DT  C "O5'" 1 
ATOM 46   C "C5'" . DT  A 1 3   ? 7.381   -5.811  -3.338  1.00 21.93 ? 302 DT  C "C5'" 1 
ATOM 47   C "C4'" . DT  A 1 3   ? 6.715   -4.992  -2.136  1.00 21.93 ? 302 DT  C "C4'" 1 
ATOM 48   O "O4'" . DT  A 1 3   ? 6.259   -3.753  -2.763  1.00 21.93 ? 302 DT  C "O4'" 1 
ATOM 49   C "C3'" . DT  A 1 3   ? 5.422   -5.838  -1.937  1.00 21.93 ? 302 DT  C "C3'" 1 
ATOM 50   O "O3'" . DT  A 1 3   ? 4.822   -6.105  -0.597  1.00 21.93 ? 302 DT  C "O3'" 1 
ATOM 51   C "C2'" . DT  A 1 3   ? 4.488   -5.277  -2.997  1.00 21.93 ? 302 DT  C "C2'" 1 
ATOM 52   C "C1'" . DT  A 1 3   ? 4.811   -3.813  -2.914  1.00 21.93 ? 302 DT  C "C1'" 1 
ATOM 53   N N1    . DT  A 1 3   ? 4.086   -3.129  -4.020  1.00 38.21 ? 302 DT  C N1    1 
ATOM 54   C C2    . DT  A 1 3   ? 2.898   -2.690  -3.449  1.00 38.21 ? 302 DT  C C2    1 
ATOM 55   O O2    . DT  A 1 3   ? 2.699   -2.546  -2.254  1.00 38.21 ? 302 DT  C O2    1 
ATOM 56   N N3    . DT  A 1 3   ? 1.908   -2.419  -4.363  1.00 38.21 ? 302 DT  C N3    1 
ATOM 57   C C4    . DT  A 1 3   ? 2.003   -2.563  -5.746  1.00 38.21 ? 302 DT  C C4    1 
ATOM 58   O O4    . DT  A 1 3   ? 1.063   -2.285  -6.479  1.00 38.21 ? 302 DT  C O4    1 
ATOM 59   C C5    . DT  A 1 3   ? 3.267   -3.043  -6.197  1.00 38.21 ? 302 DT  C C5    1 
ATOM 60   C C7    . DT  A 1 3   ? 3.532   -3.246  -7.714  1.00 38.21 ? 302 DT  C C7    1 
ATOM 61   C C6    . DT  A 1 3   ? 4.236   -3.297  -5.350  1.00 38.21 ? 302 DT  C C6    1 
ATOM 62   P P     . DT  A 1 4   ? 5.263   -5.196  0.632   1.00 13.53 ? 303 DT  C P     1 
ATOM 63   O OP1   . DT  A 1 4   ? 4.023   -4.960  1.488   1.00 13.53 ? 303 DT  C OP1   1 
ATOM 64   O OP2   . DT  A 1 4   ? 6.112   -4.072  0.124   1.00 13.53 ? 303 DT  C OP2   1 
ATOM 65   O "O5'" . DT  A 1 4   ? 6.158   -6.318  1.455   1.00 13.53 ? 303 DT  C "O5'" 1 
ATOM 66   C "C5'" . DT  A 1 4   ? 5.409   -7.302  2.211   1.00 10.85 ? 303 DT  C "C5'" 1 
ATOM 67   C "C4'" . DT  A 1 4   ? 6.342   -8.539  2.406   1.00 10.85 ? 303 DT  C "C4'" 1 
ATOM 68   O "O4'" . DT  A 1 4   ? 5.523   -9.564  3.051   1.00 10.85 ? 303 DT  C "O4'" 1 
ATOM 69   C "C3'" . DT  A 1 4   ? 6.666   -9.078  0.974   1.00 10.85 ? 303 DT  C "C3'" 1 
ATOM 70   O "O3'" . DT  A 1 4   ? 7.550   -8.362  0.056   1.00 10.85 ? 303 DT  C "O3'" 1 
ATOM 71   C "C2'" . DT  A 1 4   ? 6.926   -10.529 1.335   1.00 10.85 ? 303 DT  C "C2'" 1 
ATOM 72   C "C1'" . DT  A 1 4   ? 5.803   -10.832 2.368   1.00 10.85 ? 303 DT  C "C1'" 1 
ATOM 73   N N1    . DT  A 1 4   ? 4.609   -11.731 1.890   1.00 44.22 ? 303 DT  C N1    1 
ATOM 74   C C2    . DT  A 1 4   ? 4.221   -11.869 0.561   1.00 44.22 ? 303 DT  C C2    1 
ATOM 75   O O2    . DT  A 1 4   ? 4.689   -11.248 -0.378  1.00 44.22 ? 303 DT  C O2    1 
ATOM 76   N N3    . DT  A 1 4   ? 3.221   -12.791 0.366   1.00 44.22 ? 303 DT  C N3    1 
ATOM 77   C C4    . DT  A 1 4   ? 2.591   -13.545 1.355   1.00 44.22 ? 303 DT  C C4    1 
ATOM 78   O O4    . DT  A 1 4   ? 1.712   -14.349 1.074   1.00 44.22 ? 303 DT  C O4    1 
ATOM 79   C C5    . DT  A 1 4   ? 3.066   -13.288 2.675   1.00 44.22 ? 303 DT  C C5    1 
ATOM 80   C C7    . DT  A 1 4   ? 2.468   -14.060 3.884   1.00 44.22 ? 303 DT  C C7    1 
ATOM 81   C C6    . DT  A 1 4   ? 4.030   -12.426 2.891   1.00 44.22 ? 303 DT  C C6    1 
ATOM 82   N N     . LYS B 2 1   ? 13.570  -3.893  15.711  1.00 26.51 ? 1   LYS E N     1 
ATOM 83   C CA    . LYS B 2 1   ? 13.226  -4.287  14.325  1.00 26.51 ? 1   LYS E CA    1 
ATOM 84   C C     . LYS B 2 1   ? 11.724  -4.043  14.272  1.00 26.51 ? 1   LYS E C     1 
ATOM 85   O O     . LYS B 2 1   ? 10.976  -4.224  15.260  1.00 26.51 ? 1   LYS E O     1 
ATOM 86   C CB    . LYS B 2 1   ? 13.564  -5.836  14.000  1.00 26.51 ? 1   LYS E CB    1 
ATOM 87   C CG    . LYS B 2 1   ? 14.857  -6.103  13.227  1.00 5.55  ? 1   LYS E CG    1 
ATOM 88   C CD    . LYS B 2 1   ? 15.208  -7.609  12.915  1.00 5.55  ? 1   LYS E CD    1 
ATOM 89   C CE    . LYS B 2 1   ? 14.195  -8.428  12.023  1.00 5.55  ? 1   LYS E CE    1 
ATOM 90   N NZ    . LYS B 2 1   ? 14.669  -9.798  11.790  1.00 5.55  ? 1   LYS E NZ    1 
ATOM 91   N N     . GLU B 2 2   ? 11.404  -3.546  13.082  1.00 6.07  ? 2   GLU E N     1 
ATOM 92   C CA    . GLU B 2 2   ? 10.039  -3.170  12.737  1.00 6.07  ? 2   GLU E CA    1 
ATOM 93   C C     . GLU B 2 2   ? 9.403   -4.514  12.382  1.00 6.07  ? 2   GLU E C     1 
ATOM 94   O O     . GLU B 2 2   ? 10.056  -5.417  11.834  1.00 6.07  ? 2   GLU E O     1 
ATOM 95   C CB    . GLU B 2 2   ? 10.155  -2.176  11.575  1.00 6.07  ? 2   GLU E CB    1 
ATOM 96   C CG    . GLU B 2 2   ? 9.338   -0.867  11.580  1.00 4.22  ? 2   GLU E CG    1 
ATOM 97   C CD    . GLU B 2 2   ? 8.447   -0.750  10.322  1.00 4.22  ? 2   GLU E CD    1 
ATOM 98   O OE1   . GLU B 2 2   ? 8.996   -0.882  9.218   1.00 4.22  ? 2   GLU E OE1   1 
ATOM 99   O OE2   . GLU B 2 2   ? 7.236   -0.534  10.438  1.00 4.22  ? 2   GLU E OE2   1 
ATOM 100  N N     . THR B 2 3   ? 8.177   -4.702  12.899  1.00 6.08  ? 3   THR E N     1 
ATOM 101  C CA    . THR B 2 3   ? 7.394   -5.904  12.570  1.00 6.08  ? 3   THR E CA    1 
ATOM 102  C C     . THR B 2 3   ? 6.873   -5.752  11.142  1.00 6.08  ? 3   THR E C     1 
ATOM 103  O O     . THR B 2 3   ? 6.501   -4.651  10.725  1.00 6.08  ? 3   THR E O     1 
ATOM 104  C CB    . THR B 2 3   ? 6.144   -6.087  13.410  1.00 6.08  ? 3   THR E CB    1 
ATOM 105  O OG1   . THR B 2 3   ? 6.174   -5.045  14.354  1.00 2.33  ? 3   THR E OG1   1 
ATOM 106  C CG2   . THR B 2 3   ? 6.029   -7.501  13.944  1.00 2.33  ? 3   THR E CG2   1 
ATOM 107  N N     . ALA B 2 4   ? 6.860   -6.882  10.444  1.00 11.03 ? 4   ALA E N     1 
ATOM 108  C CA    . ALA B 2 4   ? 6.235   -7.055  9.124   1.00 11.03 ? 4   ALA E CA    1 
ATOM 109  C C     . ALA B 2 4   ? 4.898   -6.377  8.974   1.00 11.03 ? 4   ALA E C     1 
ATOM 110  O O     . ALA B 2 4   ? 4.726   -5.711  7.971   1.00 11.03 ? 4   ALA E O     1 
ATOM 111  C CB    . ALA B 2 4   ? 5.948   -8.474  8.805   1.00 11.03 ? 4   ALA E CB    1 
ATOM 112  N N     . ALA B 2 5   ? 4.017   -6.430  9.980   1.00 7.42  ? 5   ALA E N     1 
ATOM 113  C CA    . ALA B 2 5   ? 2.740   -5.768  9.897   1.00 7.42  ? 5   ALA E CA    1 
ATOM 114  C C     . ALA B 2 5   ? 2.754   -4.243  10.156  1.00 7.42  ? 5   ALA E C     1 
ATOM 115  O O     . ALA B 2 5   ? 1.861   -3.503  9.729   1.00 7.42  ? 5   ALA E O     1 
ATOM 116  C CB    . ALA B 2 5   ? 1.789   -6.515  10.858  1.00 7.42  ? 5   ALA E CB    1 
ATOM 117  N N     . ALA B 2 6   ? 3.842   -3.766  10.788  1.00 5.53  ? 6   ALA E N     1 
ATOM 118  C CA    . ALA B 2 6   ? 4.122   -2.360  11.198  1.00 5.53  ? 6   ALA E CA    1 
ATOM 119  C C     . ALA B 2 6   ? 4.734   -1.630  10.032  1.00 5.53  ? 6   ALA E C     1 
ATOM 120  O O     . ALA B 2 6   ? 4.554   -0.437  9.834   1.00 5.53  ? 6   ALA E O     1 
ATOM 121  C CB    . ALA B 2 6   ? 5.153   -2.223  12.321  1.00 5.53  ? 6   ALA E CB    1 
ATOM 122  N N     . LYS B 2 7   ? 5.528   -2.444  9.332   1.00 5.15  ? 7   LYS E N     1 
ATOM 123  C CA    . LYS B 2 7   ? 6.130   -2.146  8.095   1.00 5.15  ? 7   LYS E CA    1 
ATOM 124  C C     . LYS B 2 7   ? 4.992   -1.924  7.142   1.00 5.15  ? 7   LYS E C     1 
ATOM 125  O O     . LYS B 2 7   ? 4.954   -0.868  6.514   1.00 5.15  ? 7   LYS E O     1 
ATOM 126  C CB    . LYS B 2 7   ? 6.919   -3.297  7.693   1.00 5.15  ? 7   LYS E CB    1 
ATOM 127  C CG    . LYS B 2 7   ? 7.760   -3.079  6.418   1.00 2.79  ? 7   LYS E CG    1 
ATOM 128  C CD    . LYS B 2 7   ? 8.161   -4.423  5.819   1.00 2.79  ? 7   LYS E CD    1 
ATOM 129  C CE    . LYS B 2 7   ? 9.492   -4.870  6.386   1.00 2.79  ? 7   LYS E CE    1 
ATOM 130  N NZ    . LYS B 2 7   ? 9.652   -4.705  7.843   1.00 2.79  ? 7   LYS E NZ    1 
ATOM 131  N N     . PHE B 2 8   ? 4.103   -2.911  6.980   1.00 5.51  ? 8   PHE E N     1 
ATOM 132  C CA    . PHE B 2 8   ? 2.950   -2.744  6.154   1.00 5.51  ? 8   PHE E CA    1 
ATOM 133  C C     . PHE B 2 8   ? 2.216   -1.412  6.416   1.00 5.51  ? 8   PHE E C     1 
ATOM 134  O O     . PHE B 2 8   ? 1.856   -0.678  5.464   1.00 5.51  ? 8   PHE E O     1 
ATOM 135  C CB    . PHE B 2 8   ? 1.991   -3.923  6.367   1.00 5.51  ? 8   PHE E CB    1 
ATOM 136  C CG    . PHE B 2 8   ? 0.738   -3.789  5.511   1.00 1.00  ? 8   PHE E CG    1 
ATOM 137  C CD1   . PHE B 2 8   ? -0.328  -3.043  5.939   1.00 1.00  ? 8   PHE E CD1   1 
ATOM 138  C CD2   . PHE B 2 8   ? 0.682   -4.370  4.259   1.00 1.00  ? 8   PHE E CD2   1 
ATOM 139  C CE1   . PHE B 2 8   ? -1.417  -2.860  5.121   1.00 1.00  ? 8   PHE E CE1   1 
ATOM 140  C CE2   . PHE B 2 8   ? -0.422  -4.194  3.446   1.00 1.00  ? 8   PHE E CE2   1 
ATOM 141  C CZ    . PHE B 2 8   ? -1.465  -3.427  3.873   1.00 1.00  ? 8   PHE E CZ    1 
ATOM 142  N N     . GLU B 2 9   ? 1.943   -1.154  7.698   1.00 1.00  ? 9   GLU E N     1 
ATOM 143  C CA    . GLU B 2 9   ? 1.276   0.050   8.180   1.00 1.00  ? 9   GLU E CA    1 
ATOM 144  C C     . GLU B 2 9   ? 1.993   1.301   7.690   1.00 1.00  ? 9   GLU E C     1 
ATOM 145  O O     . GLU B 2 9   ? 1.399   2.172   7.071   1.00 1.00  ? 9   GLU E O     1 
ATOM 146  C CB    . GLU B 2 9   ? 1.201   0.027   9.749   1.00 1.00  ? 9   GLU E CB    1 
ATOM 147  C CG    . GLU B 2 9   ? 0.135   1.075   10.180  1.00 10.99 ? 9   GLU E CG    1 
ATOM 148  C CD    . GLU B 2 9   ? -0.779  0.792   11.400  1.00 10.99 ? 9   GLU E CD    1 
ATOM 149  O OE1   . GLU B 2 9   ? -0.950  -0.400  11.748  1.00 10.99 ? 9   GLU E OE1   1 
ATOM 150  O OE2   . GLU B 2 9   ? -1.340  1.769   11.986  1.00 10.99 ? 9   GLU E OE2   1 
ATOM 151  N N     . ARG B 2 10  ? 3.282   1.331   7.887   1.00 1.00  ? 10  ARG E N     1 
ATOM 152  C CA    . ARG B 2 10  ? 4.065   2.442   7.423   1.00 1.00  ? 10  ARG E CA    1 
ATOM 153  C C     . ARG B 2 10  ? 4.060   2.593   5.905   1.00 1.00  ? 10  ARG E C     1 
ATOM 154  O O     . ARG B 2 10  ? 3.788   3.642   5.334   1.00 1.00  ? 10  ARG E O     1 
ATOM 155  C CB    . ARG B 2 10  ? 5.506   2.286   8.001   1.00 1.00  ? 10  ARG E CB    1 
ATOM 156  C CG    . ARG B 2 10  ? 6.605   3.184   7.398   1.00 4.16  ? 10  ARG E CG    1 
ATOM 157  C CD    . ARG B 2 10  ? 7.857   3.036   8.238   1.00 4.16  ? 10  ARG E CD    1 
ATOM 158  N NE    . ARG B 2 10  ? 9.038   2.776   7.471   1.00 4.16  ? 10  ARG E NE    1 
ATOM 159  C CZ    . ARG B 2 10  ? 9.370   1.567   7.056   1.00 4.16  ? 10  ARG E CZ    1 
ATOM 160  N NH1   . ARG B 2 10  ? 8.663   0.482   7.217   1.00 4.16  ? 10  ARG E NH1   1 
ATOM 161  N NH2   . ARG B 2 10  ? 10.494  1.431   6.421   1.00 4.16  ? 10  ARG E NH2   1 
ATOM 162  N N     . GLN B 2 11  ? 4.338   1.529   5.231   1.00 1.27  ? 11  GLN E N     1 
ATOM 163  C CA    . GLN B 2 11  ? 4.379   1.522   3.815   1.00 1.27  ? 11  GLN E CA    1 
ATOM 164  C C     . GLN B 2 11  ? 3.040   1.583   3.101   1.00 1.27  ? 11  GLN E C     1 
ATOM 165  O O     . GLN B 2 11  ? 3.079   1.921   1.927   1.00 1.27  ? 11  GLN E O     1 
ATOM 166  C CB    . GLN B 2 11  ? 5.134   0.307   3.575   1.00 1.27  ? 11  GLN E CB    1 
ATOM 167  C CG    . GLN B 2 11  ? 5.750   -0.176  2.295   1.00 3.52  ? 11  GLN E CG    1 
ATOM 168  C CD    . GLN B 2 11  ? 6.835   -1.103  2.832   1.00 3.52  ? 11  GLN E CD    1 
ATOM 169  O OE1   . GLN B 2 11  ? 6.663   -2.309  2.943   1.00 3.52  ? 11  GLN E OE1   1 
ATOM 170  N NE2   . GLN B 2 11  ? 7.931   -0.500  3.294   1.00 3.52  ? 11  GLN E NE2   1 
ATOM 171  N N     . HIS B 2 12  ? 1.867   1.272   3.665   1.00 1.00  ? 12  HIS E N     1 
ATOM 172  C CA    . HIS B 2 12  ? 0.704   1.174   2.814   1.00 1.00  ? 12  HIS E CA    1 
ATOM 173  C C     . HIS B 2 12  ? -0.444  1.915   3.257   1.00 1.00  ? 12  HIS E C     1 
ATOM 174  O O     . HIS B 2 12  ? -1.313  2.093   2.478   1.00 1.00  ? 12  HIS E O     1 
ATOM 175  C CB    . HIS B 2 12  ? 0.206   -0.264  2.590   1.00 1.00  ? 12  HIS E CB    1 
ATOM 176  C CG    . HIS B 2 12  ? 1.112   -0.838  1.536   1.00 1.00  ? 12  HIS E CG    1 
ATOM 177  N ND1   . HIS B 2 12  ? 1.171   -0.511  0.291   1.00 1.00  ? 12  HIS E ND1   1 
ATOM 178  C CD2   . HIS B 2 12  ? 2.189   -1.675  1.740   1.00 1.00  ? 12  HIS E CD2   1 
ATOM 179  C CE1   . HIS B 2 12  ? 2.206   -1.072  -0.243  1.00 1.00  ? 12  HIS E CE1   1 
ATOM 180  N NE2   . HIS B 2 12  ? 2.835   -1.780  0.617   1.00 1.00  ? 12  HIS E NE2   1 
ATOM 181  N N     . MET B 2 13  ? -0.403  2.458   4.431   1.00 6.80  ? 13  MET E N     1 
ATOM 182  C CA    . MET B 2 13  ? -1.559  3.059   5.092   1.00 6.80  ? 13  MET E CA    1 
ATOM 183  C C     . MET B 2 13  ? -1.667  4.572   5.290   1.00 6.80  ? 13  MET E C     1 
ATOM 184  O O     . MET B 2 13  ? -0.986  5.054   6.195   1.00 6.80  ? 13  MET E O     1 
ATOM 185  C CB    . MET B 2 13  ? -1.682  2.363   6.489   1.00 6.80  ? 13  MET E CB    1 
ATOM 186  C CG    . MET B 2 13  ? -2.273  0.993   6.624   1.00 1.00  ? 13  MET E CG    1 
ATOM 187  S SD    . MET B 2 13  ? -4.058  1.010   6.380   1.00 1.00  ? 13  MET E SD    1 
ATOM 188  C CE    . MET B 2 13  ? -4.370  2.202   7.664   1.00 1.00  ? 13  MET E CE    1 
ATOM 189  N N     . ASP B 2 14  ? -2.445  5.372   4.554   1.00 1.00  ? 14  ASP E N     1 
ATOM 190  C CA    . ASP B 2 14  ? -2.663  6.711   5.064   1.00 1.00  ? 14  ASP E CA    1 
ATOM 191  C C     . ASP B 2 14  ? -4.167  6.891   5.319   1.00 1.00  ? 14  ASP E C     1 
ATOM 192  O O     . ASP B 2 14  ? -4.936  7.348   4.468   1.00 1.00  ? 14  ASP E O     1 
ATOM 193  C CB    . ASP B 2 14  ? -2.109  7.861   4.124   1.00 1.00  ? 14  ASP E CB    1 
ATOM 194  C CG    . ASP B 2 14  ? -2.394  9.349   4.609   1.00 1.00  ? 14  ASP E CG    1 
ATOM 195  O OD1   . ASP B 2 14  ? -2.888  9.648   5.716   1.00 1.00  ? 14  ASP E OD1   1 
ATOM 196  O OD2   . ASP B 2 14  ? -2.162  10.246  3.804   1.00 1.00  ? 14  ASP E OD2   1 
ATOM 197  N N     . SER B 2 15  ? -4.496  6.529   6.583   1.00 11.04 ? 15  SER E N     1 
ATOM 198  C CA    . SER B 2 15  ? -5.849  6.609   7.107   1.00 11.04 ? 15  SER E CA    1 
ATOM 199  C C     . SER B 2 15  ? -6.355  8.039   7.359   1.00 11.04 ? 15  SER E C     1 
ATOM 200  O O     . SER B 2 15  ? -7.550  8.354   7.268   1.00 11.04 ? 15  SER E O     1 
ATOM 201  C CB    . SER B 2 15  ? -5.936  5.843   8.411   1.00 11.04 ? 15  SER E CB    1 
ATOM 202  O OG    . SER B 2 15  ? -7.243  5.339   8.648   1.00 13.77 ? 15  SER E OG    1 
ATOM 203  N N     . SER B 2 16  ? -5.425  8.950   7.682   1.00 11.16 ? 16  SER E N     1 
ATOM 204  C CA    . SER B 2 16  ? -5.722  10.346  7.955   1.00 11.16 ? 16  SER E CA    1 
ATOM 205  C C     . SER B 2 16  ? -5.962  11.117  6.655   1.00 11.16 ? 16  SER E C     1 
ATOM 206  O O     . SER B 2 16  ? -5.991  12.328  6.699   1.00 11.16 ? 16  SER E O     1 
ATOM 207  C CB    . SER B 2 16  ? -4.538  10.951  8.819   1.00 11.16 ? 16  SER E CB    1 
ATOM 208  O OG    . SER B 2 16  ? -3.369  10.115  9.133   1.00 11.53 ? 16  SER E OG    1 
ATOM 209  N N     . THR B 2 17  ? -6.117  10.517  5.480   1.00 1.00  ? 17  THR E N     1 
ATOM 210  C CA    . THR B 2 17  ? -6.605  11.205  4.311   1.00 1.00  ? 17  THR E CA    1 
ATOM 211  C C     . THR B 2 17  ? -7.431  10.166  3.652   1.00 1.00  ? 17  THR E C     1 
ATOM 212  O O     . THR B 2 17  ? -7.060  9.016   3.470   1.00 1.00  ? 17  THR E O     1 
ATOM 213  C CB    . THR B 2 17  ? -5.576  11.649  3.239   1.00 1.00  ? 17  THR E CB    1 
ATOM 214  O OG1   . THR B 2 17  ? -4.653  10.604  3.131   1.00 8.35  ? 17  THR E OG1   1 
ATOM 215  C CG2   . THR B 2 17  ? -4.806  12.888  3.567   1.00 8.35  ? 17  THR E CG2   1 
ATOM 216  N N     . SER B 2 18  ? -8.613  10.646  3.359   1.00 10.60 ? 18  SER E N     1 
ATOM 217  C CA    . SER B 2 18  ? -9.564  9.882   2.525   1.00 10.60 ? 18  SER E CA    1 
ATOM 218  C C     . SER B 2 18  ? -9.138  9.552   1.070   1.00 10.60 ? 18  SER E C     1 
ATOM 219  O O     . SER B 2 18  ? -9.634  8.594   0.477   1.00 10.60 ? 18  SER E O     1 
ATOM 220  C CB    . SER B 2 18  ? -10.874 10.646  2.500   1.00 10.60 ? 18  SER E CB    1 
ATOM 221  O OG    . SER B 2 18  ? -10.639 11.890  1.874   1.00 1.00  ? 18  SER E OG    1 
ATOM 222  N N     . ALA B 2 19  ? -8.218  10.345  0.503   1.00 1.00  ? 19  ALA E N     1 
ATOM 223  C CA    . ALA B 2 19  ? -7.753  10.273  -0.862  1.00 1.00  ? 19  ALA E CA    1 
ATOM 224  C C     . ALA B 2 19  ? -6.424  11.066  -0.984  1.00 1.00  ? 19  ALA E C     1 
ATOM 225  O O     . ALA B 2 19  ? -5.963  11.627  -0.002  1.00 1.00  ? 19  ALA E O     1 
ATOM 226  C CB    . ALA B 2 19  ? -8.897  10.865  -1.735  1.00 1.00  ? 19  ALA E CB    1 
ATOM 227  N N     . ALA B 2 20  ? -5.779  11.084  -2.156  1.00 1.00  ? 20  ALA E N     1 
ATOM 228  C CA    . ALA B 2 20  ? -4.707  12.015  -2.505  1.00 1.00  ? 20  ALA E CA    1 
ATOM 229  C C     . ALA B 2 20  ? -5.079  13.540  -2.345  1.00 1.00  ? 20  ALA E C     1 
ATOM 230  O O     . ALA B 2 20  ? -6.233  13.972  -2.480  1.00 1.00  ? 20  ALA E O     1 
ATOM 231  C CB    . ALA B 2 20  ? -4.315  11.737  -3.953  1.00 1.00  ? 20  ALA E CB    1 
ATOM 232  N N     . SER B 2 21  ? -4.118  14.414  -2.033  1.00 4.59  ? 21  SER E N     1 
ATOM 233  C CA    . SER B 2 21  ? -4.343  15.854  -1.817  1.00 4.59  ? 21  SER E CA    1 
ATOM 234  C C     . SER B 2 21  ? -3.790  16.579  -3.027  1.00 4.59  ? 21  SER E C     1 
ATOM 235  O O     . SER B 2 21  ? -4.526  16.934  -3.923  1.00 4.59  ? 21  SER E O     1 
ATOM 236  C CB    . SER B 2 21  ? -3.610  16.335  -0.513  1.00 4.59  ? 21  SER E CB    1 
ATOM 237  O OG    . SER B 2 21  ? -2.202  16.160  -0.376  1.00 5.87  ? 21  SER E OG    1 
ATOM 238  N N     . SER B 2 22  ? -2.502  16.835  -3.149  1.00 1.00  ? 22  SER E N     1 
ATOM 239  C CA    . SER B 2 22  ? -1.945  17.281  -4.420  1.00 1.00  ? 22  SER E CA    1 
ATOM 240  C C     . SER B 2 22  ? -1.527  16.071  -5.263  1.00 1.00  ? 22  SER E C     1 
ATOM 241  O O     . SER B 2 22  ? -1.878  14.915  -4.990  1.00 1.00  ? 22  SER E O     1 
ATOM 242  C CB    . SER B 2 22  ? -0.774  18.162  -4.144  1.00 1.00  ? 22  SER E CB    1 
ATOM 243  O OG    . SER B 2 22  ? 0.074   17.527  -3.214  1.00 17.84 ? 22  SER E OG    1 
ATOM 244  N N     . SER B 2 23  ? -0.733  16.360  -6.287  1.00 2.83  ? 23  SER E N     1 
ATOM 245  C CA    . SER B 2 23  ? -0.005  15.419  -7.154  1.00 2.83  ? 23  SER E CA    1 
ATOM 246  C C     . SER B 2 23  ? 1.445   15.214  -6.703  1.00 2.83  ? 23  SER E C     1 
ATOM 247  O O     . SER B 2 23  ? 2.319   14.560  -7.318  1.00 2.83  ? 23  SER E O     1 
ATOM 248  C CB    . SER B 2 23  ? -0.038  16.004  -8.541  1.00 2.83  ? 23  SER E CB    1 
ATOM 249  O OG    . SER B 2 23  ? -0.001  17.469  -8.464  1.00 1.00  ? 23  SER E OG    1 
ATOM 250  N N     . ASN B 2 24  ? 1.668   15.979  -5.647  1.00 1.00  ? 24  ASN E N     1 
ATOM 251  C CA    . ASN B 2 24  ? 2.890   16.072  -4.901  1.00 1.00  ? 24  ASN E CA    1 
ATOM 252  C C     . ASN B 2 24  ? 2.767   15.082  -3.734  1.00 1.00  ? 24  ASN E C     1 
ATOM 253  O O     . ASN B 2 24  ? 3.734   14.500  -3.247  1.00 1.00  ? 24  ASN E O     1 
ATOM 254  C CB    . ASN B 2 24  ? 2.980   17.502  -4.479  1.00 1.00  ? 24  ASN E CB    1 
ATOM 255  C CG    . ASN B 2 24  ? 4.435   17.833  -4.381  1.00 20.09 ? 24  ASN E CG    1 
ATOM 256  O OD1   . ASN B 2 24  ? 4.788   18.235  -3.284  1.00 20.09 ? 24  ASN E OD1   1 
ATOM 257  N ND2   . ASN B 2 24  ? 5.319   17.674  -5.398  1.00 20.09 ? 24  ASN E ND2   1 
ATOM 258  N N     . TYR B 2 25  ? 1.530   14.883  -3.264  1.00 6.69  ? 25  TYR E N     1 
ATOM 259  C CA    . TYR B 2 25  ? 1.156   13.809  -2.389  1.00 6.69  ? 25  TYR E CA    1 
ATOM 260  C C     . TYR B 2 25  ? 1.965   12.539  -2.527  1.00 6.69  ? 25  TYR E C     1 
ATOM 261  O O     . TYR B 2 25  ? 2.380   12.130  -1.463  1.00 6.69  ? 25  TYR E O     1 
ATOM 262  C CB    . TYR B 2 25  ? -0.273  13.541  -2.613  1.00 6.69  ? 25  TYR E CB    1 
ATOM 263  C CG    . TYR B 2 25  ? -0.777  12.438  -1.732  1.00 5.14  ? 25  TYR E CG    1 
ATOM 264  C CD1   . TYR B 2 25  ? -1.055  12.740  -0.448  1.00 5.14  ? 25  TYR E CD1   1 
ATOM 265  C CD2   . TYR B 2 25  ? -0.909  11.157  -2.226  1.00 5.14  ? 25  TYR E CD2   1 
ATOM 266  C CE1   . TYR B 2 25  ? -1.466  11.749  0.403   1.00 5.14  ? 25  TYR E CE1   1 
ATOM 267  C CE2   . TYR B 2 25  ? -1.310  10.164  -1.372  1.00 5.14  ? 25  TYR E CE2   1 
ATOM 268  C CZ    . TYR B 2 25  ? -1.582  10.444  -0.030  1.00 5.14  ? 25  TYR E CZ    1 
ATOM 269  O OH    . TYR B 2 25  ? -1.808  9.418   0.913   1.00 5.14  ? 25  TYR E OH    1 
ATOM 270  N N     . CYS B 2 26  ? 2.263   11.898  -3.653  1.00 1.00  ? 26  CYS E N     1 
ATOM 271  C CA    . CYS B 2 26  ? 3.176   10.771  -3.628  1.00 1.00  ? 26  CYS E CA    1 
ATOM 272  C C     . CYS B 2 26  ? 4.502   11.197  -3.193  1.00 1.00  ? 26  CYS E C     1 
ATOM 273  O O     . CYS B 2 26  ? 5.073   10.571  -2.342  1.00 1.00  ? 26  CYS E O     1 
ATOM 274  C CB    . CYS B 2 26  ? 3.436   10.110  -4.940  1.00 1.00  ? 26  CYS E CB    1 
ATOM 275  S SG    . CYS B 2 26  ? 1.854   9.281   -5.016  1.00 4.16  ? 26  CYS E SG    1 
ATOM 276  N N     . ASN B 2 27  ? 4.946   12.344  -3.598  1.00 1.00  ? 27  ASN E N     1 
ATOM 277  C CA    . ASN B 2 27  ? 6.330   12.735  -3.299  1.00 1.00  ? 27  ASN E CA    1 
ATOM 278  C C     . ASN B 2 27  ? 6.621   13.091  -1.816  1.00 1.00  ? 27  ASN E C     1 
ATOM 279  O O     . ASN B 2 27  ? 7.611   12.704  -1.175  1.00 1.00  ? 27  ASN E O     1 
ATOM 280  C CB    . ASN B 2 27  ? 6.660   13.855  -4.358  1.00 1.00  ? 27  ASN E CB    1 
ATOM 281  C CG    . ASN B 2 27  ? 6.790   13.262  -5.800  1.00 1.00  ? 27  ASN E CG    1 
ATOM 282  O OD1   . ASN B 2 27  ? 7.897   12.844  -6.135  1.00 1.00  ? 27  ASN E OD1   1 
ATOM 283  N ND2   . ASN B 2 27  ? 5.762   13.083  -6.689  1.00 1.00  ? 27  ASN E ND2   1 
ATOM 284  N N     . GLN B 2 28  ? 5.545   13.687  -1.263  1.00 19.77 ? 28  GLN E N     1 
ATOM 285  C CA    . GLN B 2 28  ? 5.411   14.023  0.152   1.00 19.77 ? 28  GLN E CA    1 
ATOM 286  C C     . GLN B 2 28  ? 5.429   12.767  1.031   1.00 19.77 ? 28  GLN E C     1 
ATOM 287  O O     . GLN B 2 28  ? 6.184   12.774  2.024   1.00 19.77 ? 28  GLN E O     1 
ATOM 288  C CB    . GLN B 2 28  ? 4.112   14.753  0.397   1.00 19.77 ? 28  GLN E CB    1 
ATOM 289  C CG    . GLN B 2 28  ? 4.066   16.177  -0.196  1.00 1.00  ? 28  GLN E CG    1 
ATOM 290  C CD    . GLN B 2 28  ? 2.706   16.876  -0.244  1.00 1.00  ? 28  GLN E CD    1 
ATOM 291  O OE1   . GLN B 2 28  ? 1.595   16.338  -0.106  1.00 1.00  ? 28  GLN E OE1   1 
ATOM 292  N NE2   . GLN B 2 28  ? 2.796   18.165  -0.535  1.00 1.00  ? 28  GLN E NE2   1 
ATOM 293  N N     . MET B 2 29  ? 4.681   11.704  0.640   1.00 1.00  ? 29  MET E N     1 
ATOM 294  C CA    . MET B 2 29  ? 4.493   10.495  1.444   1.00 1.00  ? 29  MET E CA    1 
ATOM 295  C C     . MET B 2 29  ? 5.520   9.413   1.226   1.00 1.00  ? 29  MET E C     1 
ATOM 296  O O     . MET B 2 29  ? 6.017   8.843   2.174   1.00 1.00  ? 29  MET E O     1 
ATOM 297  C CB    . MET B 2 29  ? 3.097   9.895   1.186   1.00 1.00  ? 29  MET E CB    1 
ATOM 298  C CG    . MET B 2 29  ? 2.259   9.372   2.327   1.00 3.89  ? 29  MET E CG    1 
ATOM 299  S SD    . MET B 2 29  ? 2.162   10.628  3.614   1.00 3.89  ? 29  MET E SD    1 
ATOM 300  C CE    . MET B 2 29  ? 0.550   11.354  3.671   1.00 3.89  ? 29  MET E CE    1 
ATOM 301  N N     . MET B 2 30  ? 5.928   9.107   0.030   1.00 3.40  ? 30  MET E N     1 
ATOM 302  C CA    . MET B 2 30  ? 6.954   8.141   -0.237  1.00 3.40  ? 30  MET E CA    1 
ATOM 303  C C     . MET B 2 30  ? 8.196   8.434   0.541   1.00 3.40  ? 30  MET E C     1 
ATOM 304  O O     . MET B 2 30  ? 8.884   7.548   1.048   1.00 3.40  ? 30  MET E O     1 
ATOM 305  C CB    . MET B 2 30  ? 7.409   8.129   -1.675  1.00 3.40  ? 30  MET E CB    1 
ATOM 306  C CG    . MET B 2 30  ? 6.365   7.699   -2.688  1.00 14.34 ? 30  MET E CG    1 
ATOM 307  S SD    . MET B 2 30  ? 5.648   6.113   -2.204  1.00 14.34 ? 30  MET E SD    1 
ATOM 308  C CE    . MET B 2 30  ? 6.988   5.330   -3.052  1.00 14.34 ? 30  MET E CE    1 
ATOM 309  N N     . LYS B 2 31  ? 8.465   9.719   0.587   1.00 6.32  ? 31  LYS E N     1 
ATOM 310  C CA    . LYS B 2 31  ? 9.625   10.183  1.247   1.00 6.32  ? 31  LYS E CA    1 
ATOM 311  C C     . LYS B 2 31  ? 9.340   10.226  2.728   1.00 6.32  ? 31  LYS E C     1 
ATOM 312  O O     . LYS B 2 31  ? 10.281  9.853   3.454   1.00 6.32  ? 31  LYS E O     1 
ATOM 313  C CB    . LYS B 2 31  ? 9.975   11.547  0.694   1.00 6.32  ? 31  LYS E CB    1 
ATOM 314  C CG    . LYS B 2 31  ? 11.298  12.218  1.142   1.00 15.86 ? 31  LYS E CG    1 
ATOM 315  C CD    . LYS B 2 31  ? 11.195  13.497  2.001   1.00 15.86 ? 31  LYS E CD    1 
ATOM 316  C CE    . LYS B 2 31  ? 12.586  14.084  2.221   1.00 15.86 ? 31  LYS E CE    1 
ATOM 317  N NZ    . LYS B 2 31  ? 13.622  13.048  2.131   1.00 15.86 ? 31  LYS E NZ    1 
ATOM 318  N N     . SER B 2 32  ? 8.084   10.652  3.112   1.00 19.42 ? 32  SER E N     1 
ATOM 319  C CA    . SER B 2 32  ? 7.613   10.706  4.507   1.00 19.42 ? 32  SER E CA    1 
ATOM 320  C C     . SER B 2 32  ? 7.801   9.338   5.190   1.00 19.42 ? 32  SER E C     1 
ATOM 321  O O     . SER B 2 32  ? 8.411   9.287   6.277   1.00 19.42 ? 32  SER E O     1 
ATOM 322  C CB    . SER B 2 32  ? 6.098   11.124  4.637   1.00 19.42 ? 32  SER E CB    1 
ATOM 323  O OG    . SER B 2 32  ? 5.835   12.510  4.333   1.00 3.07  ? 32  SER E OG    1 
ATOM 324  N N     . ARG B 2 33  ? 7.425   8.227   4.529   1.00 6.52  ? 33  ARG E N     1 
ATOM 325  C CA    . ARG B 2 33  ? 7.670   6.989   5.165   1.00 6.52  ? 33  ARG E CA    1 
ATOM 326  C C     . ARG B 2 33  ? 8.927   6.222   4.756   1.00 6.52  ? 33  ARG E C     1 
ATOM 327  O O     . ARG B 2 33  ? 9.133   5.019   4.971   1.00 6.52  ? 33  ARG E O     1 
ATOM 328  C CB    . ARG B 2 33  ? 6.367   6.226   5.034   1.00 6.52  ? 33  ARG E CB    1 
ATOM 329  C CG    . ARG B 2 33  ? 5.602   6.889   6.199   1.00 1.00  ? 33  ARG E CG    1 
ATOM 330  C CD    . ARG B 2 33  ? 4.271   7.502   5.824   1.00 1.00  ? 33  ARG E CD    1 
ATOM 331  N NE    . ARG B 2 33  ? 3.425   6.341   5.768   1.00 1.00  ? 33  ARG E NE    1 
ATOM 332  C CZ    . ARG B 2 33  ? 2.258   6.218   6.395   1.00 1.00  ? 33  ARG E CZ    1 
ATOM 333  N NH1   . ARG B 2 33  ? 1.470   7.254   6.798   1.00 1.00  ? 33  ARG E NH1   1 
ATOM 334  N NH2   . ARG B 2 33  ? 1.854   4.953   6.522   1.00 1.00  ? 33  ARG E NH2   1 
ATOM 335  N N     . ASN B 2 34  ? 9.887   7.006   4.255   1.00 13.89 ? 34  ASN E N     1 
ATOM 336  C CA    . ASN B 2 34  ? 11.226  6.509   4.034   1.00 13.89 ? 34  ASN E CA    1 
ATOM 337  C C     . ASN B 2 34  ? 11.372  5.366   3.061   1.00 13.89 ? 34  ASN E C     1 
ATOM 338  O O     . ASN B 2 34  ? 12.090  4.393   3.339   1.00 13.89 ? 34  ASN E O     1 
ATOM 339  C CB    . ASN B 2 34  ? 11.835  6.071   5.388   1.00 13.89 ? 34  ASN E CB    1 
ATOM 340  C CG    . ASN B 2 34  ? 12.203  7.108   6.462   1.00 7.91  ? 34  ASN E CG    1 
ATOM 341  O OD1   . ASN B 2 34  ? 12.138  6.823   7.688   1.00 7.91  ? 34  ASN E OD1   1 
ATOM 342  N ND2   . ASN B 2 34  ? 12.580  8.321   5.998   1.00 7.91  ? 34  ASN E ND2   1 
ATOM 343  N N     . LEU B 2 35  ? 10.722  5.505   1.901   1.00 8.06  ? 35  LEU E N     1 
ATOM 344  C CA    . LEU B 2 35  ? 10.822  4.570   0.755   1.00 8.06  ? 35  LEU E CA    1 
ATOM 345  C C     . LEU B 2 35  ? 11.701  5.037   -0.477  1.00 8.06  ? 35  LEU E C     1 
ATOM 346  O O     . LEU B 2 35  ? 11.839  4.544   -1.613  1.00 8.06  ? 35  LEU E O     1 
ATOM 347  C CB    . LEU B 2 35  ? 9.356   4.315   0.423   1.00 8.06  ? 35  LEU E CB    1 
ATOM 348  C CG    . LEU B 2 35  ? 8.497   3.850   1.634   1.00 1.00  ? 35  LEU E CG    1 
ATOM 349  C CD1   . LEU B 2 35  ? 7.677   4.990   2.192   1.00 1.00  ? 35  LEU E CD1   1 
ATOM 350  C CD2   . LEU B 2 35  ? 7.672   2.676   1.183   1.00 1.00  ? 35  LEU E CD2   1 
ATOM 351  N N     . THR B 2 36  ? 12.450  6.046   -0.108  1.00 17.79 ? 36  THR E N     1 
ATOM 352  C CA    . THR B 2 36  ? 13.315  6.897   -0.877  1.00 17.79 ? 36  THR E CA    1 
ATOM 353  C C     . THR B 2 36  ? 14.667  6.991   -0.152  1.00 17.79 ? 36  THR E C     1 
ATOM 354  O O     . THR B 2 36  ? 15.346  7.993   -0.230  1.00 17.79 ? 36  THR E O     1 
ATOM 355  C CB    . THR B 2 36  ? 12.504  8.220   -0.907  1.00 17.79 ? 36  THR E CB    1 
ATOM 356  O OG1   . THR B 2 36  ? 12.082  8.489   0.471   1.00 9.45  ? 36  THR E OG1   1 
ATOM 357  C CG2   . THR B 2 36  ? 11.358  8.158   -1.950  1.00 9.45  ? 36  THR E CG2   1 
ATOM 358  N N     . LYS B 2 37  ? 15.028  6.114   0.786   1.00 21.42 ? 37  LYS E N     1 
ATOM 359  C CA    . LYS B 2 37  ? 16.321  6.192   1.478   1.00 21.42 ? 37  LYS E CA    1 
ATOM 360  C C     . LYS B 2 37  ? 17.402  5.409   0.697   1.00 21.42 ? 37  LYS E C     1 
ATOM 361  O O     . LYS B 2 37  ? 18.358  6.043   0.265   1.00 21.42 ? 37  LYS E O     1 
ATOM 362  C CB    . LYS B 2 37  ? 16.252  5.599   2.911   1.00 21.42 ? 37  LYS E CB    1 
ATOM 363  C CG    . LYS B 2 37  ? 15.206  6.034   3.963   1.00 4.97  ? 37  LYS E CG    1 
ATOM 364  C CD    . LYS B 2 37  ? 15.395  7.403   4.579   1.00 4.97  ? 37  LYS E CD    1 
ATOM 365  C CE    . LYS B 2 37  ? 14.460  8.422   3.942   1.00 4.97  ? 37  LYS E CE    1 
ATOM 366  N NZ    . LYS B 2 37  ? 14.598  8.523   2.498   1.00 4.97  ? 37  LYS E NZ    1 
ATOM 367  N N     . ASP B 2 38  ? 17.445  4.072   0.557   1.00 15.51 ? 38  ASP E N     1 
ATOM 368  C CA    . ASP B 2 38  ? 18.573  3.508   -0.263  1.00 15.51 ? 38  ASP E CA    1 
ATOM 369  C C     . ASP B 2 38  ? 17.905  3.069   -1.542  1.00 15.51 ? 38  ASP E C     1 
ATOM 370  O O     . ASP B 2 38  ? 18.322  3.309   -2.679  1.00 15.51 ? 38  ASP E O     1 
ATOM 371  C CB    . ASP B 2 38  ? 19.249  2.291   0.332   1.00 15.51 ? 38  ASP E CB    1 
ATOM 372  C CG    . ASP B 2 38  ? 19.783  2.496   1.743   1.00 22.35 ? 38  ASP E CG    1 
ATOM 373  O OD1   . ASP B 2 38  ? 20.766  3.265   1.845   1.00 22.35 ? 38  ASP E OD1   1 
ATOM 374  O OD2   . ASP B 2 38  ? 19.208  1.883   2.697   1.00 22.35 ? 38  ASP E OD2   1 
ATOM 375  N N     . ARG B 2 39  ? 16.754  2.468   -1.205  1.00 19.34 ? 39  ARG E N     1 
ATOM 376  C CA    . ARG B 2 39  ? 15.635  2.296   -2.119  1.00 19.34 ? 39  ARG E CA    1 
ATOM 377  C C     . ARG B 2 39  ? 15.357  3.665   -2.772  1.00 19.34 ? 39  ARG E C     1 
ATOM 378  O O     . ARG B 2 39  ? 15.689  4.752   -2.264  1.00 19.34 ? 39  ARG E O     1 
ATOM 379  C CB    . ARG B 2 39  ? 14.232  1.889   -1.423  1.00 19.34 ? 39  ARG E CB    1 
ATOM 380  C CG    . ARG B 2 39  ? 14.065  1.235   -0.034  1.00 35.69 ? 39  ARG E CG    1 
ATOM 381  C CD    . ARG B 2 39  ? 14.940  -0.034  0.127   1.00 35.69 ? 39  ARG E CD    1 
ATOM 382  N NE    . ARG B 2 39  ? 16.416  -0.035  0.395   1.00 35.69 ? 39  ARG E NE    1 
ATOM 383  C CZ    . ARG B 2 39  ? 17.485  -0.404  -0.437  1.00 35.69 ? 39  ARG E CZ    1 
ATOM 384  N NH1   . ARG B 2 39  ? 17.360  -0.645  -1.745  1.00 35.69 ? 39  ARG E NH1   1 
ATOM 385  N NH2   . ARG B 2 39  ? 18.793  -0.407  -0.001  1.00 35.69 ? 39  ARG E NH2   1 
ATOM 386  N N     . CYS B 2 40  ? 14.818  3.378   -3.937  1.00 7.83  ? 40  CYS E N     1 
ATOM 387  C CA    . CYS B 2 40  ? 14.017  4.231   -4.741  1.00 7.83  ? 40  CYS E CA    1 
ATOM 388  C C     . CYS B 2 40  ? 12.956  3.187   -5.150  1.00 7.83  ? 40  CYS E C     1 
ATOM 389  O O     . CYS B 2 40  ? 13.166  2.290   -6.009  1.00 7.83  ? 40  CYS E O     1 
ATOM 390  C CB    . CYS B 2 40  ? 14.791  4.708   -5.900  1.00 7.83  ? 40  CYS E CB    1 
ATOM 391  S SG    . CYS B 2 40  ? 14.258  6.422   -5.807  1.00 8.56  ? 40  CYS E SG    1 
ATOM 392  N N     . LYS B 2 41  ? 11.832  3.207   -4.410  1.00 4.47  ? 41  LYS E N     1 
ATOM 393  C CA    . LYS B 2 41  ? 10.930  2.085   -4.599  1.00 4.47  ? 41  LYS E CA    1 
ATOM 394  C C     . LYS B 2 41  ? 10.246  2.256   -5.953  1.00 4.47  ? 41  LYS E C     1 
ATOM 395  O O     . LYS B 2 41  ? 10.046  3.389   -6.359  1.00 4.47  ? 41  LYS E O     1 
ATOM 396  C CB    . LYS B 2 41  ? 9.885   1.970   -3.428  1.00 4.47  ? 41  LYS E CB    1 
ATOM 397  C CG    . LYS B 2 41  ? 9.568   0.474   -3.199  1.00 3.23  ? 41  LYS E CG    1 
ATOM 398  C CD    . LYS B 2 41  ? 9.366   -0.062  -1.778  1.00 3.23  ? 41  LYS E CD    1 
ATOM 399  C CE    . LYS B 2 41  ? 7.894   0.015   -1.289  1.00 3.23  ? 41  LYS E CE    1 
ATOM 400  N NZ    . LYS B 2 41  ? 7.047   -1.060  -1.819  1.00 3.23  ? 41  LYS E NZ    1 
ATOM 401  N N     . PRO B 2 42  ? 9.936   1.216   -6.726  1.00 8.65  ? 42  PRO E N     1 
ATOM 402  C CA    . PRO B 2 42  ? 9.383   1.428   -8.060  1.00 8.65  ? 42  PRO E CA    1 
ATOM 403  C C     . PRO B 2 42  ? 7.926   2.018   -8.039  1.00 8.65  ? 42  PRO E C     1 
ATOM 404  O O     . PRO B 2 42  ? 7.449   2.780   -8.882  1.00 8.65  ? 42  PRO E O     1 
ATOM 405  C CB    . PRO B 2 42  ? 9.586   -0.024  -8.723  1.00 8.65  ? 42  PRO E CB    1 
ATOM 406  C CG    . PRO B 2 42  ? 10.316  -0.905  -7.720  1.00 8.65  ? 42  PRO E CG    1 
ATOM 407  C CD    . PRO B 2 42  ? 10.122  -0.224  -6.397  1.00 8.65  ? 42  PRO E CD    1 
ATOM 408  N N     . VAL B 2 43  ? 7.132   1.683   -7.059  1.00 18.00 ? 43  VAL E N     1 
ATOM 409  C CA    . VAL B 2 43  ? 5.735   1.986   -7.019  1.00 18.00 ? 43  VAL E CA    1 
ATOM 410  C C     . VAL B 2 43  ? 5.364   1.610   -5.593  1.00 18.00 ? 43  VAL E C     1 
ATOM 411  O O     . VAL B 2 43  ? 6.044   0.809   -4.936  1.00 18.00 ? 43  VAL E O     1 
ATOM 412  C CB    . VAL B 2 43  ? 4.949   1.111   -8.142  1.00 18.00 ? 43  VAL E CB    1 
ATOM 413  C CG1   . VAL B 2 43  ? 5.615   -0.266  -8.399  1.00 1.62  ? 43  VAL E CG1   1 
ATOM 414  C CG2   . VAL B 2 43  ? 3.465   0.893   -7.683  1.00 1.62  ? 43  VAL E CG2   1 
ATOM 415  N N     . ASN B 2 44  ? 4.342   2.285   -5.118  1.00 2.22  ? 44  ASN E N     1 
ATOM 416  C CA    . ASN B 2 44  ? 3.752   2.000   -3.829  1.00 2.22  ? 44  ASN E CA    1 
ATOM 417  C C     . ASN B 2 44  ? 2.287   2.477   -3.796  1.00 2.22  ? 44  ASN E C     1 
ATOM 418  O O     . ASN B 2 44  ? 1.931   3.541   -4.293  1.00 2.22  ? 44  ASN E O     1 
ATOM 419  C CB    . ASN B 2 44  ? 4.579   2.711   -2.786  1.00 2.22  ? 44  ASN E CB    1 
ATOM 420  C CG    . ASN B 2 44  ? 4.326   2.285   -1.352  1.00 1.00  ? 44  ASN E CG    1 
ATOM 421  O OD1   . ASN B 2 44  ? 4.075   1.125   -1.130  1.00 1.00  ? 44  ASN E OD1   1 
ATOM 422  N ND2   . ASN B 2 44  ? 4.462   3.110   -0.332  1.00 1.00  ? 44  ASN E ND2   1 
ATOM 423  N N     . THR B 2 45  ? 1.397   1.700   -3.208  1.00 2.32  ? 45  THR E N     1 
ATOM 424  C CA    . THR B 2 45  ? 0.039   2.099   -3.164  1.00 2.32  ? 45  THR E CA    1 
ATOM 425  C C     . THR B 2 45  ? -0.315  2.228   -1.669  1.00 2.32  ? 45  THR E C     1 
ATOM 426  O O     . THR B 2 45  ? 0.333   1.584   -0.837  1.00 2.32  ? 45  THR E O     1 
ATOM 427  C CB    . THR B 2 45  ? -0.736  1.047   -4.102  1.00 2.32  ? 45  THR E CB    1 
ATOM 428  O OG1   . THR B 2 45  ? -1.867  0.671   -3.382  1.00 1.00  ? 45  THR E OG1   1 
ATOM 429  C CG2   . THR B 2 45  ? 0.048   -0.144  -4.571  1.00 1.00  ? 45  THR E CG2   1 
ATOM 430  N N     . PHE B 2 46  ? -1.251  3.201   -1.441  1.00 7.25  ? 46  PHE E N     1 
ATOM 431  C CA    . PHE B 2 46  ? -1.700  3.783   -0.150  1.00 7.25  ? 46  PHE E CA    1 
ATOM 432  C C     . PHE B 2 46  ? -3.197  3.749   -0.030  1.00 7.25  ? 46  PHE E C     1 
ATOM 433  O O     . PHE B 2 46  ? -3.972  4.410   -0.748  1.00 7.25  ? 46  PHE E O     1 
ATOM 434  C CB    . PHE B 2 46  ? -1.387  5.319   0.108   1.00 7.25  ? 46  PHE E CB    1 
ATOM 435  C CG    . PHE B 2 46  ? 0.105   5.611   0.215   1.00 1.00  ? 46  PHE E CG    1 
ATOM 436  C CD1   . PHE B 2 46  ? 0.850   5.077   1.249   1.00 1.00  ? 46  PHE E CD1   1 
ATOM 437  C CD2   . PHE B 2 46  ? 0.730   6.368   -0.753  1.00 1.00  ? 46  PHE E CD2   1 
ATOM 438  C CE1   . PHE B 2 46  ? 2.215   5.305   1.289   1.00 1.00  ? 46  PHE E CE1   1 
ATOM 439  C CE2   . PHE B 2 46  ? 2.068   6.582   -0.703  1.00 1.00  ? 46  PHE E CE2   1 
ATOM 440  C CZ    . PHE B 2 46  ? 2.810   6.052   0.311   1.00 1.00  ? 46  PHE E CZ    1 
ATOM 441  N N     . VAL B 2 47  ? -3.554  2.971   0.967   1.00 1.00  ? 47  VAL E N     1 
ATOM 442  C CA    . VAL B 2 47  ? -4.906  2.804   1.318   1.00 1.00  ? 47  VAL E CA    1 
ATOM 443  C C     . VAL B 2 47  ? -5.205  3.802   2.405   1.00 1.00  ? 47  VAL E C     1 
ATOM 444  O O     . VAL B 2 47  ? -4.519  4.111   3.353   1.00 1.00  ? 47  VAL E O     1 
ATOM 445  C CB    . VAL B 2 47  ? -5.130  1.377   1.723   1.00 1.00  ? 47  VAL E CB    1 
ATOM 446  C CG1   . VAL B 2 47  ? -6.622  1.091   1.686   1.00 1.00  ? 47  VAL E CG1   1 
ATOM 447  C CG2   . VAL B 2 47  ? -4.477  0.437   0.711   1.00 1.00  ? 47  VAL E CG2   1 
ATOM 448  N N     . HIS B 2 48  ? -6.289  4.418   2.049   1.00 8.89  ? 48  HIS E N     1 
ATOM 449  C CA    . HIS B 2 48  ? -6.916  5.513   2.704   1.00 8.89  ? 48  HIS E CA    1 
ATOM 450  C C     . HIS B 2 48  ? -8.151  4.956   3.411   1.00 8.89  ? 48  HIS E C     1 
ATOM 451  O O     . HIS B 2 48  ? -9.287  5.424   3.316   1.00 8.89  ? 48  HIS E O     1 
ATOM 452  C CB    . HIS B 2 48  ? -7.287  6.470   1.633   1.00 8.89  ? 48  HIS E CB    1 
ATOM 453  C CG    . HIS B 2 48  ? -6.212  7.167   0.879   1.00 1.00  ? 48  HIS E CG    1 
ATOM 454  N ND1   . HIS B 2 48  ? -5.288  7.916   1.406   1.00 1.00  ? 48  HIS E ND1   1 
ATOM 455  C CD2   . HIS B 2 48  ? -6.057  7.130   -0.469  1.00 1.00  ? 48  HIS E CD2   1 
ATOM 456  C CE1   . HIS B 2 48  ? -4.540  8.337   0.444   1.00 1.00  ? 48  HIS E CE1   1 
ATOM 457  N NE2   . HIS B 2 48  ? -5.008  7.861   -0.674  1.00 1.00  ? 48  HIS E NE2   1 
ATOM 458  N N     . GLU B 2 49  ? -7.937  3.781   3.967   1.00 1.55  ? 49  GLU E N     1 
ATOM 459  C CA    . GLU B 2 49  ? -8.913  3.191   4.812   1.00 1.55  ? 49  GLU E CA    1 
ATOM 460  C C     . GLU B 2 49  ? -8.306  3.101   6.235   1.00 1.55  ? 49  GLU E C     1 
ATOM 461  O O     . GLU B 2 49  ? -7.073  3.194   6.472   1.00 1.55  ? 49  GLU E O     1 
ATOM 462  C CB    . GLU B 2 49  ? -9.275  1.823   4.250   1.00 1.55  ? 49  GLU E CB    1 
ATOM 463  C CG    . GLU B 2 49  ? -10.793 1.586   4.304   1.00 2.37  ? 49  GLU E CG    1 
ATOM 464  C CD    . GLU B 2 49  ? -11.660 2.554   3.485   1.00 2.37  ? 49  GLU E CD    1 
ATOM 465  O OE1   . GLU B 2 49  ? -11.308 2.953   2.373   1.00 2.37  ? 49  GLU E OE1   1 
ATOM 466  O OE2   . GLU B 2 49  ? -12.745 2.861   3.976   1.00 2.37  ? 49  GLU E OE2   1 
ATOM 467  N N     . SER B 2 50  ? -9.233  3.117   7.194   1.00 1.00  ? 50  SER E N     1 
ATOM 468  C CA    . SER B 2 50  ? -8.886  2.770   8.532   1.00 1.00  ? 50  SER E CA    1 
ATOM 469  C C     . SER B 2 50  ? -8.425  1.340   8.472   1.00 1.00  ? 50  SER E C     1 
ATOM 470  O O     . SER B 2 50  ? -8.965  0.494   7.755   1.00 1.00  ? 50  SER E O     1 
ATOM 471  C CB    . SER B 2 50  ? -10.066 2.833   9.502   1.00 1.00  ? 50  SER E CB    1 
ATOM 472  O OG    . SER B 2 50  ? -9.804  2.267   10.766  1.00 9.12  ? 50  SER E OG    1 
ATOM 473  N N     . LEU B 2 51  ? -7.372  1.233   9.296   1.00 5.96  ? 51  LEU E N     1 
ATOM 474  C CA    . LEU B 2 51  ? -6.626  0.039   9.699   1.00 5.96  ? 51  LEU E CA    1 
ATOM 475  C C     . LEU B 2 51  ? -7.527  -1.121  10.066  1.00 5.96  ? 51  LEU E C     1 
ATOM 476  O O     . LEU B 2 51  ? -7.563  -2.169  9.389   1.00 5.96  ? 51  LEU E O     1 
ATOM 477  C CB    . LEU B 2 51  ? -5.777  0.419   10.891  1.00 5.96  ? 51  LEU E CB    1 
ATOM 478  C CG    . LEU B 2 51  ? -4.766  -0.538  11.504  1.00 1.29  ? 51  LEU E CG    1 
ATOM 479  C CD1   . LEU B 2 51  ? -3.793  -1.152  10.474  1.00 1.29  ? 51  LEU E CD1   1 
ATOM 480  C CD2   . LEU B 2 51  ? -4.164  0.291   12.650  1.00 1.29  ? 51  LEU E CD2   1 
ATOM 481  N N     . ALA B 2 52  ? -8.395  -0.732  11.027  1.00 8.31  ? 52  ALA E N     1 
ATOM 482  C CA    . ALA B 2 52  ? -9.329  -1.679  11.611  1.00 8.31  ? 52  ALA E CA    1 
ATOM 483  C C     . ALA B 2 52  ? -10.004 -2.503  10.509  1.00 8.31  ? 52  ALA E C     1 
ATOM 484  O O     . ALA B 2 52  ? -9.837  -3.712  10.501  1.00 8.31  ? 52  ALA E O     1 
ATOM 485  C CB    . ALA B 2 52  ? -10.391 -0.939  12.442  1.00 8.31  ? 52  ALA E CB    1 
ATOM 486  N N     . ASP B 2 53  ? -10.484 -1.779  9.479   1.00 5.59  ? 53  ASP E N     1 
ATOM 487  C CA    . ASP B 2 53  ? -11.164 -2.285  8.278   1.00 5.59  ? 53  ASP E CA    1 
ATOM 488  C C     . ASP B 2 53  ? -10.222 -2.864  7.234   1.00 5.59  ? 53  ASP E C     1 
ATOM 489  O O     . ASP B 2 53  ? -10.677 -3.744  6.510   1.00 5.59  ? 53  ASP E O     1 
ATOM 490  C CB    . ASP B 2 53  ? -12.037 -1.131  7.679   1.00 5.59  ? 53  ASP E CB    1 
ATOM 491  C CG    . ASP B 2 53  ? -13.216 -0.701  8.614   1.00 27.56 ? 53  ASP E CG    1 
ATOM 492  O OD1   . ASP B 2 53  ? -13.125 0.164   9.533   1.00 27.56 ? 53  ASP E OD1   1 
ATOM 493  O OD2   . ASP B 2 53  ? -14.277 -1.280  8.457   1.00 27.56 ? 53  ASP E OD2   1 
ATOM 494  N N     . VAL B 2 54  ? -8.967  -2.415  7.118   1.00 3.94  ? 54  VAL E N     1 
ATOM 495  C CA    . VAL B 2 54  ? -8.031  -3.061  6.215   1.00 3.94  ? 54  VAL E CA    1 
ATOM 496  C C     . VAL B 2 54  ? -7.661  -4.441  6.821   1.00 3.94  ? 54  VAL E C     1 
ATOM 497  O O     . VAL B 2 54  ? -7.543  -5.407  6.068   1.00 3.94  ? 54  VAL E O     1 
ATOM 498  C CB    . VAL B 2 54  ? -6.749  -2.181  6.022   1.00 3.94  ? 54  VAL E CB    1 
ATOM 499  C CG1   . VAL B 2 54  ? -5.570  -2.981  5.549   1.00 1.00  ? 54  VAL E CG1   1 
ATOM 500  C CG2   . VAL B 2 54  ? -6.990  -1.181  4.941   1.00 1.00  ? 54  VAL E CG2   1 
ATOM 501  N N     . GLN B 2 55  ? -7.403  -4.699  8.133   1.00 4.93  ? 55  GLN E N     1 
ATOM 502  C CA    . GLN B 2 55  ? -7.149  -6.072  8.596   1.00 4.93  ? 55  GLN E CA    1 
ATOM 503  C C     . GLN B 2 55  ? -8.400  -6.921  8.535   1.00 4.93  ? 55  GLN E C     1 
ATOM 504  O O     . GLN B 2 55  ? -8.338  -8.163  8.562   1.00 4.93  ? 55  GLN E O     1 
ATOM 505  C CB    . GLN B 2 55  ? -6.590  -6.174  9.999   1.00 4.93  ? 55  GLN E CB    1 
ATOM 506  C CG    . GLN B 2 55  ? -6.941  -5.104  10.978  1.00 13.25 ? 55  GLN E CG    1 
ATOM 507  C CD    . GLN B 2 55  ? -5.734  -4.555  11.750  1.00 13.25 ? 55  GLN E CD    1 
ATOM 508  O OE1   . GLN B 2 55  ? -5.483  -4.938  12.882  1.00 13.25 ? 55  GLN E OE1   1 
ATOM 509  N NE2   . GLN B 2 55  ? -4.898  -3.679  11.219  1.00 13.25 ? 55  GLN E NE2   1 
ATOM 510  N N     . ALA B 2 56  ? -9.539  -6.196  8.384   1.00 1.35  ? 56  ALA E N     1 
ATOM 511  C CA    . ALA B 2 56  ? -10.738 -6.887  7.963   1.00 1.35  ? 56  ALA E CA    1 
ATOM 512  C C     . ALA B 2 56  ? -10.542 -7.601  6.622   1.00 1.35  ? 56  ALA E C     1 
ATOM 513  O O     . ALA B 2 56  ? -11.158 -8.631  6.459   1.00 1.35  ? 56  ALA E O     1 
ATOM 514  C CB    . ALA B 2 56  ? -11.920 -5.982  7.768   1.00 1.35  ? 56  ALA E CB    1 
ATOM 515  N N     . VAL B 2 57  ? -9.601  -7.303  5.733   1.00 1.00  ? 57  VAL E N     1 
ATOM 516  C CA    . VAL B 2 57  ? -9.569  -7.959  4.449   1.00 1.00  ? 57  VAL E CA    1 
ATOM 517  C C     . VAL B 2 57  ? -9.022  -9.395  4.451   1.00 1.00  ? 57  VAL E C     1 
ATOM 518  O O     . VAL B 2 57  ? -9.394  -10.196 3.594   1.00 1.00  ? 57  VAL E O     1 
ATOM 519  C CB    . VAL B 2 57  ? -8.791  -7.100  3.432   1.00 1.00  ? 57  VAL E CB    1 
ATOM 520  C CG1   . VAL B 2 57  ? -9.749  -6.932  2.293   1.00 1.00  ? 57  VAL E CG1   1 
ATOM 521  C CG2   . VAL B 2 57  ? -8.432  -5.747  3.867   1.00 1.00  ? 57  VAL E CG2   1 
ATOM 522  N N     . CYS B 2 58  ? -8.288  -9.676  5.522   1.00 1.00  ? 58  CYS E N     1 
ATOM 523  C CA    . CYS B 2 58  ? -7.872  -11.004 5.994   1.00 1.00  ? 58  CYS E CA    1 
ATOM 524  C C     . CYS B 2 58  ? -8.947  -12.072 6.171   1.00 1.00  ? 58  CYS E C     1 
ATOM 525  O O     . CYS B 2 58  ? -8.706  -13.258 6.050   1.00 1.00  ? 58  CYS E O     1 
ATOM 526  C CB    . CYS B 2 58  ? -7.171  -10.889 7.342   1.00 1.00  ? 58  CYS E CB    1 
ATOM 527  S SG    . CYS B 2 58  ? -5.516  -10.163 7.129   1.00 1.23  ? 58  CYS E SG    1 
ATOM 528  N N     . SER B 2 59  ? -10.174 -11.703 6.456   1.00 5.00  ? 59  SER E N     1 
ATOM 529  C CA    . SER B 2 59  ? -11.237 -12.660 6.634   1.00 5.00  ? 59  SER E CA    1 
ATOM 530  C C     . SER B 2 59  ? -12.148 -12.664 5.419   1.00 5.00  ? 59  SER E C     1 
ATOM 531  O O     . SER B 2 59  ? -13.238 -13.265 5.414   1.00 5.00  ? 59  SER E O     1 
ATOM 532  C CB    . SER B 2 59  ? -12.014 -12.268 7.891   1.00 5.00  ? 59  SER E CB    1 
ATOM 533  O OG    . SER B 2 59  ? -11.379 -11.229 8.648   1.00 19.19 ? 59  SER E OG    1 
ATOM 534  N N     . GLN B 2 60  ? -11.715 -11.973 4.360   1.00 1.00  ? 60  GLN E N     1 
ATOM 535  C CA    . GLN B 2 60  ? -12.579 -11.785 3.195   1.00 1.00  ? 60  GLN E CA    1 
ATOM 536  C C     . GLN B 2 60  ? -12.110 -12.739 2.091   1.00 1.00  ? 60  GLN E C     1 
ATOM 537  O O     . GLN B 2 60  ? -11.535 -13.795 2.374   1.00 1.00  ? 60  GLN E O     1 
ATOM 538  C CB    . GLN B 2 60  ? -12.500 -10.277 2.832   1.00 1.00  ? 60  GLN E CB    1 
ATOM 539  C CG    . GLN B 2 60  ? -12.891 -9.302  3.954   1.00 1.00  ? 60  GLN E CG    1 
ATOM 540  C CD    . GLN B 2 60  ? -13.078 -7.803  3.622   1.00 1.00  ? 60  GLN E CD    1 
ATOM 541  O OE1   . GLN B 2 60  ? -13.060 -7.404  2.461   1.00 1.00  ? 60  GLN E OE1   1 
ATOM 542  N NE2   . GLN B 2 60  ? -13.331 -6.951  4.614   1.00 1.00  ? 60  GLN E NE2   1 
ATOM 543  N N     . LYS B 2 61  ? -12.206 -12.353 0.850   1.00 1.00  ? 61  LYS E N     1 
ATOM 544  C CA    . LYS B 2 61  ? -11.897 -13.234 -0.212  1.00 1.00  ? 61  LYS E CA    1 
ATOM 545  C C     . LYS B 2 61  ? -10.454 -13.744 -0.276  1.00 1.00  ? 61  LYS E C     1 
ATOM 546  O O     . LYS B 2 61  ? -9.493  -13.079 -0.650  1.00 1.00  ? 61  LYS E O     1 
ATOM 547  C CB    . LYS B 2 61  ? -12.338 -12.485 -1.457  1.00 1.00  ? 61  LYS E CB    1 
ATOM 548  C CG    . LYS B 2 61  ? -13.221 -13.322 -2.356  1.00 1.72  ? 61  LYS E CG    1 
ATOM 549  C CD    . LYS B 2 61  ? -12.571 -14.423 -3.247  1.00 1.72  ? 61  LYS E CD    1 
ATOM 550  C CE    . LYS B 2 61  ? -13.574 -15.136 -4.204  1.00 1.72  ? 61  LYS E CE    1 
ATOM 551  N NZ    . LYS B 2 61  ? -13.907 -14.487 -5.483  1.00 1.72  ? 61  LYS E NZ    1 
ATOM 552  N N     . ASN B 2 62  ? -10.318 -15.020 0.040   1.00 1.00  ? 62  ASN E N     1 
ATOM 553  C CA    . ASN B 2 62  ? -9.093  -15.833 -0.076  1.00 1.00  ? 62  ASN E CA    1 
ATOM 554  C C     . ASN B 2 62  ? -8.758  -16.191 -1.538  1.00 1.00  ? 62  ASN E C     1 
ATOM 555  O O     . ASN B 2 62  ? -9.211  -17.161 -2.111  1.00 1.00  ? 62  ASN E O     1 
ATOM 556  C CB    . ASN B 2 62  ? -9.214  -17.165 0.791   1.00 1.00  ? 62  ASN E CB    1 
ATOM 557  C CG    . ASN B 2 62  ? -8.014  -18.116 0.589   1.00 16.20 ? 62  ASN E CG    1 
ATOM 558  O OD1   . ASN B 2 62  ? -8.064  -19.371 0.710   1.00 16.20 ? 62  ASN E OD1   1 
ATOM 559  N ND2   . ASN B 2 62  ? -6.869  -17.549 0.196   1.00 16.20 ? 62  ASN E ND2   1 
ATOM 560  N N     . VAL B 2 63  ? -7.880  -15.380 -2.109  1.00 4.26  ? 63  VAL E N     1 
ATOM 561  C CA    . VAL B 2 63  ? -7.424  -15.389 -3.512  1.00 4.26  ? 63  VAL E CA    1 
ATOM 562  C C     . VAL B 2 63  ? -5.927  -15.657 -3.560  1.00 4.26  ? 63  VAL E C     1 
ATOM 563  O O     . VAL B 2 63  ? -5.187  -15.497 -2.567  1.00 4.26  ? 63  VAL E O     1 
ATOM 564  C CB    . VAL B 2 63  ? -7.680  -14.022 -4.287  1.00 4.26  ? 63  VAL E CB    1 
ATOM 565  C CG1   . VAL B 2 63  ? -9.179  -13.771 -4.537  1.00 5.70  ? 63  VAL E CG1   1 
ATOM 566  C CG2   . VAL B 2 63  ? -7.022  -12.896 -3.462  1.00 5.70  ? 63  VAL E CG2   1 
ATOM 567  N N     . ALA B 2 64  ? -5.515  -16.113 -4.733  1.00 1.00  ? 64  ALA E N     1 
ATOM 568  C CA    . ALA B 2 64  ? -4.127  -16.305 -4.882  1.00 1.00  ? 64  ALA E CA    1 
ATOM 569  C C     . ALA B 2 64  ? -3.403  -14.965 -4.959  1.00 1.00  ? 64  ALA E C     1 
ATOM 570  O O     . ALA B 2 64  ? -3.862  -13.867 -5.342  1.00 1.00  ? 64  ALA E O     1 
ATOM 571  C CB    . ALA B 2 64  ? -3.801  -17.065 -6.125  1.00 1.00  ? 64  ALA E CB    1 
ATOM 572  N N     . CYS B 2 65  ? -2.178  -15.210 -4.484  1.00 3.31  ? 65  CYS E N     1 
ATOM 573  C CA    . CYS B 2 65  ? -1.148  -14.205 -4.508  1.00 3.31  ? 65  CYS E CA    1 
ATOM 574  C C     . CYS B 2 65  ? -0.681  -14.094 -5.949  1.00 3.31  ? 65  CYS E C     1 
ATOM 575  O O     . CYS B 2 65  ? -0.651  -15.112 -6.664  1.00 3.31  ? 65  CYS E O     1 
ATOM 576  C CB    . CYS B 2 65  ? 0.014   -14.581 -3.608  1.00 3.31  ? 65  CYS E CB    1 
ATOM 577  S SG    . CYS B 2 65  ? -0.247  -14.386 -1.810  1.00 3.96  ? 65  CYS E SG    1 
ATOM 578  N N     . LYS B 2 66  ? -0.365  -12.859 -6.389  1.00 5.46  ? 66  LYS E N     1 
ATOM 579  C CA    . LYS B 2 66  ? 0.258   -12.587 -7.698  1.00 5.46  ? 66  LYS E CA    1 
ATOM 580  C C     . LYS B 2 66  ? 1.446   -13.562 -7.871  1.00 5.46  ? 66  LYS E C     1 
ATOM 581  O O     . LYS B 2 66  ? 1.636   -14.287 -8.824  1.00 5.46  ? 66  LYS E O     1 
ATOM 582  C CB    . LYS B 2 66  ? 0.697   -11.119 -7.641  1.00 5.46  ? 66  LYS E CB    1 
ATOM 583  C CG    . LYS B 2 66  ? 1.196   -10.252 -8.806  1.00 14.45 ? 66  LYS E CG    1 
ATOM 584  C CD    . LYS B 2 66  ? 1.307   -8.792  -8.383  1.00 14.45 ? 66  LYS E CD    1 
ATOM 585  C CE    . LYS B 2 66  ? 2.504   -8.471  -7.438  1.00 14.45 ? 66  LYS E CE    1 
ATOM 586  N NZ    . LYS B 2 66  ? 3.096   -7.134  -7.615  1.00 14.45 ? 66  LYS E NZ    1 
ATOM 587  N N     . ASN B 2 67  ? 2.216   -13.697 -6.804  1.00 5.42  ? 67  ASN E N     1 
ATOM 588  C CA    . ASN B 2 67  ? 3.367   -14.549 -6.767  1.00 5.42  ? 67  ASN E CA    1 
ATOM 589  C C     . ASN B 2 67  ? 3.144   -16.048 -6.403  1.00 5.42  ? 67  ASN E C     1 
ATOM 590  O O     . ASN B 2 67  ? 4.098   -16.794 -6.226  1.00 5.42  ? 67  ASN E O     1 
ATOM 591  C CB    . ASN B 2 67  ? 4.338   -13.734 -5.843  1.00 5.42  ? 67  ASN E CB    1 
ATOM 592  C CG    . ASN B 2 67  ? 3.887   -13.409 -4.398  1.00 21.23 ? 67  ASN E CG    1 
ATOM 593  O OD1   . ASN B 2 67  ? 3.380   -12.293 -4.061  1.00 21.23 ? 67  ASN E OD1   1 
ATOM 594  N ND2   . ASN B 2 67  ? 4.005   -14.486 -3.577  1.00 21.23 ? 67  ASN E ND2   1 
ATOM 595  N N     . GLY B 2 68  ? 1.938   -16.616 -6.331  1.00 8.42  ? 68  GLY E N     1 
ATOM 596  C CA    . GLY B 2 68  ? 1.729   -18.072 -6.202  1.00 8.42  ? 68  GLY E CA    1 
ATOM 597  C C     . GLY B 2 68  ? 1.403   -18.641 -4.792  1.00 8.42  ? 68  GLY E C     1 
ATOM 598  O O     . GLY B 2 68  ? 1.446   -19.857 -4.617  1.00 8.42  ? 68  GLY E O     1 
ATOM 599  N N     . GLN B 2 69  ? 1.030   -17.811 -3.798  1.00 1.00  ? 69  GLN E N     1 
ATOM 600  C CA    . GLN B 2 69  ? 0.860   -18.181 -2.391  1.00 1.00  ? 69  GLN E CA    1 
ATOM 601  C C     . GLN B 2 69  ? -0.633  -18.213 -2.157  1.00 1.00  ? 69  GLN E C     1 
ATOM 602  O O     . GLN B 2 69  ? -1.401  -17.477 -2.827  1.00 1.00  ? 69  GLN E O     1 
ATOM 603  C CB    . GLN B 2 69  ? 1.536   -17.082 -1.532  1.00 1.00  ? 69  GLN E CB    1 
ATOM 604  C CG    . GLN B 2 69  ? 2.515   -17.273 -0.393  1.00 11.96 ? 69  GLN E CG    1 
ATOM 605  C CD    . GLN B 2 69  ? 3.832   -17.960 -0.815  1.00 11.96 ? 69  GLN E CD    1 
ATOM 606  O OE1   . GLN B 2 69  ? 4.159   -18.048 -2.004  1.00 11.96 ? 69  GLN E OE1   1 
ATOM 607  N NE2   . GLN B 2 69  ? 4.665   -18.495 0.096   1.00 11.96 ? 69  GLN E NE2   1 
ATOM 608  N N     . THR B 2 70  ? -1.050  -19.047 -1.218  1.00 3.56  ? 70  THR E N     1 
ATOM 609  C CA    . THR B 2 70  ? -2.462  -19.060 -0.876  1.00 3.56  ? 70  THR E CA    1 
ATOM 610  C C     . THR B 2 70  ? -3.075  -18.103 0.179   1.00 3.56  ? 70  THR E C     1 
ATOM 611  O O     . THR B 2 70  ? -4.291  -18.016 0.257   1.00 3.56  ? 70  THR E O     1 
ATOM 612  C CB    . THR B 2 70  ? -2.775  -20.453 -0.552  1.00 3.56  ? 70  THR E CB    1 
ATOM 613  O OG1   . THR B 2 70  ? -1.636  -21.193 -0.126  1.00 8.05  ? 70  THR E OG1   1 
ATOM 614  C CG2   . THR B 2 70  ? -3.376  -20.971 -1.774  1.00 8.05  ? 70  THR E CG2   1 
ATOM 615  N N     . ASN B 2 71  ? -2.261  -17.258 0.823   1.00 1.00  ? 71  ASN E N     1 
ATOM 616  C CA    . ASN B 2 71  ? -2.662  -16.392 1.871   1.00 1.00  ? 71  ASN E CA    1 
ATOM 617  C C     . ASN B 2 71  ? -2.905  -14.930 1.568   1.00 1.00  ? 71  ASN E C     1 
ATOM 618  O O     . ASN B 2 71  ? -2.673  -14.039 2.417   1.00 1.00  ? 71  ASN E O     1 
ATOM 619  C CB    . ASN B 2 71  ? -1.670  -16.448 2.983   1.00 1.00  ? 71  ASN E CB    1 
ATOM 620  C CG    . ASN B 2 71  ? -0.262  -16.049 2.650   1.00 2.47  ? 71  ASN E CG    1 
ATOM 621  O OD1   . ASN B 2 71  ? 0.156   -16.349 1.556   1.00 2.47  ? 71  ASN E OD1   1 
ATOM 622  N ND2   . ASN B 2 71  ? 0.593   -15.541 3.508   1.00 2.47  ? 71  ASN E ND2   1 
ATOM 623  N N     . CYS B 2 72  ? -3.408  -14.712 0.373   1.00 2.02  ? 72  CYS E N     1 
ATOM 624  C CA    . CYS B 2 72  ? -3.866  -13.411 -0.022  1.00 2.02  ? 72  CYS E CA    1 
ATOM 625  C C     . CYS B 2 72  ? -5.378  -13.350 0.068   1.00 2.02  ? 72  CYS E C     1 
ATOM 626  O O     . CYS B 2 72  ? -6.101  -14.324 0.203   1.00 2.02  ? 72  CYS E O     1 
ATOM 627  C CB    . CYS B 2 72  ? -3.323  -13.068 -1.457  1.00 2.02  ? 72  CYS E CB    1 
ATOM 628  S SG    . CYS B 2 72  ? -1.507  -12.845 -1.417  1.00 3.32  ? 72  CYS E SG    1 
ATOM 629  N N     . TYR B 2 73  ? -5.802  -12.113 0.160   1.00 2.85  ? 73  TYR E N     1 
ATOM 630  C CA    . TYR B 2 73  ? -7.162  -11.690 0.387   1.00 2.85  ? 73  TYR E CA    1 
ATOM 631  C C     . TYR B 2 73  ? -7.709  -10.499 -0.331  1.00 2.85  ? 73  TYR E C     1 
ATOM 632  O O     . TYR B 2 73  ? -7.283  -9.435  0.052   1.00 2.85  ? 73  TYR E O     1 
ATOM 633  C CB    . TYR B 2 73  ? -7.380  -11.382 1.858   1.00 2.85  ? 73  TYR E CB    1 
ATOM 634  C CG    . TYR B 2 73  ? -7.361  -12.675 2.587   1.00 2.06  ? 73  TYR E CG    1 
ATOM 635  C CD1   . TYR B 2 73  ? -8.455  -13.463 2.470   1.00 2.06  ? 73  TYR E CD1   1 
ATOM 636  C CD2   . TYR B 2 73  ? -6.208  -13.088 3.242   1.00 2.06  ? 73  TYR E CD2   1 
ATOM 637  C CE1   . TYR B 2 73  ? -8.384  -14.687 3.032   1.00 2.06  ? 73  TYR E CE1   1 
ATOM 638  C CE2   . TYR B 2 73  ? -6.155  -14.323 3.798   1.00 2.06  ? 73  TYR E CE2   1 
ATOM 639  C CZ    . TYR B 2 73  ? -7.255  -15.087 3.692   1.00 2.06  ? 73  TYR E CZ    1 
ATOM 640  O OH    . TYR B 2 73  ? -7.281  -16.271 4.345   1.00 2.06  ? 73  TYR E OH    1 
ATOM 641  N N     . GLN B 2 74  ? -8.631  -10.656 -1.283  1.00 3.18  ? 74  GLN E N     1 
ATOM 642  C CA    . GLN B 2 74  ? -9.425  -9.621  -1.954  1.00 3.18  ? 74  GLN E CA    1 
ATOM 643  C C     . GLN B 2 74  ? -10.491 -8.922  -1.072  1.00 3.18  ? 74  GLN E C     1 
ATOM 644  O O     . GLN B 2 74  ? -11.322 -9.562  -0.425  1.00 3.18  ? 74  GLN E O     1 
ATOM 645  C CB    . GLN B 2 74  ? -10.192 -10.223 -3.189  1.00 3.18  ? 74  GLN E CB    1 
ATOM 646  C CG    . GLN B 2 74  ? -10.999 -9.499  -4.354  1.00 1.00  ? 74  GLN E CG    1 
ATOM 647  C CD    . GLN B 2 74  ? -10.104 -8.633  -5.255  1.00 1.00  ? 74  GLN E CD    1 
ATOM 648  O OE1   . GLN B 2 74  ? -9.741  -7.511  -4.870  1.00 1.00  ? 74  GLN E OE1   1 
ATOM 649  N NE2   . GLN B 2 74  ? -9.668  -9.023  -6.448  1.00 1.00  ? 74  GLN E NE2   1 
ATOM 650  N N     . SER B 2 75  ? -10.416 -7.586  -1.056  1.00 9.57  ? 75  SER E N     1 
ATOM 651  C CA    . SER B 2 75  ? -11.420 -6.692  -0.477  1.00 9.57  ? 75  SER E CA    1 
ATOM 652  C C     . SER B 2 75  ? -12.756 -6.886  -1.184  1.00 9.57  ? 75  SER E C     1 
ATOM 653  O O     . SER B 2 75  ? -12.916 -6.558  -2.369  1.00 9.57  ? 75  SER E O     1 
ATOM 654  C CB    . SER B 2 75  ? -11.060 -5.162  -0.628  1.00 9.57  ? 75  SER E CB    1 
ATOM 655  O OG    . SER B 2 75  ? -10.031 -4.590  0.203   1.00 27.82 ? 75  SER E OG    1 
ATOM 656  N N     . TYR B 2 76  ? -13.684 -7.384  -0.393  1.00 1.00  ? 76  TYR E N     1 
ATOM 657  C CA    . TYR B 2 76  ? -15.046 -7.599  -0.764  1.00 1.00  ? 76  TYR E CA    1 
ATOM 658  C C     . TYR B 2 76  ? -15.524 -6.257  -1.322  1.00 1.00  ? 76  TYR E C     1 
ATOM 659  O O     . TYR B 2 76  ? -16.105 -6.274  -2.395  1.00 1.00  ? 76  TYR E O     1 
ATOM 660  C CB    . TYR B 2 76  ? -15.748 -8.113  0.534   1.00 1.00  ? 76  TYR E CB    1 
ATOM 661  C CG    . TYR B 2 76  ? -15.703 -9.632  0.792   1.00 13.09 ? 76  TYR E CG    1 
ATOM 662  C CD1   . TYR B 2 76  ? -15.146 -10.487 -0.150  1.00 13.09 ? 76  TYR E CD1   1 
ATOM 663  C CD2   . TYR B 2 76  ? -16.249 -10.172 1.960   1.00 13.09 ? 76  TYR E CD2   1 
ATOM 664  C CE1   . TYR B 2 76  ? -15.142 -11.831 0.076   1.00 13.09 ? 76  TYR E CE1   1 
ATOM 665  C CE2   . TYR B 2 76  ? -16.230 -11.543 2.196   1.00 13.09 ? 76  TYR E CE2   1 
ATOM 666  C CZ    . TYR B 2 76  ? -15.664 -12.390 1.233   1.00 13.09 ? 76  TYR E CZ    1 
ATOM 667  O OH    . TYR B 2 76  ? -15.469 -13.768 1.450   1.00 13.09 ? 76  TYR E OH    1 
ATOM 668  N N     . SER B 2 77  ? -15.103 -5.100  -0.727  1.00 4.05  ? 77  SER E N     1 
ATOM 669  C CA    . SER B 2 77  ? -15.290 -3.740  -1.232  1.00 4.05  ? 77  SER E CA    1 
ATOM 670  C C     . SER B 2 77  ? -14.172 -3.057  -2.064  1.00 4.05  ? 77  SER E C     1 
ATOM 671  O O     . SER B 2 77  ? -13.107 -3.581  -2.481  1.00 4.05  ? 77  SER E O     1 
ATOM 672  C CB    . SER B 2 77  ? -15.630 -2.814  -0.065  1.00 4.05  ? 77  SER E CB    1 
ATOM 673  O OG    . SER B 2 77  ? -17.044 -2.543  0.162   1.00 18.74 ? 77  SER E OG    1 
ATOM 674  N N     . THR B 2 78  ? -14.657 -1.879  -2.486  1.00 1.00  ? 78  THR E N     1 
ATOM 675  C CA    . THR B 2 78  ? -13.884 -0.885  -3.193  1.00 1.00  ? 78  THR E CA    1 
ATOM 676  C C     . THR B 2 78  ? -13.217 -0.016  -2.115  1.00 1.00  ? 78  THR E C     1 
ATOM 677  O O     . THR B 2 78  ? -13.923 0.339   -1.158  1.00 1.00  ? 78  THR E O     1 
ATOM 678  C CB    . THR B 2 78  ? -14.937 -0.219  -4.055  1.00 1.00  ? 78  THR E CB    1 
ATOM 679  O OG1   . THR B 2 78  ? -14.802 -0.847  -5.291  1.00 11.99 ? 78  THR E OG1   1 
ATOM 680  C CG2   . THR B 2 78  ? -14.834 1.255   -4.212  1.00 11.99 ? 78  THR E CG2   1 
ATOM 681  N N     . MET B 2 79  ? -11.927 0.310   -2.139  1.00 1.00  ? 79  MET E N     1 
ATOM 682  C CA    . MET B 2 79  ? -11.254 1.178   -1.196  1.00 1.00  ? 79  MET E CA    1 
ATOM 683  C C     . MET B 2 79  ? -10.544 2.189   -2.020  1.00 1.00  ? 79  MET E C     1 
ATOM 684  O O     . MET B 2 79  ? -10.117 1.892   -3.117  1.00 1.00  ? 79  MET E O     1 
ATOM 685  C CB    . MET B 2 79  ? -10.226 0.477   -0.372  1.00 1.00  ? 79  MET E CB    1 
ATOM 686  C CG    . MET B 2 79  ? -10.495 -0.954  0.104   1.00 3.69  ? 79  MET E CG    1 
ATOM 687  S SD    . MET B 2 79  ? -10.799 -1.413  1.836   1.00 3.69  ? 79  MET E SD    1 
ATOM 688  C CE    . MET B 2 79  ? -9.170  -1.926  2.195   1.00 3.69  ? 79  MET E CE    1 
ATOM 689  N N     . SER B 2 80  ? -10.438 3.395   -1.528  1.00 2.33  ? 80  SER E N     1 
ATOM 690  C CA    . SER B 2 80  ? -9.690  4.464   -2.171  1.00 2.33  ? 80  SER E CA    1 
ATOM 691  C C     . SER B 2 80  ? -8.290  4.190   -1.780  1.00 2.33  ? 80  SER E C     1 
ATOM 692  O O     . SER B 2 80  ? -7.966  3.875   -0.607  1.00 2.33  ? 80  SER E O     1 
ATOM 693  C CB    . SER B 2 80  ? -9.979  5.844   -1.684  1.00 2.33  ? 80  SER E CB    1 
ATOM 694  O OG    . SER B 2 80  ? -9.533  6.103   -0.371  1.00 1.14  ? 80  SER E OG    1 
ATOM 695  N N     . ILE B 2 81  ? -7.560  4.242   -2.884  1.00 6.06  ? 81  ILE E N     1 
ATOM 696  C CA    . ILE B 2 81  ? -6.135  4.036   -2.974  1.00 6.06  ? 81  ILE E CA    1 
ATOM 697  C C     . ILE B 2 81  ? -5.459  5.111   -3.822  1.00 6.06  ? 81  ILE E C     1 
ATOM 698  O O     . ILE B 2 81  ? -6.019  5.646   -4.804  1.00 6.06  ? 81  ILE E O     1 
ATOM 699  C CB    . ILE B 2 81  ? -5.801  2.625   -3.548  1.00 6.06  ? 81  ILE E CB    1 
ATOM 700  C CG1   . ILE B 2 81  ? -6.726  2.135   -4.659  1.00 1.00  ? 81  ILE E CG1   1 
ATOM 701  C CG2   . ILE B 2 81  ? -5.773  1.732   -2.304  1.00 1.00  ? 81  ILE E CG2   1 
ATOM 702  C CD1   . ILE B 2 81  ? -6.058  1.279   -5.726  1.00 1.00  ? 81  ILE E CD1   1 
ATOM 703  N N     . THR B 2 82  ? -4.290  5.554   -3.354  1.00 1.00  ? 82  THR E N     1 
ATOM 704  C CA    . THR B 2 82  ? -3.474  6.393   -4.191  1.00 1.00  ? 82  THR E CA    1 
ATOM 705  C C     . THR B 2 82  ? -2.378  5.467   -4.612  1.00 1.00  ? 82  THR E C     1 
ATOM 706  O O     . THR B 2 82  ? -2.054  4.631   -3.771  1.00 1.00  ? 82  THR E O     1 
ATOM 707  C CB    . THR B 2 82  ? -2.922  7.574   -3.421  1.00 1.00  ? 82  THR E CB    1 
ATOM 708  O OG1   . THR B 2 82  ? -3.982  8.535   -3.366  1.00 1.00  ? 82  THR E OG1   1 
ATOM 709  C CG2   . THR B 2 82  ? -1.644  8.117   -4.040  1.00 1.00  ? 82  THR E CG2   1 
ATOM 710  N N     . ASP B 2 83  ? -1.832  5.529   -5.829  1.00 9.65  ? 83  ASP E N     1 
ATOM 711  C CA    . ASP B 2 83  ? -0.729  4.668   -6.285  1.00 9.65  ? 83  ASP E CA    1 
ATOM 712  C C     . ASP B 2 83  ? 0.358   5.630   -6.720  1.00 9.65  ? 83  ASP E C     1 
ATOM 713  O O     . ASP B 2 83  ? 0.001   6.637   -7.316  1.00 9.65  ? 83  ASP E O     1 
ATOM 714  C CB    . ASP B 2 83  ? -0.984  3.786   -7.540  1.00 9.65  ? 83  ASP E CB    1 
ATOM 715  C CG    . ASP B 2 83  ? -1.953  2.618   -7.486  1.00 9.01  ? 83  ASP E CG    1 
ATOM 716  O OD1   . ASP B 2 83  ? -2.471  2.328   -6.425  1.00 9.01  ? 83  ASP E OD1   1 
ATOM 717  O OD2   . ASP B 2 83  ? -2.216  1.975   -8.517  1.00 9.01  ? 83  ASP E OD2   1 
ATOM 718  N N     . CYS B 2 84  ? 1.628   5.365   -6.449  1.00 4.08  ? 84  CYS E N     1 
ATOM 719  C CA    . CYS B 2 84  ? 2.693   6.268   -6.695  1.00 4.08  ? 84  CYS E CA    1 
ATOM 720  C C     . CYS B 2 84  ? 3.638   5.522   -7.618  1.00 4.08  ? 84  CYS E C     1 
ATOM 721  O O     . CYS B 2 84  ? 4.256   4.538   -7.246  1.00 4.08  ? 84  CYS E O     1 
ATOM 722  C CB    . CYS B 2 84  ? 3.258   6.573   -5.359  1.00 4.08  ? 84  CYS E CB    1 
ATOM 723  S SG    . CYS B 2 84  ? 2.132   7.414   -4.252  1.00 22.07 ? 84  CYS E SG    1 
ATOM 724  N N     . ARG B 2 85  ? 3.777   5.934   -8.846  1.00 1.00  ? 85  ARG E N     1 
ATOM 725  C CA    . ARG B 2 85  ? 4.539   5.184   -9.789  1.00 1.00  ? 85  ARG E CA    1 
ATOM 726  C C     . ARG B 2 85  ? 5.807   5.938   -10.076 1.00 1.00  ? 85  ARG E C     1 
ATOM 727  O O     . ARG B 2 85  ? 5.667   7.130   -10.334 1.00 1.00  ? 85  ARG E O     1 
ATOM 728  C CB    . ARG B 2 85  ? 3.592   4.972   -10.985 1.00 1.00  ? 85  ARG E CB    1 
ATOM 729  C CG    . ARG B 2 85  ? 3.154   3.539   -10.831 1.00 12.54 ? 85  ARG E CG    1 
ATOM 730  C CD    . ARG B 2 85  ? 2.197   2.822   -11.873 1.00 12.54 ? 85  ARG E CD    1 
ATOM 731  N NE    . ARG B 2 85  ? 0.745   3.139   -12.000 1.00 12.54 ? 85  ARG E NE    1 
ATOM 732  C CZ    . ARG B 2 85  ? -0.227  2.606   -11.239 1.00 12.54 ? 85  ARG E CZ    1 
ATOM 733  N NH1   . ARG B 2 85  ? 0.141   1.789   -10.202 1.00 12.54 ? 85  ARG E NH1   1 
ATOM 734  N NH2   . ARG B 2 85  ? -1.544  2.910   -11.490 1.00 12.54 ? 85  ARG E NH2   1 
ATOM 735  N N     . GLU B 2 86  ? 7.017   5.333   -10.009 1.00 12.63 ? 86  GLU E N     1 
ATOM 736  C CA    . GLU B 2 86  ? 8.313   6.059   -10.289 1.00 12.63 ? 86  GLU E CA    1 
ATOM 737  C C     . GLU B 2 86  ? 8.326   6.780   -11.639 1.00 12.63 ? 86  GLU E C     1 
ATOM 738  O O     . GLU B 2 86  ? 8.118   6.086   -12.635 1.00 12.63 ? 86  GLU E O     1 
ATOM 739  C CB    . GLU B 2 86  ? 9.577   5.178   -10.350 1.00 12.63 ? 86  GLU E CB    1 
ATOM 740  C CG    . GLU B 2 86  ? 10.570  5.002   -9.182  1.00 7.81  ? 86  GLU E CG    1 
ATOM 741  C CD    . GLU B 2 86  ? 12.048  4.966   -9.649  1.00 7.81  ? 86  GLU E CD    1 
ATOM 742  O OE1   . GLU B 2 86  ? 12.473  4.018   -10.316 1.00 7.81  ? 86  GLU E OE1   1 
ATOM 743  O OE2   . GLU B 2 86  ? 12.764  5.940   -9.370  1.00 7.81  ? 86  GLU E OE2   1 
ATOM 744  N N     . THR B 2 87  ? 8.458   8.116   -11.768 1.00 9.86  ? 87  THR E N     1 
ATOM 745  C CA    . THR B 2 87  ? 8.542   8.779   -13.077 1.00 9.86  ? 87  THR E CA    1 
ATOM 746  C C     . THR B 2 87  ? 10.004  8.770   -13.559 1.00 9.86  ? 87  THR E C     1 
ATOM 747  O O     . THR B 2 87  ? 10.880  9.027   -12.735 1.00 9.86  ? 87  THR E O     1 
ATOM 748  C CB    . THR B 2 87  ? 8.035   10.224  -12.967 1.00 9.86  ? 87  THR E CB    1 
ATOM 749  O OG1   . THR B 2 87  ? 8.180   10.799  -14.248 1.00 10.29 ? 87  THR E OG1   1 
ATOM 750  C CG2   . THR B 2 87  ? 8.829   11.081  -12.008 1.00 10.29 ? 87  THR E CG2   1 
ATOM 751  N N     . GLY B 2 88  ? 10.358  8.440   -14.833 1.00 9.93  ? 88  GLY E N     1 
ATOM 752  C CA    . GLY B 2 88  ? 11.748  8.554   -15.405 1.00 9.93  ? 88  GLY E CA    1 
ATOM 753  C C     . GLY B 2 88  ? 12.257  9.987   -15.195 1.00 9.93  ? 88  GLY E C     1 
ATOM 754  O O     . GLY B 2 88  ? 11.738  10.851  -15.861 1.00 9.93  ? 88  GLY E O     1 
ATOM 755  N N     . SER B 2 89  ? 13.187  10.364  -14.315 1.00 8.69  ? 89  SER E N     1 
ATOM 756  C CA    . SER B 2 89  ? 13.504  11.785  -13.989 1.00 8.69  ? 89  SER E CA    1 
ATOM 757  C C     . SER B 2 89  ? 13.845  11.685  -12.536 1.00 8.69  ? 89  SER E C     1 
ATOM 758  O O     . SER B 2 89  ? 14.837  12.276  -12.149 1.00 8.69  ? 89  SER E O     1 
ATOM 759  C CB    . SER B 2 89  ? 12.341  12.902  -14.019 1.00 8.69  ? 89  SER E CB    1 
ATOM 760  O OG    . SER B 2 89  ? 12.722  14.134  -13.393 1.00 15.53 ? 89  SER E OG    1 
ATOM 761  N N     . SER B 2 90  ? 12.983  10.967  -11.779 1.00 1.00  ? 90  SER E N     1 
ATOM 762  C CA    . SER B 2 90  ? 13.192  10.528  -10.400 1.00 1.00  ? 90  SER E CA    1 
ATOM 763  C C     . SER B 2 90  ? 14.542  9.801   -10.487 1.00 1.00  ? 90  SER E C     1 
ATOM 764  O O     . SER B 2 90  ? 14.783  8.821   -11.248 1.00 1.00  ? 90  SER E O     1 
ATOM 765  C CB    . SER B 2 90  ? 12.115  9.528   -9.975  1.00 1.00  ? 90  SER E CB    1 
ATOM 766  O OG    . SER B 2 90  ? 12.227  8.997   -8.683  1.00 1.42  ? 90  SER E OG    1 
ATOM 767  N N     . LYS B 2 91  ? 15.389  10.427  -9.680  1.00 4.34  ? 91  LYS E N     1 
ATOM 768  C CA    . LYS B 2 91  ? 16.764  10.005  -9.663  1.00 4.34  ? 91  LYS E CA    1 
ATOM 769  C C     . LYS B 2 91  ? 17.020  9.831   -8.196  1.00 4.34  ? 91  LYS E C     1 
ATOM 770  O O     . LYS B 2 91  ? 16.954  10.834  -7.470  1.00 4.34  ? 91  LYS E O     1 
ATOM 771  C CB    . LYS B 2 91  ? 17.633  11.132  -10.322 1.00 4.34  ? 91  LYS E CB    1 
ATOM 772  C CG    . LYS B 2 91  ? 18.506  10.681  -11.504 1.00 21.35 ? 91  LYS E CG    1 
ATOM 773  C CD    . LYS B 2 91  ? 17.822  10.714  -12.906 1.00 21.35 ? 91  LYS E CD    1 
ATOM 774  C CE    . LYS B 2 91  ? 17.238  9.374   -13.560 1.00 21.35 ? 91  LYS E CE    1 
ATOM 775  N NZ    . LYS B 2 91  ? 17.487  8.043   -12.925 1.00 21.35 ? 91  LYS E NZ    1 
ATOM 776  N N     . TYR B 2 92  ? 17.265  8.622   -7.693  1.00 12.19 ? 92  TYR E N     1 
ATOM 777  C CA    . TYR B 2 92  ? 17.652  8.595   -6.273  1.00 12.19 ? 92  TYR E CA    1 
ATOM 778  C C     . TYR B 2 92  ? 19.055  9.229   -6.273  1.00 12.19 ? 92  TYR E C     1 
ATOM 779  O O     . TYR B 2 92  ? 19.988  8.770   -6.965  1.00 12.19 ? 92  TYR E O     1 
ATOM 780  C CB    . TYR B 2 92  ? 17.706  7.178   -5.712  1.00 12.19 ? 92  TYR E CB    1 
ATOM 781  C CG    . TYR B 2 92  ? 18.283  7.238   -4.315  1.00 1.68  ? 92  TYR E CG    1 
ATOM 782  C CD1   . TYR B 2 92  ? 17.561  7.813   -3.275  1.00 1.68  ? 92  TYR E CD1   1 
ATOM 783  C CD2   . TYR B 2 92  ? 19.617  6.850   -4.178  1.00 1.68  ? 92  TYR E CD2   1 
ATOM 784  C CE1   . TYR B 2 92  ? 18.218  8.042   -2.064  1.00 1.68  ? 92  TYR E CE1   1 
ATOM 785  C CE2   . TYR B 2 92  ? 20.272  7.064   -3.000  1.00 1.68  ? 92  TYR E CE2   1 
ATOM 786  C CZ    . TYR B 2 92  ? 19.572  7.669   -1.955  1.00 1.68  ? 92  TYR E CZ    1 
ATOM 787  O OH    . TYR B 2 92  ? 20.304  7.984   -0.828  1.00 1.68  ? 92  TYR E OH    1 
ATOM 788  N N     . PRO B 2 93  ? 19.244  10.346  -5.575  1.00 19.37 ? 93  PRO E N     1 
ATOM 789  C CA    . PRO B 2 93  ? 18.518  10.734  -4.368  1.00 19.37 ? 93  PRO E CA    1 
ATOM 790  C C     . PRO B 2 93  ? 17.066  11.213  -4.304  1.00 19.37 ? 93  PRO E C     1 
ATOM 791  O O     . PRO B 2 93  ? 16.195  10.684  -3.605  1.00 19.37 ? 93  PRO E O     1 
ATOM 792  C CB    . PRO B 2 93  ? 19.533  11.733  -3.774  1.00 19.37 ? 93  PRO E CB    1 
ATOM 793  C CG    . PRO B 2 93  ? 20.117  12.497  -4.988  1.00 19.37 ? 93  PRO E CG    1 
ATOM 794  C CD    . PRO B 2 93  ? 20.319  11.299  -5.924  1.00 19.37 ? 93  PRO E CD    1 
ATOM 795  N N     . ASN B 2 94  ? 16.914  12.327  -5.005  1.00 14.63 ? 94  ASN E N     1 
ATOM 796  C CA    . ASN B 2 94  ? 15.727  13.177  -5.241  1.00 14.63 ? 94  ASN E CA    1 
ATOM 797  C C     . ASN B 2 94  ? 14.762  12.491  -6.260  1.00 14.63 ? 94  ASN E C     1 
ATOM 798  O O     . ASN B 2 94  ? 14.898  12.586  -7.493  1.00 14.63 ? 94  ASN E O     1 
ATOM 799  C CB    . ASN B 2 94  ? 16.264  14.538  -5.752  1.00 14.63 ? 94  ASN E CB    1 
ATOM 800  C CG    . ASN B 2 94  ? 17.593  14.542  -6.576  1.00 13.17 ? 94  ASN E CG    1 
ATOM 801  O OD1   . ASN B 2 94  ? 18.479  15.339  -6.281  1.00 13.17 ? 94  ASN E OD1   1 
ATOM 802  N ND2   . ASN B 2 94  ? 17.970  13.620  -7.504  1.00 13.17 ? 94  ASN E ND2   1 
ATOM 803  N N     . CYS B 2 95  ? 13.932  11.601  -5.678  1.00 24.32 ? 95  CYS E N     1 
ATOM 804  C CA    . CYS B 2 95  ? 12.896  10.788  -6.336  1.00 24.32 ? 95  CYS E CA    1 
ATOM 805  C C     . CYS B 2 95  ? 11.544  11.499  -6.431  1.00 24.32 ? 95  CYS E C     1 
ATOM 806  O O     . CYS B 2 95  ? 11.172  12.289  -5.551  1.00 24.32 ? 95  CYS E O     1 
ATOM 807  C CB    . CYS B 2 95  ? 12.569  9.469   -5.621  1.00 24.32 ? 95  CYS E CB    1 
ATOM 808  S SG    . CYS B 2 95  ? 14.147  8.740   -5.312  1.00 26.16 ? 95  CYS E SG    1 
ATOM 809  N N     . ALA B 2 96  ? 10.892  11.028  -7.510  1.00 12.73 ? 96  ALA E N     1 
ATOM 810  C CA    . ALA B 2 96  ? 9.632   11.511  -8.020  1.00 12.73 ? 96  ALA E CA    1 
ATOM 811  C C     . ALA B 2 96  ? 8.642   10.443  -8.541  1.00 12.73 ? 96  ALA E C     1 
ATOM 812  O O     . ALA B 2 96  ? 9.034   9.400   -9.117  1.00 12.73 ? 96  ALA E O     1 
ATOM 813  C CB    . ALA B 2 96  ? 9.949   12.538  -9.129  1.00 12.73 ? 96  ALA E CB    1 
ATOM 814  N N     . TYR B 2 97  ? 7.341   10.695  -8.402  1.00 1.99  ? 97  TYR E N     1 
ATOM 815  C CA    . TYR B 2 97  ? 6.370   9.672   -8.699  1.00 1.99  ? 97  TYR E CA    1 
ATOM 816  C C     . TYR B 2 97  ? 4.995   10.228  -9.093  1.00 1.99  ? 97  TYR E C     1 
ATOM 817  O O     . TYR B 2 97  ? 4.527   11.249  -8.586  1.00 1.99  ? 97  TYR E O     1 
ATOM 818  C CB    . TYR B 2 97  ? 6.138   8.723   -7.458  1.00 1.99  ? 97  TYR E CB    1 
ATOM 819  C CG    . TYR B 2 97  ? 7.328   8.007   -6.822  1.00 2.98  ? 97  TYR E CG    1 
ATOM 820  C CD1   . TYR B 2 97  ? 7.698   6.748   -7.239  1.00 2.98  ? 97  TYR E CD1   1 
ATOM 821  C CD2   . TYR B 2 97  ? 7.966   8.578   -5.748  1.00 2.98  ? 97  TYR E CD2   1 
ATOM 822  C CE1   . TYR B 2 97  ? 8.675   6.046   -6.615  1.00 2.98  ? 97  TYR E CE1   1 
ATOM 823  C CE2   . TYR B 2 97  ? 8.942   7.861   -5.123  1.00 2.98  ? 97  TYR E CE2   1 
ATOM 824  C CZ    . TYR B 2 97  ? 9.272   6.611   -5.552  1.00 2.98  ? 97  TYR E CZ    1 
ATOM 825  O OH    . TYR B 2 97  ? 10.149  5.889   -4.823  1.00 2.98  ? 97  TYR E OH    1 
ATOM 826  N N     . LYS B 2 98  ? 4.276   9.538   -9.965  1.00 22.42 ? 98  LYS E N     1 
ATOM 827  C CA    . LYS B 2 98  ? 2.953   9.945   -10.245 1.00 22.42 ? 98  LYS E CA    1 
ATOM 828  C C     . LYS B 2 98  ? 1.830   9.360   -9.325  1.00 22.42 ? 98  LYS E C     1 
ATOM 829  O O     . LYS B 2 98  ? 1.557   8.124   -9.237  1.00 22.42 ? 98  LYS E O     1 
ATOM 830  C CB    . LYS B 2 98  ? 2.848   9.652   -11.735 1.00 22.42 ? 98  LYS E CB    1 
ATOM 831  C CG    . LYS B 2 98  ? 1.606   10.314  -12.379 1.00 17.08 ? 98  LYS E CG    1 
ATOM 832  C CD    . LYS B 2 98  ? 1.378   11.900  -12.463 1.00 17.08 ? 98  LYS E CD    1 
ATOM 833  C CE    . LYS B 2 98  ? -0.138  12.348  -12.837 1.00 17.08 ? 98  LYS E CE    1 
ATOM 834  N NZ    . LYS B 2 98  ? -0.520  13.764  -12.535 1.00 17.08 ? 98  LYS E NZ    1 
ATOM 835  N N     . THR B 2 99  ? 1.177   10.366  -8.686  1.00 6.10  ? 99  THR E N     1 
ATOM 836  C CA    . THR B 2 99  ? 0.029   10.183  -7.800  1.00 6.10  ? 99  THR E CA    1 
ATOM 837  C C     . THR B 2 99  ? -1.240  9.871   -8.584  1.00 6.10  ? 99  THR E C     1 
ATOM 838  O O     . THR B 2 99  ? -1.762  10.729  -9.310  1.00 6.10  ? 99  THR E O     1 
ATOM 839  C CB    . THR B 2 99  ? -0.224  11.489  -6.923  1.00 6.10  ? 99  THR E CB    1 
ATOM 840  O OG1   . THR B 2 99  ? 1.052   11.909  -6.398  1.00 1.00  ? 99  THR E OG1   1 
ATOM 841  C CG2   . THR B 2 99  ? -1.253  11.256  -5.794  1.00 1.00  ? 99  THR E CG2   1 
ATOM 842  N N     . THR B 2 100 ? -1.731  8.650   -8.496  1.00 1.00  ? 100 THR E N     1 
ATOM 843  C CA    . THR B 2 100 ? -2.996  8.296   -9.118  1.00 1.00  ? 100 THR E CA    1 
ATOM 844  C C     . THR B 2 100 ? -4.000  7.895   -8.002  1.00 1.00  ? 100 THR E C     1 
ATOM 845  O O     . THR B 2 100 ? -3.706  7.067   -7.116  1.00 1.00  ? 100 THR E O     1 
ATOM 846  C CB    . THR B 2 100 ? -2.881  7.134   -10.039 1.00 1.00  ? 100 THR E CB    1 
ATOM 847  O OG1   . THR B 2 100 ? -1.537  6.927   -10.474 1.00 1.00  ? 100 THR E OG1   1 
ATOM 848  C CG2   . THR B 2 100 ? -3.872  7.404   -11.133 1.00 1.00  ? 100 THR E CG2   1 
ATOM 849  N N     . GLN B 2 101 ? -5.210  8.480   -7.957  1.00 7.40  ? 101 GLN E N     1 
ATOM 850  C CA    . GLN B 2 101 ? -6.153  8.177   -6.893  1.00 7.40  ? 101 GLN E CA    1 
ATOM 851  C C     . GLN B 2 101 ? -7.297  7.314   -7.479  1.00 7.40  ? 101 GLN E C     1 
ATOM 852  O O     . GLN B 2 101 ? -7.683  7.420   -8.645  1.00 7.40  ? 101 GLN E O     1 
ATOM 853  C CB    . GLN B 2 101 ? -6.526  9.583   -6.292  1.00 7.40  ? 101 GLN E CB    1 
ATOM 854  C CG    . GLN B 2 101 ? -7.791  9.706   -5.507  1.00 7.84  ? 101 GLN E CG    1 
ATOM 855  C CD    . GLN B 2 101 ? -7.932  8.630   -4.484  1.00 7.84  ? 101 GLN E CD    1 
ATOM 856  O OE1   . GLN B 2 101 ? -7.159  8.518   -3.535  1.00 7.84  ? 101 GLN E OE1   1 
ATOM 857  N NE2   . GLN B 2 101 ? -8.885  7.796   -4.733  1.00 7.84  ? 101 GLN E NE2   1 
ATOM 858  N N     . ALA B 2 102 ? -7.826  6.380   -6.735  1.00 2.87  ? 102 ALA E N     1 
ATOM 859  C CA    . ALA B 2 102 ? -8.764  5.447   -7.310  1.00 2.87  ? 102 ALA E CA    1 
ATOM 860  C C     . ALA B 2 102 ? -9.594  4.907   -6.158  1.00 2.87  ? 102 ALA E C     1 
ATOM 861  O O     . ALA B 2 102 ? -9.169  4.991   -5.023  1.00 2.87  ? 102 ALA E O     1 
ATOM 862  C CB    . ALA B 2 102 ? -7.972  4.297   -7.971  1.00 2.87  ? 102 ALA E CB    1 
ATOM 863  N N     . ASN B 2 103 ? -10.806 4.436   -6.454  1.00 15.90 ? 103 ASN E N     1 
ATOM 864  C CA    . ASN B 2 103 ? -11.543 3.553   -5.555  1.00 15.90 ? 103 ASN E CA    1 
ATOM 865  C C     . ASN B 2 103 ? -11.351 2.174   -6.251  1.00 15.90 ? 103 ASN E C     1 
ATOM 866  O O     . ASN B 2 103 ? -11.553 2.134   -7.471  1.00 15.90 ? 103 ASN E O     1 
ATOM 867  C CB    . ASN B 2 103 ? -12.977 3.934   -5.565  1.00 15.90 ? 103 ASN E CB    1 
ATOM 868  C CG    . ASN B 2 103 ? -13.446 4.493   -4.257  1.00 11.14 ? 103 ASN E CG    1 
ATOM 869  O OD1   . ASN B 2 103 ? -12.650 4.847   -3.401  1.00 11.14 ? 103 ASN E OD1   1 
ATOM 870  N ND2   . ASN B 2 103 ? -14.732 4.674   -4.046  1.00 11.14 ? 103 ASN E ND2   1 
ATOM 871  N N     . LYS B 2 104 ? -10.935 1.069   -5.635  1.00 11.00 ? 104 LYS E N     1 
ATOM 872  C CA    . LYS B 2 104 ? -10.611 -0.205  -6.290  1.00 11.00 ? 104 LYS E CA    1 
ATOM 873  C C     . LYS B 2 104 ? -10.699 -1.340  -5.307  1.00 11.00 ? 104 LYS E C     1 
ATOM 874  O O     . LYS B 2 104 ? -10.973 -1.091  -4.162  1.00 11.00 ? 104 LYS E O     1 
ATOM 875  C CB    . LYS B 2 104 ? -9.154  -0.339  -6.806  1.00 11.00 ? 104 LYS E CB    1 
ATOM 876  C CG    . LYS B 2 104 ? -8.729  0.523   -7.942  1.00 1.00  ? 104 LYS E CG    1 
ATOM 877  C CD    . LYS B 2 104 ? -7.971  -0.209  -8.997  1.00 1.00  ? 104 LYS E CD    1 
ATOM 878  C CE    . LYS B 2 104 ? -7.179  0.901   -9.588  1.00 1.00  ? 104 LYS E CE    1 
ATOM 879  N NZ    . LYS B 2 104 ? -6.323  0.537   -10.696 1.00 1.00  ? 104 LYS E NZ    1 
ATOM 880  N N     . HIS B 2 105 ? -10.421 -2.600  -5.551  1.00 8.03  ? 105 HIS E N     1 
ATOM 881  C CA    . HIS B 2 105 ? -10.369 -3.632  -4.509  1.00 8.03  ? 105 HIS E CA    1 
ATOM 882  C C     . HIS B 2 105 ? -8.930  -3.809  -4.232  1.00 8.03  ? 105 HIS E C     1 
ATOM 883  O O     . HIS B 2 105 ? -8.170  -3.536  -5.129  1.00 8.03  ? 105 HIS E O     1 
ATOM 884  C CB    . HIS B 2 105 ? -10.928 -4.912  -5.031  1.00 8.03  ? 105 HIS E CB    1 
ATOM 885  C CG    . HIS B 2 105 ? -12.388 -4.795  -5.274  1.00 1.75  ? 105 HIS E CG    1 
ATOM 886  N ND1   . HIS B 2 105 ? -13.178 -3.771  -5.108  1.00 1.75  ? 105 HIS E ND1   1 
ATOM 887  C CD2   . HIS B 2 105 ? -13.145 -5.861  -5.572  1.00 1.75  ? 105 HIS E CD2   1 
ATOM 888  C CE1   . HIS B 2 105 ? -14.403 -4.181  -5.275  1.00 1.75  ? 105 HIS E CE1   1 
ATOM 889  N NE2   . HIS B 2 105 ? -14.391 -5.444  -5.550  1.00 1.75  ? 105 HIS E NE2   1 
ATOM 890  N N     . ILE B 2 106 ? -8.438  -4.182  -3.069  1.00 1.00  ? 106 ILE E N     1 
ATOM 891  C CA    . ILE B 2 106 ? -7.023  -4.428  -2.856  1.00 1.00  ? 106 ILE E CA    1 
ATOM 892  C C     . ILE B 2 106 ? -6.895  -5.790  -2.242  1.00 1.00  ? 106 ILE E C     1 
ATOM 893  O O     . ILE B 2 106 ? -7.781  -6.333  -1.600  1.00 1.00  ? 106 ILE E O     1 
ATOM 894  C CB    . ILE B 2 106 ? -6.424  -3.294  -1.973  1.00 1.00  ? 106 ILE E CB    1 
ATOM 895  C CG1   . ILE B 2 106 ? -7.144  -2.905  -0.643  1.00 10.25 ? 106 ILE E CG1   1 
ATOM 896  C CG2   . ILE B 2 106 ? -6.462  -2.131  -2.984  1.00 10.25 ? 106 ILE E CG2   1 
ATOM 897  C CD1   . ILE B 2 106 ? -7.059  -3.920  0.512   1.00 10.25 ? 106 ILE E CD1   1 
ATOM 898  N N     . ILE B 2 107 ? -5.783  -6.349  -2.592  1.00 1.00  ? 107 ILE E N     1 
ATOM 899  C CA    . ILE B 2 107 ? -5.513  -7.684  -2.258  1.00 1.00  ? 107 ILE E CA    1 
ATOM 900  C C     . ILE B 2 107 ? -4.279  -7.532  -1.453  1.00 1.00  ? 107 ILE E C     1 
ATOM 901  O O     . ILE B 2 107 ? -3.353  -6.877  -1.896  1.00 1.00  ? 107 ILE E O     1 
ATOM 902  C CB    . ILE B 2 107 ? -5.242  -8.527  -3.484  1.00 1.00  ? 107 ILE E CB    1 
ATOM 903  C CG1   . ILE B 2 107 ? -6.102  -8.295  -4.696  1.00 1.00  ? 107 ILE E CG1   1 
ATOM 904  C CG2   . ILE B 2 107 ? -5.755  -9.844  -3.111  1.00 1.00  ? 107 ILE E CG2   1 
ATOM 905  C CD1   . ILE B 2 107 ? -6.643  -6.898  -5.006  1.00 1.00  ? 107 ILE E CD1   1 
ATOM 906  N N     . VAL B 2 108 ? -4.271  -8.074  -0.251  1.00 1.00  ? 108 VAL E N     1 
ATOM 907  C CA    . VAL B 2 108 ? -3.165  -8.122  0.681   1.00 1.00  ? 108 VAL E CA    1 
ATOM 908  C C     . VAL B 2 108 ? -3.052  -9.577  1.190   1.00 1.00  ? 108 VAL E C     1 
ATOM 909  O O     . VAL B 2 108 ? -3.983  -10.348 1.323   1.00 1.00  ? 108 VAL E O     1 
ATOM 910  C CB    . VAL B 2 108 ? -3.320  -7.273  1.980   1.00 1.00  ? 108 VAL E CB    1 
ATOM 911  C CG1   . VAL B 2 108 ? -3.615  -5.860  1.587   1.00 1.00  ? 108 VAL E CG1   1 
ATOM 912  C CG2   . VAL B 2 108 ? -4.433  -7.778  2.878   1.00 1.00  ? 108 VAL E CG2   1 
ATOM 913  N N     . ALA B 2 109 ? -1.817  -9.896  1.420   1.00 6.77  ? 109 ALA E N     1 
ATOM 914  C CA    . ALA B 2 109 ? -1.314  -11.057 2.051   1.00 6.77  ? 109 ALA E CA    1 
ATOM 915  C C     . ALA B 2 109 ? -1.325  -10.807 3.568   1.00 6.77  ? 109 ALA E C     1 
ATOM 916  O O     . ALA B 2 109 ? -0.897  -9.741  4.103   1.00 6.77  ? 109 ALA E O     1 
ATOM 917  C CB    . ALA B 2 109 ? 0.063   -11.222 1.629   1.00 6.77  ? 109 ALA E CB    1 
ATOM 918  N N     . CYS B 2 110 ? -1.835  -11.875 4.183   1.00 2.70  ? 110 CYS E N     1 
ATOM 919  C CA    . CYS B 2 110 ? -1.876  -11.980 5.613   1.00 2.70  ? 110 CYS E CA    1 
ATOM 920  C C     . CYS B 2 110 ? -1.108  -13.151 6.180   1.00 2.70  ? 110 CYS E C     1 
ATOM 921  O O     . CYS B 2 110 ? -0.888  -14.232 5.611   1.00 2.70  ? 110 CYS E O     1 
ATOM 922  C CB    . CYS B 2 110 ? -3.294  -12.097 6.112   1.00 2.70  ? 110 CYS E CB    1 
ATOM 923  S SG    . CYS B 2 110 ? -4.287  -10.699 5.600   1.00 1.95  ? 110 CYS E SG    1 
ATOM 924  N N     . GLU B 2 111 ? -0.776  -12.819 7.412   1.00 1.00  ? 111 GLU E N     1 
ATOM 925  C CA    . GLU B 2 111 ? -0.311  -13.817 8.371   1.00 1.00  ? 111 GLU E CA    1 
ATOM 926  C C     . GLU B 2 111 ? -0.182  -13.282 9.779   1.00 1.00  ? 111 GLU E C     1 
ATOM 927  O O     . GLU B 2 111 ? -0.474  -12.113 10.035  1.00 1.00  ? 111 GLU E O     1 
ATOM 928  C CB    . GLU B 2 111 ? 1.042   -14.441 7.999   1.00 1.00  ? 111 GLU E CB    1 
ATOM 929  C CG    . GLU B 2 111 ? 2.189   -13.524 8.238   1.00 12.85 ? 111 GLU E CG    1 
ATOM 930  C CD    . GLU B 2 111 ? 3.360   -13.785 7.313   1.00 12.85 ? 111 GLU E CD    1 
ATOM 931  O OE1   . GLU B 2 111 ? 3.073   -14.018 6.135   1.00 12.85 ? 111 GLU E OE1   1 
ATOM 932  O OE2   . GLU B 2 111 ? 4.521   -13.736 7.805   1.00 12.85 ? 111 GLU E OE2   1 
ATOM 933  N N     . GLY B 2 112 ? 0.030   -14.361 10.561  1.00 11.86 ? 112 GLY E N     1 
ATOM 934  C CA    . GLY B 2 112 ? 0.400   -14.387 11.959  1.00 11.86 ? 112 GLY E CA    1 
ATOM 935  C C     . GLY B 2 112 ? -0.777  -14.631 12.910  1.00 11.86 ? 112 GLY E C     1 
ATOM 936  O O     . GLY B 2 112 ? -1.872  -14.999 12.474  1.00 11.86 ? 112 GLY E O     1 
ATOM 937  N N     . ASN B 2 113 ? -0.477  -14.424 14.207  1.00 6.96  ? 113 ASN E N     1 
ATOM 938  C CA    . ASN B 2 113 ? -1.443  -14.333 15.259  1.00 6.96  ? 113 ASN E CA    1 
ATOM 939  C C     . ASN B 2 113 ? -1.164  -12.904 15.754  1.00 6.96  ? 113 ASN E C     1 
ATOM 940  O O     . ASN B 2 113 ? -0.005  -12.578 16.145  1.00 6.96  ? 113 ASN E O     1 
ATOM 941  C CB    . ASN B 2 113 ? -1.209  -15.300 16.400  1.00 6.96  ? 113 ASN E CB    1 
ATOM 942  C CG    . ASN B 2 113 ? -2.534  -15.918 16.900  1.00 4.93  ? 113 ASN E CG    1 
ATOM 943  O OD1   . ASN B 2 113 ? -2.567  -17.138 17.149  1.00 4.93  ? 113 ASN E OD1   1 
ATOM 944  N ND2   . ASN B 2 113 ? -3.671  -15.160 17.078  1.00 4.93  ? 113 ASN E ND2   1 
ATOM 945  N N     . PRO B 2 114 ? -2.168  -11.970 15.667  1.00 8.00  ? 114 PRO E N     1 
ATOM 946  C CA    . PRO B 2 114 ? -3.386  -12.107 14.877  1.00 8.00  ? 114 PRO E CA    1 
ATOM 947  C C     . PRO B 2 114 ? -3.128  -12.035 13.376  1.00 8.00  ? 114 PRO E C     1 
ATOM 948  O O     . PRO B 2 114 ? -2.068  -11.648 12.939  1.00 8.00  ? 114 PRO E O     1 
ATOM 949  C CB    . PRO B 2 114 ? -4.275  -10.984 15.396  1.00 8.00  ? 114 PRO E CB    1 
ATOM 950  C CG    . PRO B 2 114 ? -3.617  -10.507 16.672  1.00 8.00  ? 114 PRO E CG    1 
ATOM 951  C CD    . PRO B 2 114 ? -2.174  -10.657 16.340  1.00 8.00  ? 114 PRO E CD    1 
ATOM 952  N N     . TYR B 2 115 ? -4.127  -12.432 12.601  1.00 1.00  ? 115 TYR E N     1 
ATOM 953  C CA    . TYR B 2 115 ? -4.088  -12.399 11.146  1.00 1.00  ? 115 TYR E CA    1 
ATOM 954  C C     . TYR B 2 115 ? -4.408  -10.937 10.846  1.00 1.00  ? 115 TYR E C     1 
ATOM 955  O O     . TYR B 2 115 ? -5.336  -10.321 11.434  1.00 1.00  ? 115 TYR E O     1 
ATOM 956  C CB    . TYR B 2 115 ? -5.141  -13.242 10.622  1.00 1.00  ? 115 TYR E CB    1 
ATOM 957  C CG    . TYR B 2 115 ? -4.838  -13.887 9.303   1.00 1.00  ? 115 TYR E CG    1 
ATOM 958  C CD1   . TYR B 2 115 ? -3.666  -14.581 9.118   1.00 1.00  ? 115 TYR E CD1   1 
ATOM 959  C CD2   . TYR B 2 115 ? -5.821  -13.857 8.319   1.00 1.00  ? 115 TYR E CD2   1 
ATOM 960  C CE1   . TYR B 2 115 ? -3.495  -15.264 7.941   1.00 1.00  ? 115 TYR E CE1   1 
ATOM 961  C CE2   . TYR B 2 115 ? -5.639  -14.537 7.130   1.00 1.00  ? 115 TYR E CE2   1 
ATOM 962  C CZ    . TYR B 2 115 ? -4.466  -15.247 6.960   1.00 1.00  ? 115 TYR E CZ    1 
ATOM 963  O OH    . TYR B 2 115 ? -4.244  -15.900 5.805   1.00 1.00  ? 115 TYR E OH    1 
ATOM 964  N N     . VAL B 2 116 ? -3.407  -10.491 10.043  1.00 7.08  ? 116 VAL E N     1 
ATOM 965  C CA    . VAL B 2 116 ? -3.299  -9.106  9.619   1.00 7.08  ? 116 VAL E CA    1 
ATOM 966  C C     . VAL B 2 116 ? -2.562  -8.964  8.247   1.00 7.08  ? 116 VAL E C     1 
ATOM 967  O O     . VAL B 2 116 ? -1.999  -9.932  7.730   1.00 7.08  ? 116 VAL E O     1 
ATOM 968  C CB    . VAL B 2 116 ? -2.544  -8.177  10.710  1.00 7.08  ? 116 VAL E CB    1 
ATOM 969  C CG1   . VAL B 2 116 ? -3.298  -7.959  12.003  1.00 4.59  ? 116 VAL E CG1   1 
ATOM 970  C CG2   . VAL B 2 116 ? -1.257  -8.838  11.032  1.00 4.59  ? 116 VAL E CG2   1 
ATOM 971  N N     . PRO B 2 117 ? -2.562  -7.798  7.594   1.00 1.38  ? 117 PRO E N     1 
ATOM 972  C CA    . PRO B 2 117 ? -1.733  -7.593  6.444   1.00 1.38  ? 117 PRO E CA    1 
ATOM 973  C C     . PRO B 2 117 ? -0.254  -7.329  6.775   1.00 1.38  ? 117 PRO E C     1 
ATOM 974  O O     . PRO B 2 117 ? 0.052   -6.455  7.586   1.00 1.38  ? 117 PRO E O     1 
ATOM 975  C CB    . PRO B 2 117 ? -2.426  -6.416  5.692   1.00 1.38  ? 117 PRO E CB    1 
ATOM 976  C CG    . PRO B 2 117 ? -3.762  -6.123  6.435   1.00 1.38  ? 117 PRO E CG    1 
ATOM 977  C CD    . PRO B 2 117 ? -3.458  -6.637  7.846   1.00 1.38  ? 117 PRO E CD    1 
ATOM 978  N N     . VAL B 2 118 ? 0.626   -8.106  6.139   1.00 1.00  ? 118 VAL E N     1 
ATOM 979  C CA    . VAL B 2 118 ? 2.083   -7.903  6.082   1.00 1.00  ? 118 VAL E CA    1 
ATOM 980  C C     . VAL B 2 118 ? 2.523   -7.445  4.664   1.00 1.00  ? 118 VAL E C     1 
ATOM 981  O O     . VAL B 2 118 ? 3.556   -6.782  4.568   1.00 1.00  ? 118 VAL E O     1 
ATOM 982  C CB    . VAL B 2 118 ? 2.901   -9.207  6.405   1.00 1.00  ? 118 VAL E CB    1 
ATOM 983  C CG1   . VAL B 2 118 ? 2.949   -9.267  7.911   1.00 1.00  ? 118 VAL E CG1   1 
ATOM 984  C CG2   . VAL B 2 118 ? 2.318   -10.511 5.764   1.00 1.00  ? 118 VAL E CG2   1 
ATOM 985  N N     . HIS B 2 119 ? 1.785   -7.825  3.578   1.00 1.00  ? 119 HIS E N     1 
ATOM 986  C CA    . HIS B 2 119 ? 2.095   -7.592  2.194   1.00 1.00  ? 119 HIS E CA    1 
ATOM 987  C C     . HIS B 2 119 ? 0.973   -6.965  1.345   1.00 1.00  ? 119 HIS E C     1 
ATOM 988  O O     . HIS B 2 119 ? -0.088  -7.554  1.218   1.00 1.00  ? 119 HIS E O     1 
ATOM 989  C CB    . HIS B 2 119 ? 2.494   -8.883  1.553   1.00 1.00  ? 119 HIS E CB    1 
ATOM 990  C CG    . HIS B 2 119 ? 2.653   -8.948  -0.008  1.00 3.53  ? 119 HIS E CG    1 
ATOM 991  N ND1   . HIS B 2 119 ? 3.576   -8.458  -0.847  1.00 3.53  ? 119 HIS E ND1   1 
ATOM 992  C CD2   . HIS B 2 119 ? 1.868   -9.732  -0.860  1.00 3.53  ? 119 HIS E CD2   1 
ATOM 993  C CE1   . HIS B 2 119 ? 3.409   -8.893  -2.073  1.00 3.53  ? 119 HIS E CE1   1 
ATOM 994  N NE2   . HIS B 2 119 ? 2.379   -9.663  -2.063  1.00 3.53  ? 119 HIS E NE2   1 
ATOM 995  N N     . PHE B 2 120 ? 1.153   -5.836  0.674   1.00 1.00  ? 120 PHE E N     1 
ATOM 996  C CA    . PHE B 2 120 ? 0.171   -5.261  -0.219  1.00 1.00  ? 120 PHE E CA    1 
ATOM 997  C C     . PHE B 2 120 ? 0.523   -5.968  -1.519  1.00 1.00  ? 120 PHE E C     1 
ATOM 998  O O     . PHE B 2 120 ? 1.659   -5.940  -1.980  1.00 1.00  ? 120 PHE E O     1 
ATOM 999  C CB    . PHE B 2 120 ? 0.415   -3.804  -0.346  1.00 1.00  ? 120 PHE E CB    1 
ATOM 1000 C CG    . PHE B 2 120 ? -0.707  -3.130  -0.986  1.00 1.00  ? 120 PHE E CG    1 
ATOM 1001 C CD1   . PHE B 2 120 ? -1.789  -2.824  -0.232  1.00 1.00  ? 120 PHE E CD1   1 
ATOM 1002 C CD2   . PHE B 2 120 ? -0.686  -2.915  -2.325  1.00 1.00  ? 120 PHE E CD2   1 
ATOM 1003 C CE1   . PHE B 2 120 ? -2.882  -2.304  -0.856  1.00 1.00  ? 120 PHE E CE1   1 
ATOM 1004 C CE2   . PHE B 2 120 ? -1.805  -2.390  -2.916  1.00 1.00  ? 120 PHE E CE2   1 
ATOM 1005 C CZ    . PHE B 2 120 ? -2.903  -2.084  -2.196  1.00 1.00  ? 120 PHE E CZ    1 
ATOM 1006 N N     . ASP B 2 121 ? -0.456  -6.648  -2.087  1.00 7.27  ? 121 ASP E N     1 
ATOM 1007 C CA    . ASP B 2 121 ? -0.115  -7.514  -3.171  1.00 7.27  ? 121 ASP E CA    1 
ATOM 1008 C C     . ASP B 2 121 ? -0.443  -6.944  -4.558  1.00 7.27  ? 121 ASP E C     1 
ATOM 1009 O O     . ASP B 2 121 ? 0.486   -6.868  -5.378  1.00 7.27  ? 121 ASP E O     1 
ATOM 1010 C CB    . ASP B 2 121 ? -0.800  -8.879  -2.863  1.00 7.27  ? 121 ASP E CB    1 
ATOM 1011 C CG    . ASP B 2 121 ? -0.365  -10.020 -3.818  1.00 1.00  ? 121 ASP E CG    1 
ATOM 1012 O OD1   . ASP B 2 121 ? 0.831   -10.190 -4.076  1.00 1.00  ? 121 ASP E OD1   1 
ATOM 1013 O OD2   . ASP B 2 121 ? -1.231  -10.719 -4.343  1.00 1.00  ? 121 ASP E OD2   1 
ATOM 1014 N N     . ALA B 2 122 ? -1.719  -6.526  -4.740  1.00 1.25  ? 122 ALA E N     1 
ATOM 1015 C CA    . ALA B 2 122 ? -2.314  -5.964  -5.947  1.00 1.25  ? 122 ALA E CA    1 
ATOM 1016 C C     . ALA B 2 122 ? -3.576  -5.150  -5.636  1.00 1.25  ? 122 ALA E C     1 
ATOM 1017 O O     . ALA B 2 122 ? -3.981  -5.113  -4.481  1.00 1.25  ? 122 ALA E O     1 
ATOM 1018 C CB    . ALA B 2 122 ? -2.679  -7.097  -6.891  1.00 1.25  ? 122 ALA E CB    1 
ATOM 1019 N N     . SER B 2 123 ? -4.190  -4.479  -6.612  1.00 1.00  ? 123 SER E N     1 
ATOM 1020 C CA    . SER B 2 123 ? -5.488  -3.791  -6.554  1.00 1.00  ? 123 SER E CA    1 
ATOM 1021 C C     . SER B 2 123 ? -6.260  -4.228  -7.805  1.00 1.00  ? 123 SER E C     1 
ATOM 1022 O O     . SER B 2 123 ? -5.581  -4.614  -8.755  1.00 1.00  ? 123 SER E O     1 
ATOM 1023 C CB    . SER B 2 123 ? -5.336  -2.236  -6.587  1.00 1.00  ? 123 SER E CB    1 
ATOM 1024 O OG    . SER B 2 123 ? -4.344  -1.728  -7.499  1.00 1.00  ? 123 SER E OG    1 
ATOM 1025 N N     . VAL B 2 124 ? -7.588  -4.232  -7.895  1.00 1.22  ? 124 VAL E N     1 
ATOM 1026 C CA    . VAL B 2 124 ? -8.338  -4.506  -9.136  1.00 1.22  ? 124 VAL E CA    1 
ATOM 1027 C C     . VAL B 2 124 ? -9.569  -3.567  -9.276  1.00 1.22  ? 124 VAL E C     1 
ATOM 1028 O O     . VAL B 2 124 ? -9.867  -3.138  -10.400 1.00 1.22  ? 124 VAL E O     1 
ATOM 1029 C CB    . VAL B 2 124 ? -8.729  -6.000  -9.152  1.00 1.22  ? 124 VAL E CB    1 
ATOM 1030 C CG1   . VAL B 2 124 ? -10.202 -6.273  -8.987  1.00 1.00  ? 124 VAL E CG1   1 
ATOM 1031 C CG2   . VAL B 2 124 ? -8.157  -6.530  -10.457 1.00 1.00  ? 124 VAL E CG2   1 
# 
